data_8FG8
#
_entry.id   8FG8
#
_cell.length_a   150.455
_cell.length_b   150.455
_cell.length_c   304.948
_cell.angle_alpha   90.00
_cell.angle_beta   90.00
_cell.angle_gamma   90.00
#
_symmetry.space_group_name_H-M   'P 43 2 2'
#
loop_
_entity.id
_entity.type
_entity.pdbx_description
1 polymer Glucosyltransferase-I
2 non-polymer 'CALCIUM ION'
3 non-polymer (2Z)-2-[(2,4,5-trihydroxyphenyl)methylidene]-1-benzofuran-3(2H)-one
4 non-polymer 2-[BIS-(2-HYDROXY-ETHYL)-AMINO]-2-HYDROXYMETHYL-PROPANE-1,3-DIOL
5 non-polymer 'SULFATE ION'
6 water water
#
_entity_poly.entity_id   1
_entity_poly.type   'polypeptide(L)'
_entity_poly.pdbx_seq_one_letter_code
;LHFDETGAYTDTSIDTVNKDIVTTRSNLYKKYNQVYDRSAQSFEHVDHYLTAESWYRPKYILKDGKTWTQSTEKDFRPLL
MTWWPSQETQRQYVNYMNAQLGINKTYDDTSNQLQLNIAAATIQAKIEAKITTLKNTDWLRQTISAFVKTQSAWNSDSEK
PFDDHLQNGAVLYDNEGKLTPYANSNYRILNRTPTNQTGKKDPRYTADNTIGGYEFLLANDVDNSNPVVQAEQLNWLHFL
MNFGNIYANDPDANFDSIRVDAVDNVDADLLQIAGDYLKAAKGIHKNDKAANDHLSILEAWSDNDTPYLHDDGDNMINMD
NKLRLSLLFSLAKPLNQRSGMNPLITNSLVNRTDDNAETAAVPSYSFIRAHDSEVQDLIRDIIKAEINPNVVGYSFTMEE
IKKAFEIYNKDLLATEKKYTHYNTALSYALLLTNKSSVPRVYYGDMFTDDGQYMAHKTINYEAIETLLKARIKYVSGGQA
MRNQQVGNSEIITSVRYGKGALKATDTGDRTTRTSGVAVIEGNNPSLRLKASDRVVVNMGAAHKNQAYRPLLLTTDNGIK
AYHSDQEAAGLVRYTNDRGELIFTAADIKGYANPQVSGYLGVWVPVGAAADQDVRVAASTAPSTDGKSVHQNAALDSRVM
FEGFSNFQAFATKKEEYTNVVIAKNVDKFAEWGVTDFEMAPQYVSSTDGSFLDSVIQNGYAFTDRYDLGISKPNKYGTAD
DLVKAIKALHSKGIKVMADWVPDQMYAFPEKEVVTATRVDKFGKPVEGSQIKSVLYVADSKSSGKDQQAKYGGAFLEELQ
AKYPELFARKQISTGVPMDPSVKIKQWSAKYFNGTNILGRGAGYVLKDQATNTYFNISDNKLEHHHHHH
;
_entity_poly.pdbx_strand_id   A,B
#
loop_
_chem_comp.id
_chem_comp.type
_chem_comp.name
_chem_comp.formula
BTB non-polymer 2-[BIS-(2-HYDROXY-ETHYL)-AMINO]-2-HYDROXYMETHYL-PROPANE-1,3-DIOL 'C8 H19 N O5'
CA non-polymer 'CALCIUM ION' 'Ca 2'
SO4 non-polymer 'SULFATE ION' 'O4 S -2'
XV5 non-polymer (2Z)-2-[(2,4,5-trihydroxyphenyl)methylidene]-1-benzofuran-3(2H)-one 'C15 H10 O5'
#
# COMPACT_ATOMS: atom_id res chain seq x y z
N THR A 23 -25.30 -5.08 -10.20
CA THR A 23 -23.82 -4.81 -10.26
C THR A 23 -23.03 -6.04 -9.80
N THR A 24 -22.94 -6.28 -8.48
CA THR A 24 -22.18 -7.41 -7.89
C THR A 24 -22.82 -8.72 -8.38
N ARG A 25 -22.12 -9.44 -9.24
CA ARG A 25 -22.64 -10.61 -10.00
C ARG A 25 -22.67 -11.84 -9.09
N SER A 26 -23.24 -12.94 -9.57
CA SER A 26 -23.25 -14.27 -8.93
C SER A 26 -21.83 -14.86 -8.96
N ASN A 27 -20.84 -14.10 -8.46
CA ASN A 27 -19.38 -14.38 -8.53
C ASN A 27 -18.70 -13.85 -7.26
N LEU A 28 -19.06 -14.38 -6.08
CA LEU A 28 -18.60 -13.93 -4.73
C LEU A 28 -19.61 -14.41 -3.66
N TYR A 29 -19.41 -13.97 -2.41
CA TYR A 29 -20.42 -13.91 -1.31
C TYR A 29 -21.49 -12.83 -1.60
N LYS A 30 -22.33 -12.99 -2.63
CA LYS A 30 -23.49 -12.08 -2.87
C LYS A 30 -24.45 -12.23 -1.67
N LYS A 31 -25.50 -11.41 -1.59
CA LYS A 31 -26.47 -11.40 -0.45
C LYS A 31 -25.82 -10.70 0.74
N TYR A 32 -24.47 -10.73 0.83
CA TYR A 32 -23.67 -10.01 1.84
C TYR A 32 -22.98 -8.79 1.19
N ASN A 33 -22.32 -9.01 0.05
CA ASN A 33 -21.42 -7.99 -0.58
C ASN A 33 -22.22 -7.13 -1.57
N GLN A 34 -23.48 -7.49 -1.85
CA GLN A 34 -24.40 -6.68 -2.69
C GLN A 34 -24.55 -5.29 -2.07
N VAL A 35 -24.90 -4.29 -2.89
CA VAL A 35 -25.05 -2.85 -2.52
C VAL A 35 -26.32 -2.69 -1.67
N TYR A 36 -26.26 -1.86 -0.61
CA TYR A 36 -27.31 -1.69 0.43
C TYR A 36 -28.68 -1.49 -0.23
N ASP A 37 -28.84 -0.48 -1.08
CA ASP A 37 -30.09 -0.18 -1.82
C ASP A 37 -29.76 0.35 -3.22
N ARG A 38 -30.77 0.59 -4.06
CA ARG A 38 -30.62 1.10 -5.46
C ARG A 38 -30.36 2.62 -5.44
N SER A 39 -30.21 3.18 -4.24
CA SER A 39 -30.01 4.64 -4.00
C SER A 39 -28.59 5.10 -4.40
N ALA A 40 -28.41 6.42 -4.44
CA ALA A 40 -27.14 7.06 -4.83
C ALA A 40 -26.28 7.39 -3.60
N GLN A 41 -26.85 7.44 -2.39
CA GLN A 41 -26.11 7.67 -1.12
C GLN A 41 -25.35 6.40 -0.69
N SER A 42 -25.47 5.31 -1.45
CA SER A 42 -24.79 4.01 -1.22
C SER A 42 -23.55 3.88 -2.12
N PHE A 43 -23.43 4.72 -3.15
CA PHE A 43 -22.28 4.75 -4.09
C PHE A 43 -21.52 6.07 -3.96
N GLU A 44 -20.18 6.03 -4.02
CA GLU A 44 -19.31 7.19 -4.34
C GLU A 44 -19.27 7.32 -5.86
N HIS A 45 -20.10 8.22 -6.40
CA HIS A 45 -20.34 8.40 -7.85
C HIS A 45 -19.83 9.79 -8.27
N VAL A 46 -19.64 9.98 -9.56
CA VAL A 46 -19.35 11.29 -10.20
C VAL A 46 -20.38 11.48 -11.32
N ASP A 47 -21.32 12.40 -11.12
CA ASP A 47 -22.43 12.72 -12.06
C ASP A 47 -23.17 11.40 -12.38
N HIS A 48 -23.34 10.56 -11.35
CA HIS A 48 -24.10 9.28 -11.35
C HIS A 48 -23.38 8.17 -12.14
N TYR A 49 -22.08 8.34 -12.44
CA TYR A 49 -21.22 7.30 -13.04
C TYR A 49 -20.29 6.76 -11.95
N LEU A 50 -19.66 5.62 -12.22
CA LEU A 50 -18.74 4.94 -11.26
C LEU A 50 -17.32 4.89 -11.87
N THR A 51 -16.32 5.03 -10.99
CA THR A 51 -14.88 4.99 -11.35
C THR A 51 -14.21 3.82 -10.63
N ALA A 52 -13.10 3.33 -11.19
CA ALA A 52 -12.28 2.23 -10.63
C ALA A 52 -11.93 2.51 -9.15
N GLU A 53 -11.90 3.77 -8.72
CA GLU A 53 -11.61 4.15 -7.31
C GLU A 53 -12.90 4.42 -6.53
N SER A 54 -14.08 4.15 -7.11
CA SER A 54 -15.38 4.29 -6.41
C SER A 54 -15.44 3.26 -5.28
N TRP A 55 -15.85 3.73 -4.09
CA TRP A 55 -16.23 2.89 -2.93
C TRP A 55 -17.75 2.87 -2.82
N TYR A 56 -18.30 1.86 -2.14
CA TYR A 56 -19.76 1.63 -1.99
C TYR A 56 -20.03 1.07 -0.60
N ARG A 57 -21.30 1.09 -0.19
CA ARG A 57 -21.80 0.55 1.09
C ARG A 57 -22.52 -0.78 0.80
N PRO A 58 -21.96 -1.92 1.24
CA PRO A 58 -22.63 -3.22 1.09
C PRO A 58 -23.64 -3.50 2.21
N LYS A 59 -24.67 -4.31 1.93
CA LYS A 59 -25.76 -4.71 2.87
C LYS A 59 -25.16 -5.20 4.21
N TYR A 60 -24.15 -6.07 4.14
CA TYR A 60 -23.39 -6.59 5.31
C TYR A 60 -21.90 -6.38 5.07
N ILE A 61 -21.18 -6.00 6.12
CA ILE A 61 -19.69 -6.08 6.20
C ILE A 61 -19.35 -7.34 7.02
N LEU A 62 -18.06 -7.72 7.04
CA LEU A 62 -17.52 -8.94 7.69
C LEU A 62 -16.46 -8.54 8.72
N LYS A 63 -16.87 -8.16 9.94
CA LYS A 63 -15.99 -7.58 10.99
C LYS A 63 -14.85 -8.52 11.36
N ASP A 64 -13.61 -8.23 10.94
CA ASP A 64 -12.50 -9.22 10.80
C ASP A 64 -12.96 -10.32 9.82
N GLY A 65 -12.24 -11.44 9.70
CA GLY A 65 -12.67 -12.60 8.90
C GLY A 65 -13.76 -13.39 9.61
N LYS A 66 -14.49 -12.78 10.54
CA LYS A 66 -15.29 -13.48 11.58
C LYS A 66 -16.78 -13.38 11.26
N THR A 67 -17.45 -12.29 11.68
CA THR A 67 -18.93 -12.22 11.82
C THR A 67 -19.52 -11.26 10.79
N TRP A 68 -20.41 -11.74 9.93
CA TRP A 68 -21.28 -10.91 9.04
C TRP A 68 -22.21 -10.05 9.89
N THR A 69 -22.07 -8.72 9.84
CA THR A 69 -22.94 -7.73 10.54
C THR A 69 -23.59 -6.81 9.49
N GLN A 70 -24.80 -6.30 9.80
CA GLN A 70 -25.49 -5.23 9.04
C GLN A 70 -24.63 -3.97 9.07
N SER A 71 -24.31 -3.41 7.90
CA SER A 71 -23.40 -2.25 7.71
C SER A 71 -24.08 -0.95 8.17
N THR A 72 -23.31 -0.01 8.75
CA THR A 72 -23.79 1.36 9.07
C THR A 72 -23.66 2.24 7.82
N GLU A 73 -23.86 3.55 7.97
CA GLU A 73 -23.76 4.57 6.90
C GLU A 73 -22.29 4.94 6.68
N LYS A 74 -21.40 4.53 7.60
CA LYS A 74 -19.95 4.89 7.61
C LYS A 74 -19.10 3.68 7.19
N ASP A 75 -19.70 2.66 6.56
CA ASP A 75 -19.05 1.34 6.28
C ASP A 75 -18.88 1.14 4.76
N PHE A 76 -18.30 2.12 4.09
CA PHE A 76 -18.03 2.08 2.63
C PHE A 76 -16.79 1.20 2.39
N ARG A 77 -16.78 0.44 1.30
CA ARG A 77 -15.68 -0.49 0.92
C ARG A 77 -15.42 -0.39 -0.58
N PRO A 78 -14.16 -0.53 -1.02
CA PRO A 78 -13.82 -0.52 -2.44
C PRO A 78 -14.69 -1.47 -3.28
N LEU A 79 -15.30 -0.95 -4.34
CA LEU A 79 -16.03 -1.73 -5.36
C LEU A 79 -15.12 -2.85 -5.87
N LEU A 80 -13.81 -2.59 -5.99
CA LEU A 80 -12.82 -3.53 -6.56
C LEU A 80 -12.54 -4.69 -5.58
N MET A 81 -13.01 -4.60 -4.33
CA MET A 81 -12.98 -5.70 -3.34
C MET A 81 -13.89 -6.86 -3.78
N THR A 82 -14.96 -6.57 -4.52
CA THR A 82 -16.12 -7.48 -4.78
C THR A 82 -16.59 -7.48 -6.24
N TRP A 83 -16.07 -6.61 -7.11
CA TRP A 83 -16.46 -6.51 -8.55
C TRP A 83 -15.22 -6.21 -9.39
N TRP A 84 -15.22 -6.62 -10.67
CA TRP A 84 -14.11 -6.40 -11.63
C TRP A 84 -14.64 -6.25 -13.05
N PRO A 85 -14.04 -5.37 -13.89
CA PRO A 85 -14.53 -5.11 -15.24
C PRO A 85 -14.40 -6.32 -16.17
N SER A 86 -13.25 -7.01 -16.11
CA SER A 86 -13.00 -8.34 -16.74
C SER A 86 -12.42 -9.29 -15.68
N GLN A 87 -12.15 -10.55 -16.02
CA GLN A 87 -11.54 -11.59 -15.14
C GLN A 87 -10.03 -11.37 -15.06
N GLU A 88 -9.44 -11.04 -16.21
CA GLU A 88 -8.02 -10.62 -16.35
C GLU A 88 -7.67 -9.66 -15.21
N THR A 89 -8.54 -8.69 -14.94
CA THR A 89 -8.35 -7.58 -13.96
C THR A 89 -8.48 -8.15 -12.55
N GLN A 90 -9.41 -9.10 -12.37
CA GLN A 90 -9.62 -9.79 -11.06
C GLN A 90 -8.33 -10.52 -10.68
N ARG A 91 -7.72 -11.22 -11.65
CA ARG A 91 -6.42 -11.92 -11.47
C ARG A 91 -5.37 -10.90 -11.02
N GLN A 92 -5.26 -9.79 -11.76
CA GLN A 92 -4.30 -8.68 -11.50
C GLN A 92 -4.50 -8.18 -10.07
N TYR A 93 -5.77 -8.03 -9.67
CA TYR A 93 -6.19 -7.52 -8.34
C TYR A 93 -5.76 -8.50 -7.23
N VAL A 94 -5.94 -9.81 -7.47
CA VAL A 94 -5.60 -10.89 -6.50
C VAL A 94 -4.07 -10.93 -6.31
N ASN A 95 -3.32 -11.04 -7.41
CA ASN A 95 -1.85 -11.07 -7.41
C ASN A 95 -1.34 -9.85 -6.63
N TYR A 96 -1.88 -8.66 -6.92
CA TYR A 96 -1.42 -7.38 -6.33
C TYR A 96 -1.74 -7.38 -4.82
N MET A 97 -2.97 -7.69 -4.45
CA MET A 97 -3.47 -7.56 -3.04
C MET A 97 -2.94 -8.71 -2.16
N ASN A 98 -2.60 -9.85 -2.74
CA ASN A 98 -1.88 -10.95 -2.03
C ASN A 98 -0.49 -10.45 -1.63
N ALA A 99 0.27 -9.91 -2.58
CA ALA A 99 1.64 -9.38 -2.38
C ALA A 99 1.63 -8.25 -1.33
N GLN A 100 0.55 -7.48 -1.24
CA GLN A 100 0.41 -6.35 -0.29
C GLN A 100 0.13 -6.85 1.12
N LEU A 101 -0.64 -7.93 1.27
CA LEU A 101 -1.16 -8.43 2.57
C LEU A 101 -0.36 -9.66 3.05
N GLY A 102 0.73 -10.04 2.36
CA GLY A 102 1.65 -11.11 2.78
C GLY A 102 1.09 -12.51 2.53
N ILE A 103 0.66 -12.78 1.29
CA ILE A 103 0.15 -14.10 0.82
C ILE A 103 0.92 -14.50 -0.43
N ASN A 104 2.09 -15.15 -0.32
CA ASN A 104 2.92 -15.49 -1.51
C ASN A 104 2.28 -16.67 -2.24
N LYS A 105 1.08 -16.44 -2.78
CA LYS A 105 0.36 -17.31 -3.75
C LYS A 105 0.06 -16.45 -5.00
N THR A 106 0.61 -16.83 -6.17
CA THR A 106 0.35 -16.19 -7.49
C THR A 106 -0.57 -17.09 -8.31
N TYR A 107 -1.43 -16.49 -9.13
CA TYR A 107 -2.34 -17.15 -10.10
C TYR A 107 -1.89 -16.73 -11.50
N ASP A 108 -1.98 -17.62 -12.50
CA ASP A 108 -1.39 -17.39 -13.85
C ASP A 108 -2.49 -17.44 -14.91
N ASP A 109 -2.10 -17.35 -16.18
CA ASP A 109 -2.95 -17.30 -17.40
C ASP A 109 -4.16 -18.24 -17.27
N THR A 110 -3.93 -19.50 -16.88
CA THR A 110 -5.00 -20.51 -16.61
C THR A 110 -5.42 -20.38 -15.15
N SER A 111 -6.73 -20.33 -14.88
CA SER A 111 -7.30 -19.94 -13.57
C SER A 111 -8.80 -19.74 -13.77
N ASN A 112 -9.61 -20.64 -13.23
CA ASN A 112 -11.09 -20.62 -13.33
C ASN A 112 -11.62 -19.45 -12.46
N GLN A 113 -12.90 -19.11 -12.67
CA GLN A 113 -13.63 -18.07 -11.89
C GLN A 113 -13.68 -18.46 -10.41
N LEU A 114 -13.84 -19.76 -10.11
CA LEU A 114 -14.00 -20.30 -8.73
C LEU A 114 -12.72 -20.06 -7.92
N GLN A 115 -11.55 -20.24 -8.53
CA GLN A 115 -10.22 -20.06 -7.88
C GLN A 115 -10.05 -18.59 -7.46
N LEU A 116 -10.33 -17.67 -8.40
CA LEU A 116 -10.11 -16.21 -8.22
C LEU A 116 -11.16 -15.66 -7.24
N ASN A 117 -12.38 -16.19 -7.21
CA ASN A 117 -13.44 -15.77 -6.25
C ASN A 117 -13.06 -16.19 -4.83
N ILE A 118 -12.39 -17.35 -4.72
CA ILE A 118 -11.84 -17.91 -3.45
C ILE A 118 -10.66 -17.01 -3.03
N ALA A 119 -9.77 -16.67 -3.96
CA ALA A 119 -8.66 -15.73 -3.74
C ALA A 119 -9.21 -14.37 -3.25
N ALA A 120 -10.32 -13.89 -3.83
CA ALA A 120 -10.94 -12.57 -3.58
C ALA A 120 -11.51 -12.51 -2.17
N ALA A 121 -12.34 -13.50 -1.81
CA ALA A 121 -12.57 -13.87 -0.40
C ALA A 121 -11.18 -14.31 0.08
N THR A 122 -10.89 -14.30 1.37
CA THR A 122 -9.49 -14.41 1.87
C THR A 122 -8.94 -12.99 1.86
N ILE A 123 -8.71 -12.38 0.69
CA ILE A 123 -8.26 -10.96 0.62
C ILE A 123 -9.30 -10.12 1.37
N GLN A 124 -10.57 -10.30 1.01
CA GLN A 124 -11.72 -9.61 1.65
C GLN A 124 -11.58 -9.75 3.17
N ALA A 125 -11.37 -10.97 3.65
CA ALA A 125 -11.34 -11.30 5.10
C ALA A 125 -10.16 -10.59 5.78
N LYS A 126 -8.99 -10.62 5.16
CA LYS A 126 -7.74 -10.02 5.73
C LYS A 126 -7.81 -8.50 5.66
N ILE A 127 -8.41 -7.93 4.61
CA ILE A 127 -8.70 -6.48 4.51
C ILE A 127 -9.46 -6.06 5.79
N GLU A 128 -10.59 -6.70 6.07
CA GLU A 128 -11.47 -6.38 7.23
C GLU A 128 -10.72 -6.54 8.56
N ALA A 129 -9.80 -7.51 8.63
CA ALA A 129 -8.98 -7.82 9.83
C ALA A 129 -8.07 -6.62 10.12
N LYS A 130 -7.35 -6.15 9.10
CA LYS A 130 -6.42 -5.00 9.17
C LYS A 130 -7.21 -3.72 9.50
N ILE A 131 -8.41 -3.55 8.92
CA ILE A 131 -9.34 -2.41 9.20
C ILE A 131 -9.62 -2.36 10.70
N THR A 132 -9.91 -3.50 11.33
CA THR A 132 -10.27 -3.60 12.77
C THR A 132 -9.01 -3.41 13.63
N THR A 133 -7.86 -3.92 13.17
CA THR A 133 -6.53 -3.80 13.85
C THR A 133 -6.19 -2.31 13.99
N LEU A 134 -6.24 -1.55 12.89
CA LEU A 134 -5.78 -0.13 12.80
C LEU A 134 -6.94 0.83 13.10
N LYS A 135 -8.19 0.42 12.84
CA LYS A 135 -9.43 1.20 13.07
C LYS A 135 -9.42 2.43 12.14
N ASN A 136 -9.00 2.25 10.89
CA ASN A 136 -9.08 3.24 9.80
C ASN A 136 -9.12 2.49 8.46
N THR A 137 -9.53 3.16 7.38
CA THR A 137 -9.55 2.62 6.00
C THR A 137 -8.54 3.37 5.12
N ASP A 138 -7.80 4.34 5.69
CA ASP A 138 -6.85 5.25 4.99
C ASP A 138 -5.84 4.42 4.18
N TRP A 139 -5.23 3.42 4.83
CA TRP A 139 -4.24 2.48 4.23
C TRP A 139 -4.82 1.79 2.99
N LEU A 140 -6.14 1.52 2.96
CA LEU A 140 -6.81 0.74 1.88
C LEU A 140 -7.14 1.68 0.70
N ARG A 141 -7.50 2.94 0.98
CA ARG A 141 -7.66 4.01 -0.05
C ARG A 141 -6.40 4.03 -0.93
N GLN A 142 -5.21 4.11 -0.30
CA GLN A 142 -3.88 4.16 -0.97
C GLN A 142 -3.65 2.90 -1.82
N THR A 143 -3.84 1.73 -1.22
CA THR A 143 -3.54 0.40 -1.80
C THR A 143 -4.39 0.20 -3.05
N ILE A 144 -5.68 0.53 -2.98
CA ILE A 144 -6.63 0.38 -4.14
C ILE A 144 -6.20 1.35 -5.25
N SER A 145 -5.89 2.60 -4.89
CA SER A 145 -5.39 3.66 -5.80
C SER A 145 -4.12 3.15 -6.52
N ALA A 146 -3.12 2.76 -5.74
CA ALA A 146 -1.83 2.24 -6.26
C ALA A 146 -2.09 1.07 -7.23
N PHE A 147 -3.02 0.17 -6.89
CA PHE A 147 -3.37 -1.01 -7.74
C PHE A 147 -3.97 -0.51 -9.05
N VAL A 148 -4.98 0.37 -8.96
CA VAL A 148 -5.71 0.94 -10.13
C VAL A 148 -4.70 1.52 -11.13
N LYS A 149 -3.66 2.21 -10.64
CA LYS A 149 -2.68 2.94 -11.49
C LYS A 149 -1.74 1.97 -12.20
N THR A 150 -1.76 0.66 -11.88
CA THR A 150 -0.94 -0.38 -12.56
C THR A 150 -1.60 -0.84 -13.88
N GLN A 151 -2.87 -0.50 -14.12
CA GLN A 151 -3.66 -1.03 -15.27
C GLN A 151 -3.71 0.00 -16.41
N SER A 152 -3.36 -0.41 -17.63
CA SER A 152 -3.15 0.50 -18.79
C SER A 152 -4.39 1.39 -19.01
N ALA A 153 -5.58 0.83 -18.87
CA ALA A 153 -6.86 1.53 -19.12
C ALA A 153 -7.13 2.56 -18.01
N TRP A 154 -6.36 2.55 -16.92
CA TRP A 154 -6.52 3.47 -15.77
C TRP A 154 -5.23 4.25 -15.47
N ASN A 155 -4.34 4.43 -16.46
CA ASN A 155 -3.08 5.22 -16.27
C ASN A 155 -2.62 5.82 -17.61
N SER A 156 -1.43 6.45 -17.60
CA SER A 156 -0.87 7.27 -18.71
C SER A 156 -0.86 6.50 -20.03
N ASP A 157 -0.68 5.17 -19.99
CA ASP A 157 -0.42 4.31 -21.18
C ASP A 157 -1.55 4.47 -22.22
N SER A 158 -2.80 4.67 -21.78
CA SER A 158 -3.97 4.83 -22.69
C SER A 158 -4.13 6.30 -23.12
N GLU A 159 -3.34 7.21 -22.53
CA GLU A 159 -3.33 8.67 -22.85
C GLU A 159 -2.17 8.98 -23.81
N LYS A 160 -1.22 8.06 -24.00
CA LYS A 160 -0.07 8.20 -24.94
C LYS A 160 -0.59 8.07 -26.37
N PRO A 161 0.17 8.51 -27.40
CA PRO A 161 1.50 9.11 -27.23
C PRO A 161 1.44 10.56 -26.74
N PHE A 162 2.45 10.97 -25.99
CA PHE A 162 2.64 12.36 -25.49
C PHE A 162 2.89 13.30 -26.67
N ASP A 163 2.68 14.60 -26.46
CA ASP A 163 2.89 15.69 -27.46
C ASP A 163 3.55 16.89 -26.76
N ASP A 164 3.80 17.98 -27.51
CA ASP A 164 4.69 19.09 -27.07
C ASP A 164 3.94 20.09 -26.16
N HIS A 165 2.66 19.84 -25.82
CA HIS A 165 1.98 20.43 -24.63
C HIS A 165 2.97 20.44 -23.46
N LEU A 166 2.98 21.48 -22.63
CA LEU A 166 3.96 21.61 -21.52
C LEU A 166 3.86 20.44 -20.53
N GLN A 167 2.67 19.84 -20.39
CA GLN A 167 2.35 18.73 -19.44
C GLN A 167 1.97 17.47 -20.24
N ASN A 168 2.58 17.28 -21.41
CA ASN A 168 2.64 16.01 -22.19
C ASN A 168 1.36 15.80 -22.99
N GLY A 169 0.26 16.51 -22.71
CA GLY A 169 -0.93 16.42 -23.58
C GLY A 169 -2.18 17.00 -22.92
N ALA A 170 -3.27 17.04 -23.69
CA ALA A 170 -4.56 17.63 -23.27
C ALA A 170 -5.73 16.83 -23.85
N VAL A 171 -6.91 16.95 -23.23
CA VAL A 171 -8.21 16.46 -23.79
C VAL A 171 -9.13 17.65 -24.03
N LEU A 172 -9.91 17.57 -25.11
CA LEU A 172 -10.90 18.58 -25.54
C LEU A 172 -12.30 18.08 -25.20
N TYR A 173 -13.06 18.84 -24.41
CA TYR A 173 -14.47 18.52 -24.04
C TYR A 173 -15.36 18.71 -25.27
N ASP A 174 -16.15 17.68 -25.60
CA ASP A 174 -17.03 17.64 -26.80
C ASP A 174 -18.23 18.55 -26.58
N ASN A 175 -18.61 19.31 -27.60
CA ASN A 175 -19.67 20.35 -27.53
C ASN A 175 -21.03 19.67 -27.34
N GLU A 176 -21.23 18.50 -27.97
CA GLU A 176 -22.48 17.69 -27.86
C GLU A 176 -22.12 16.27 -27.40
N GLY A 177 -22.11 16.06 -26.08
CA GLY A 177 -21.97 14.74 -25.45
C GLY A 177 -23.31 14.26 -24.91
N LYS A 178 -23.90 13.26 -25.57
CA LYS A 178 -25.24 12.69 -25.21
C LYS A 178 -25.21 12.15 -23.78
N LEU A 179 -24.09 11.57 -23.34
CA LEU A 179 -23.93 10.97 -21.98
C LEU A 179 -23.62 12.05 -20.93
N THR A 180 -23.20 13.26 -21.35
CA THR A 180 -22.80 14.37 -20.44
C THR A 180 -23.34 15.69 -20.94
N PRO A 181 -24.69 15.88 -21.01
CA PRO A 181 -25.26 17.08 -21.62
C PRO A 181 -25.05 18.36 -20.80
N TYR A 182 -24.72 18.21 -19.51
CA TYR A 182 -24.42 19.29 -18.53
C TYR A 182 -23.06 19.95 -18.83
N ALA A 183 -22.21 19.28 -19.61
CA ALA A 183 -20.86 19.77 -19.99
C ALA A 183 -20.87 20.21 -21.45
N ASN A 184 -22.04 20.31 -22.08
CA ASN A 184 -22.19 20.78 -23.47
C ASN A 184 -21.81 22.26 -23.57
N SER A 185 -21.53 22.74 -24.78
CA SER A 185 -21.24 24.16 -25.10
C SER A 185 -21.59 24.40 -26.56
N ASN A 186 -22.02 25.62 -26.91
CA ASN A 186 -22.17 26.06 -28.32
C ASN A 186 -20.92 26.84 -28.75
N TYR A 187 -19.83 26.78 -27.99
CA TYR A 187 -18.61 27.62 -28.17
C TYR A 187 -17.38 26.73 -28.22
N ARG A 188 -16.43 26.89 -27.29
CA ARG A 188 -15.11 26.21 -27.34
C ARG A 188 -14.45 26.48 -28.70
N ILE A 189 -14.49 27.74 -29.16
CA ILE A 189 -13.80 28.19 -30.40
C ILE A 189 -12.31 28.39 -30.05
N LEU A 190 -11.43 27.61 -30.69
CA LEU A 190 -10.00 27.46 -30.28
C LEU A 190 -9.09 28.31 -31.17
N ASN A 191 -7.96 28.74 -30.58
CA ASN A 191 -6.80 29.36 -31.28
C ASN A 191 -7.23 30.68 -31.93
N ARG A 192 -8.15 31.43 -31.30
CA ARG A 192 -8.56 32.79 -31.75
C ARG A 192 -7.57 33.80 -31.16
N THR A 193 -6.29 33.62 -31.48
CA THR A 193 -5.18 34.56 -31.16
C THR A 193 -5.43 35.88 -31.89
N PRO A 194 -4.68 36.95 -31.57
CA PRO A 194 -4.80 38.20 -32.33
C PRO A 194 -4.66 37.95 -33.84
N THR A 195 -3.64 37.17 -34.21
CA THR A 195 -3.37 36.76 -35.62
C THR A 195 -4.60 36.07 -36.22
N ASN A 196 -5.27 35.19 -35.46
CA ASN A 196 -6.26 34.22 -35.99
C ASN A 196 -7.65 34.49 -35.39
N GLN A 197 -7.94 35.72 -34.98
CA GLN A 197 -9.14 36.07 -34.18
C GLN A 197 -10.44 35.70 -34.95
N THR A 198 -10.46 35.81 -36.27
CA THR A 198 -11.69 35.55 -37.09
C THR A 198 -11.75 34.07 -37.50
N GLY A 199 -10.78 33.24 -37.10
CA GLY A 199 -10.70 31.82 -37.51
C GLY A 199 -10.01 31.68 -38.86
N LYS A 200 -9.56 32.80 -39.42
CA LYS A 200 -8.67 32.91 -40.60
C LYS A 200 -7.49 33.78 -40.17
N LYS A 201 -6.31 33.51 -40.73
CA LYS A 201 -5.09 34.33 -40.50
C LYS A 201 -5.34 35.77 -40.99
N ASP A 202 -5.02 36.77 -40.18
CA ASP A 202 -5.28 38.19 -40.53
C ASP A 202 -4.33 38.57 -41.66
N PRO A 203 -4.87 38.99 -42.84
CA PRO A 203 -4.02 39.35 -43.98
C PRO A 203 -3.13 40.58 -43.75
N ARG A 204 -3.41 41.38 -42.71
CA ARG A 204 -2.68 42.64 -42.44
C ARG A 204 -1.31 42.36 -41.80
N TYR A 205 -1.11 41.23 -41.12
CA TYR A 205 0.09 40.99 -40.28
C TYR A 205 0.90 39.81 -40.84
N THR A 206 2.09 40.10 -41.40
CA THR A 206 2.90 39.12 -42.16
C THR A 206 4.26 38.82 -41.51
N ALA A 207 4.63 39.48 -40.41
CA ALA A 207 5.91 39.20 -39.70
C ALA A 207 5.95 37.76 -39.15
N ASP A 208 4.79 37.16 -38.82
CA ASP A 208 4.67 35.77 -38.29
C ASP A 208 3.76 34.99 -39.25
N ASN A 209 4.38 34.04 -39.97
CA ASN A 209 3.80 33.04 -40.90
C ASN A 209 2.64 32.25 -40.27
N THR A 210 2.70 32.03 -38.95
CA THR A 210 1.89 31.01 -38.22
C THR A 210 0.55 31.62 -37.83
N ILE A 211 -0.30 30.84 -37.14
CA ILE A 211 -1.58 31.35 -36.56
C ILE A 211 -1.31 32.14 -35.25
N GLY A 212 -0.05 32.25 -34.82
CA GLY A 212 0.39 33.22 -33.78
C GLY A 212 0.00 32.83 -32.36
N GLY A 213 0.14 31.54 -32.00
CA GLY A 213 -0.14 31.00 -30.66
C GLY A 213 -0.88 29.67 -30.73
N TYR A 214 -1.51 29.27 -29.63
CA TYR A 214 -2.19 27.96 -29.48
C TYR A 214 -3.00 27.96 -28.18
N GLU A 215 -4.15 27.28 -28.19
CA GLU A 215 -5.17 27.35 -27.12
C GLU A 215 -4.70 26.71 -25.81
N PHE A 216 -4.09 25.52 -25.84
CA PHE A 216 -3.82 24.69 -24.63
C PHE A 216 -2.39 24.90 -24.15
N LEU A 217 -2.25 25.59 -23.03
CA LEU A 217 -0.94 25.94 -22.42
C LEU A 217 -0.71 25.04 -21.20
N LEU A 218 -1.58 25.17 -20.18
CA LEU A 218 -1.44 24.51 -18.86
C LEU A 218 -2.81 24.22 -18.26
N ALA A 219 -2.92 23.12 -17.51
CA ALA A 219 -4.01 22.85 -16.54
C ALA A 219 -5.37 22.94 -17.22
N ASN A 220 -6.39 23.43 -16.51
CA ASN A 220 -7.78 23.55 -17.01
C ASN A 220 -7.87 24.80 -17.87
N ASP A 221 -8.09 24.63 -19.18
CA ASP A 221 -8.11 25.75 -20.16
C ASP A 221 -9.49 26.39 -20.20
N VAL A 222 -9.56 27.65 -19.74
CA VAL A 222 -10.82 28.44 -19.70
C VAL A 222 -11.26 28.71 -21.13
N ASP A 223 -12.57 28.56 -21.44
CA ASP A 223 -13.15 28.87 -22.77
C ASP A 223 -13.48 30.37 -22.82
N ASN A 224 -12.51 31.17 -23.27
CA ASN A 224 -12.64 32.65 -23.37
C ASN A 224 -13.41 33.02 -24.65
N SER A 225 -13.95 32.04 -25.38
CA SER A 225 -14.90 32.24 -26.50
C SER A 225 -16.36 32.21 -26.00
N ASN A 226 -16.59 31.75 -24.77
CA ASN A 226 -17.94 31.63 -24.18
C ASN A 226 -18.38 33.02 -23.70
N PRO A 227 -19.46 33.61 -24.28
CA PRO A 227 -19.89 34.96 -23.90
C PRO A 227 -20.12 35.16 -22.41
N VAL A 228 -20.56 34.11 -21.68
CA VAL A 228 -20.80 34.15 -20.21
C VAL A 228 -19.45 34.26 -19.50
N VAL A 229 -18.43 33.54 -19.96
CA VAL A 229 -17.06 33.59 -19.39
C VAL A 229 -16.42 34.96 -19.71
N GLN A 230 -16.65 35.49 -20.91
CA GLN A 230 -16.12 36.84 -21.30
C GLN A 230 -16.62 37.86 -20.25
N ALA A 231 -17.93 37.91 -20.03
CA ALA A 231 -18.57 38.76 -19.00
C ALA A 231 -17.91 38.56 -17.63
N GLU A 232 -17.62 37.31 -17.24
CA GLU A 232 -17.01 37.00 -15.92
C GLU A 232 -15.56 37.49 -15.90
N GLN A 233 -14.85 37.47 -17.03
CA GLN A 233 -13.44 37.98 -17.11
C GLN A 233 -13.46 39.50 -16.89
N LEU A 234 -14.45 40.19 -17.43
CA LEU A 234 -14.65 41.66 -17.20
C LEU A 234 -14.97 41.92 -15.72
N ASN A 235 -15.87 41.12 -15.14
CA ASN A 235 -16.25 41.21 -13.70
C ASN A 235 -14.98 41.17 -12.85
N TRP A 236 -14.11 40.20 -13.13
CA TRP A 236 -12.82 40.01 -12.43
C TRP A 236 -11.91 41.23 -12.66
N LEU A 237 -11.89 41.72 -13.89
CA LEU A 237 -11.10 42.94 -14.24
C LEU A 237 -11.59 44.10 -13.37
N HIS A 238 -12.91 44.32 -13.28
CA HIS A 238 -13.50 45.43 -12.48
C HIS A 238 -13.13 45.25 -11.00
N PHE A 239 -13.22 44.03 -10.48
CA PHE A 239 -12.82 43.67 -9.10
C PHE A 239 -11.37 44.08 -8.86
N LEU A 240 -10.44 43.71 -9.74
CA LEU A 240 -9.00 43.98 -9.49
C LEU A 240 -8.77 45.50 -9.48
N MET A 241 -9.45 46.22 -10.38
CA MET A 241 -9.27 47.68 -10.56
C MET A 241 -9.99 48.44 -9.44
N ASN A 242 -10.80 47.74 -8.62
CA ASN A 242 -11.51 48.31 -7.46
C ASN A 242 -11.22 47.49 -6.19
N PHE A 243 -10.13 46.74 -6.14
CA PHE A 243 -9.85 45.80 -5.03
C PHE A 243 -10.00 46.53 -3.69
N GLY A 244 -9.32 47.66 -3.54
CA GLY A 244 -9.36 48.52 -2.34
C GLY A 244 -10.78 48.82 -1.88
N ASN A 245 -11.63 49.33 -2.77
CA ASN A 245 -13.04 49.73 -2.48
C ASN A 245 -13.81 48.51 -1.98
N ILE A 246 -13.66 47.37 -2.67
CA ILE A 246 -14.54 46.18 -2.50
C ILE A 246 -14.14 45.41 -1.24
N TYR A 247 -12.85 45.22 -1.01
CA TYR A 247 -12.36 44.31 0.06
C TYR A 247 -12.23 45.07 1.38
N ALA A 248 -11.69 46.30 1.36
CA ALA A 248 -11.27 47.04 2.57
C ALA A 248 -11.97 48.40 2.69
N ASN A 249 -13.00 48.66 1.87
CA ASN A 249 -13.72 49.96 1.81
C ASN A 249 -12.70 51.12 1.84
N ASP A 250 -11.63 51.00 1.06
CA ASP A 250 -10.47 51.93 1.05
C ASP A 250 -10.12 52.30 -0.40
N PRO A 251 -10.49 53.50 -0.90
CA PRO A 251 -10.24 53.85 -2.29
C PRO A 251 -8.77 54.14 -2.63
N ASP A 252 -7.85 54.05 -1.67
CA ASP A 252 -6.40 54.29 -1.83
C ASP A 252 -5.66 52.97 -2.03
N ALA A 253 -6.37 51.82 -2.08
CA ALA A 253 -5.77 50.46 -2.15
C ALA A 253 -6.24 49.71 -3.40
N ASN A 254 -6.64 50.43 -4.45
CA ASN A 254 -7.02 49.85 -5.76
C ASN A 254 -5.76 49.63 -6.61
N PHE A 255 -5.74 48.55 -7.40
CA PHE A 255 -4.82 48.36 -8.54
C PHE A 255 -5.14 49.41 -9.61
N ASP A 256 -4.11 50.02 -10.19
CA ASP A 256 -4.22 51.12 -11.18
C ASP A 256 -4.26 50.58 -12.60
N SER A 257 -3.65 49.43 -12.87
CA SER A 257 -3.39 48.92 -14.24
C SER A 257 -3.37 47.39 -14.25
N ILE A 258 -3.31 46.79 -15.45
CA ILE A 258 -3.22 45.32 -15.63
C ILE A 258 -2.06 44.92 -16.56
N ARG A 259 -1.56 43.70 -16.35
CA ARG A 259 -0.81 42.87 -17.33
C ARG A 259 -1.76 41.79 -17.86
N VAL A 260 -1.86 41.62 -19.18
CA VAL A 260 -2.64 40.52 -19.81
C VAL A 260 -1.70 39.34 -20.01
N ASP A 261 -1.80 38.34 -19.14
CA ASP A 261 -0.97 37.11 -19.17
C ASP A 261 -1.40 36.24 -20.36
N ALA A 262 -0.44 35.65 -21.08
CA ALA A 262 -0.65 34.56 -22.06
C ALA A 262 -1.63 34.99 -23.17
N VAL A 263 -1.42 36.14 -23.77
CA VAL A 263 -2.27 36.68 -24.88
C VAL A 263 -2.39 35.64 -26.00
N ASP A 264 -1.29 34.98 -26.36
CA ASP A 264 -1.25 34.08 -27.55
C ASP A 264 -1.96 32.75 -27.24
N ASN A 265 -2.49 32.55 -26.03
CA ASN A 265 -3.14 31.27 -25.64
C ASN A 265 -4.60 31.49 -25.26
N VAL A 266 -5.16 32.69 -25.45
CA VAL A 266 -6.57 32.99 -25.13
C VAL A 266 -7.26 33.59 -26.35
N ASP A 267 -8.60 33.58 -26.35
CA ASP A 267 -9.43 34.30 -27.35
C ASP A 267 -9.15 35.81 -27.21
N ALA A 268 -8.72 36.44 -28.30
CA ALA A 268 -8.24 37.84 -28.36
C ALA A 268 -9.40 38.83 -28.14
N ASP A 269 -10.67 38.39 -28.20
CA ASP A 269 -11.84 39.20 -27.78
C ASP A 269 -11.54 39.86 -26.43
N LEU A 270 -10.79 39.19 -25.57
CA LEU A 270 -10.44 39.73 -24.23
C LEU A 270 -9.67 41.04 -24.37
N LEU A 271 -9.00 41.28 -25.51
CA LEU A 271 -8.22 42.52 -25.70
C LEU A 271 -9.16 43.69 -25.98
N GLN A 272 -10.24 43.48 -26.74
CA GLN A 272 -11.30 44.52 -26.97
C GLN A 272 -12.05 44.76 -25.65
N ILE A 273 -12.34 43.69 -24.89
CA ILE A 273 -13.07 43.77 -23.60
C ILE A 273 -12.25 44.62 -22.62
N ALA A 274 -10.99 44.29 -22.40
CA ALA A 274 -10.11 45.01 -21.44
C ALA A 274 -9.85 46.44 -21.94
N GLY A 275 -9.64 46.62 -23.25
CA GLY A 275 -9.43 47.94 -23.85
C GLY A 275 -10.65 48.82 -23.68
N ASP A 276 -11.83 48.32 -24.06
CA ASP A 276 -13.12 49.03 -23.90
C ASP A 276 -13.28 49.44 -22.43
N TYR A 277 -12.97 48.56 -21.48
CA TYR A 277 -13.15 48.85 -20.04
C TYR A 277 -12.24 50.00 -19.63
N LEU A 278 -10.95 49.95 -19.98
CA LEU A 278 -9.98 51.03 -19.66
C LEU A 278 -10.47 52.36 -20.25
N LYS A 279 -11.02 52.34 -21.45
CA LYS A 279 -11.54 53.56 -22.11
C LYS A 279 -12.78 54.06 -21.33
N ALA A 280 -13.77 53.21 -21.11
CA ALA A 280 -15.07 53.56 -20.49
C ALA A 280 -14.86 53.94 -19.02
N ALA A 281 -14.16 53.12 -18.26
CA ALA A 281 -14.02 53.29 -16.80
C ALA A 281 -12.97 54.35 -16.49
N LYS A 282 -11.85 54.41 -17.21
CA LYS A 282 -10.69 55.26 -16.79
C LYS A 282 -10.43 56.41 -17.78
N GLY A 283 -11.21 56.54 -18.84
CA GLY A 283 -11.07 57.60 -19.86
C GLY A 283 -9.66 57.71 -20.45
N ILE A 284 -8.97 56.59 -20.72
CA ILE A 284 -7.55 56.62 -21.17
C ILE A 284 -7.47 57.17 -22.60
N HIS A 285 -8.58 57.16 -23.34
CA HIS A 285 -8.68 57.62 -24.75
C HIS A 285 -8.66 59.16 -24.83
N LYS A 286 -8.94 59.87 -23.75
CA LYS A 286 -9.18 61.34 -23.76
C LYS A 286 -7.86 62.11 -23.78
N ASN A 287 -6.90 61.71 -22.96
CA ASN A 287 -5.60 62.41 -22.83
C ASN A 287 -4.58 61.50 -22.14
N ASP A 288 -3.33 61.94 -22.17
CA ASP A 288 -2.15 61.17 -21.72
C ASP A 288 -2.14 61.05 -20.20
N LYS A 289 -2.69 62.04 -19.47
CA LYS A 289 -2.74 62.03 -17.99
C LYS A 289 -3.51 60.80 -17.52
N ALA A 290 -4.70 60.59 -18.09
CA ALA A 290 -5.57 59.41 -17.83
C ALA A 290 -4.83 58.13 -18.27
N ALA A 291 -4.32 58.06 -19.50
CA ALA A 291 -3.67 56.86 -20.06
C ALA A 291 -2.49 56.44 -19.16
N ASN A 292 -1.64 57.40 -18.78
CA ASN A 292 -0.37 57.14 -18.06
C ASN A 292 -0.63 56.83 -16.57
N ASP A 293 -1.81 57.14 -16.03
CA ASP A 293 -2.21 56.70 -14.68
C ASP A 293 -2.72 55.25 -14.68
N HIS A 294 -2.89 54.61 -15.85
CA HIS A 294 -3.44 53.23 -15.95
C HIS A 294 -2.68 52.43 -17.02
N LEU A 295 -1.36 52.61 -17.07
CA LEU A 295 -0.51 52.05 -18.16
C LEU A 295 -0.51 50.52 -18.04
N SER A 296 -1.16 49.85 -19.00
CA SER A 296 -1.42 48.39 -19.00
C SER A 296 -0.63 47.72 -20.14
N ILE A 297 -0.14 46.51 -19.89
CA ILE A 297 0.81 45.79 -20.79
C ILE A 297 0.24 44.44 -21.21
N LEU A 298 0.66 43.94 -22.37
CA LEU A 298 0.45 42.56 -22.86
C LEU A 298 1.76 41.79 -22.64
N GLU A 299 1.62 40.48 -22.42
CA GLU A 299 2.70 39.49 -22.68
C GLU A 299 2.33 38.75 -23.96
N ALA A 300 2.74 39.28 -25.11
CA ALA A 300 2.32 38.80 -26.45
C ALA A 300 3.55 38.54 -27.31
N TRP A 301 3.84 37.26 -27.58
CA TRP A 301 5.15 36.79 -28.11
C TRP A 301 5.19 36.79 -29.65
N SER A 302 4.05 36.77 -30.34
CA SER A 302 3.99 36.79 -31.83
C SER A 302 4.39 38.17 -32.34
N ASP A 303 5.18 38.23 -33.43
CA ASP A 303 5.65 39.50 -34.05
C ASP A 303 4.45 40.25 -34.66
N ASN A 304 3.33 39.56 -34.84
CA ASN A 304 2.05 40.13 -35.31
C ASN A 304 1.33 40.92 -34.21
N ASP A 305 1.66 40.71 -32.93
CA ASP A 305 0.81 41.20 -31.81
C ASP A 305 0.96 42.71 -31.63
N THR A 306 2.16 43.27 -31.80
CA THR A 306 2.42 44.73 -31.67
C THR A 306 1.60 45.49 -32.72
N PRO A 307 1.76 45.22 -34.04
CA PRO A 307 0.96 45.91 -35.05
C PRO A 307 -0.57 45.71 -34.86
N TYR A 308 -1.01 44.51 -34.44
CA TYR A 308 -2.43 44.25 -34.07
C TYR A 308 -2.86 45.27 -33.03
N LEU A 309 -2.06 45.43 -31.97
CA LEU A 309 -2.40 46.26 -30.80
C LEU A 309 -2.41 47.73 -31.22
N HIS A 310 -1.47 48.14 -32.09
CA HIS A 310 -1.41 49.52 -32.63
C HIS A 310 -2.69 49.82 -33.41
N ASP A 311 -3.08 48.94 -34.33
CA ASP A 311 -4.31 49.10 -35.16
C ASP A 311 -5.54 49.12 -34.25
N ASP A 312 -5.52 48.39 -33.14
CA ASP A 312 -6.65 48.30 -32.16
C ASP A 312 -6.75 49.59 -31.34
N GLY A 313 -5.71 50.44 -31.31
CA GLY A 313 -5.79 51.79 -30.71
C GLY A 313 -4.78 52.07 -29.60
N ASP A 314 -3.71 51.27 -29.45
CA ASP A 314 -2.69 51.45 -28.38
C ASP A 314 -3.39 51.69 -27.05
N ASN A 315 -4.38 50.84 -26.73
CA ASN A 315 -5.11 50.87 -25.44
C ASN A 315 -4.26 50.20 -24.37
N MET A 316 -3.29 49.38 -24.79
CA MET A 316 -2.25 48.73 -23.94
C MET A 316 -0.96 48.71 -24.75
N ILE A 317 0.17 48.38 -24.13
CA ILE A 317 1.50 48.33 -24.82
C ILE A 317 2.09 46.93 -24.70
N ASN A 318 2.82 46.49 -25.74
CA ASN A 318 3.45 45.15 -25.81
C ASN A 318 4.96 45.29 -25.57
N MET A 319 5.64 44.19 -25.32
CA MET A 319 7.13 44.16 -25.25
C MET A 319 7.73 44.48 -26.62
N ASP A 320 8.97 44.98 -26.64
CA ASP A 320 9.83 45.04 -27.84
C ASP A 320 10.68 43.76 -27.86
N ASN A 321 10.14 42.71 -28.46
CA ASN A 321 10.79 41.39 -28.51
C ASN A 321 12.07 41.47 -29.36
N LYS A 322 12.06 42.28 -30.41
CA LYS A 322 13.24 42.43 -31.29
C LYS A 322 14.41 43.01 -30.47
N LEU A 323 14.18 44.06 -29.69
CA LEU A 323 15.25 44.69 -28.88
C LEU A 323 15.73 43.67 -27.85
N ARG A 324 14.82 42.91 -27.25
CA ARG A 324 15.15 41.85 -26.27
C ARG A 324 16.13 40.85 -26.91
N LEU A 325 15.81 40.34 -28.10
CA LEU A 325 16.69 39.38 -28.83
C LEU A 325 18.02 40.05 -29.20
N SER A 326 18.01 41.32 -29.58
CA SER A 326 19.24 42.08 -29.92
C SER A 326 20.15 42.17 -28.69
N LEU A 327 19.60 42.52 -27.53
CA LEU A 327 20.37 42.54 -26.25
C LEU A 327 20.87 41.11 -25.92
N LEU A 328 19.97 40.12 -25.94
CA LEU A 328 20.32 38.73 -25.58
C LEU A 328 21.52 38.25 -26.41
N PHE A 329 21.47 38.38 -27.74
CA PHE A 329 22.45 37.76 -28.67
C PHE A 329 23.68 38.66 -28.87
N SER A 330 23.61 39.98 -28.64
CA SER A 330 24.77 40.89 -28.83
C SER A 330 25.61 40.99 -27.55
N LEU A 331 24.98 40.84 -26.38
CA LEU A 331 25.63 41.13 -25.06
C LEU A 331 25.62 39.91 -24.13
N ALA A 332 24.50 39.19 -23.98
CA ALA A 332 24.28 38.23 -22.86
C ALA A 332 24.86 36.83 -23.17
N LYS A 333 24.85 36.42 -24.43
CA LYS A 333 25.25 35.04 -24.84
C LYS A 333 26.75 34.82 -24.64
N PRO A 334 27.19 33.56 -24.53
CA PRO A 334 28.61 33.19 -24.55
C PRO A 334 29.38 33.77 -25.75
N LEU A 335 30.70 33.95 -25.59
CA LEU A 335 31.56 34.79 -26.48
C LEU A 335 31.57 34.25 -27.91
N ASN A 336 31.37 32.95 -28.12
CA ASN A 336 31.45 32.31 -29.46
C ASN A 336 30.06 32.26 -30.10
N GLN A 337 28.98 32.54 -29.34
CA GLN A 337 27.58 32.53 -29.85
C GLN A 337 27.04 33.96 -30.02
N ARG A 338 27.90 34.95 -29.80
CA ARG A 338 27.54 36.39 -29.73
C ARG A 338 27.51 36.95 -31.15
N SER A 339 26.48 37.73 -31.46
CA SER A 339 26.29 38.43 -32.77
C SER A 339 27.15 39.70 -32.81
N GLY A 340 27.13 40.39 -33.94
CA GLY A 340 27.61 41.78 -34.05
C GLY A 340 26.71 42.71 -33.23
N MET A 341 27.14 43.96 -33.06
CA MET A 341 26.50 44.93 -32.13
C MET A 341 25.43 45.76 -32.86
N ASN A 342 25.46 45.84 -34.19
CA ASN A 342 24.56 46.74 -34.97
C ASN A 342 23.09 46.46 -34.65
N PRO A 343 22.63 45.21 -34.38
CA PRO A 343 21.23 44.99 -34.03
C PRO A 343 20.72 45.80 -32.83
N LEU A 344 21.62 46.17 -31.90
CA LEU A 344 21.30 47.04 -30.74
C LEU A 344 20.72 48.37 -31.22
N ILE A 345 21.10 48.80 -32.43
CA ILE A 345 20.63 50.08 -33.05
C ILE A 345 19.37 49.83 -33.88
N THR A 346 19.40 48.83 -34.77
CA THR A 346 18.41 48.70 -35.88
C THR A 346 17.35 47.63 -35.59
N ASN A 347 17.64 46.61 -34.80
CA ASN A 347 16.72 45.45 -34.64
C ASN A 347 15.87 45.71 -33.39
N SER A 348 14.82 46.51 -33.57
CA SER A 348 13.92 47.02 -32.51
C SER A 348 12.66 47.57 -33.19
N LEU A 349 11.58 47.80 -32.44
CA LEU A 349 10.39 48.55 -32.94
C LEU A 349 10.84 49.94 -33.41
N VAL A 350 11.91 50.48 -32.83
CA VAL A 350 12.41 51.85 -33.14
C VAL A 350 13.89 51.77 -33.54
N ASN A 351 14.21 52.31 -34.72
CA ASN A 351 15.59 52.42 -35.23
C ASN A 351 16.22 53.62 -34.54
N ARG A 352 17.25 53.41 -33.71
CA ARG A 352 17.80 54.46 -32.80
C ARG A 352 19.05 55.08 -33.41
N THR A 353 19.27 54.96 -34.71
CA THR A 353 20.39 55.65 -35.42
C THR A 353 20.27 57.14 -35.13
N ASP A 354 19.10 57.72 -35.44
CA ASP A 354 18.78 59.14 -35.12
C ASP A 354 17.29 59.19 -34.73
N ASP A 355 17.00 59.07 -33.44
CA ASP A 355 15.62 59.12 -32.89
C ASP A 355 15.35 60.53 -32.36
N ASN A 356 14.71 61.36 -33.17
CA ASN A 356 14.52 62.82 -32.96
C ASN A 356 13.02 63.13 -32.86
N ALA A 357 12.18 62.11 -32.73
CA ALA A 357 10.70 62.23 -32.78
C ALA A 357 10.14 62.75 -31.44
N GLU A 358 9.18 63.65 -31.51
CA GLU A 358 8.42 64.13 -30.32
C GLU A 358 7.62 62.94 -29.76
N THR A 359 7.07 62.10 -30.63
CA THR A 359 6.28 60.90 -30.29
C THR A 359 6.72 59.75 -31.20
N ALA A 360 7.22 58.65 -30.64
CA ALA A 360 7.58 57.44 -31.42
C ALA A 360 6.32 56.88 -32.10
N ALA A 361 6.50 56.17 -33.21
CA ALA A 361 5.39 55.64 -34.04
C ALA A 361 4.53 54.66 -33.21
N VAL A 362 5.17 53.87 -32.35
CA VAL A 362 4.51 52.77 -31.59
C VAL A 362 5.10 52.73 -30.18
N PRO A 363 4.24 52.65 -29.13
CA PRO A 363 4.74 52.55 -27.76
C PRO A 363 5.06 51.10 -27.40
N SER A 364 5.98 50.90 -26.46
CA SER A 364 6.48 49.56 -26.06
C SER A 364 7.11 49.64 -24.66
N TYR A 365 7.29 48.47 -24.03
CA TYR A 365 8.23 48.29 -22.90
C TYR A 365 9.35 47.34 -23.35
N SER A 366 10.53 47.52 -22.76
CA SER A 366 11.80 46.83 -23.07
C SER A 366 12.34 46.14 -21.81
N PHE A 367 12.89 44.94 -21.94
CA PHE A 367 13.57 44.20 -20.85
C PHE A 367 14.59 43.23 -21.45
N ILE A 368 15.48 42.71 -20.61
CA ILE A 368 16.49 41.66 -20.96
C ILE A 368 16.13 40.35 -20.27
N ARG A 369 15.56 40.41 -19.07
CA ARG A 369 15.05 39.22 -18.32
C ARG A 369 13.72 39.56 -17.66
N ALA A 370 12.95 38.53 -17.34
CA ALA A 370 11.68 38.59 -16.58
C ALA A 370 11.58 37.34 -15.69
N HIS A 371 10.56 37.26 -14.84
CA HIS A 371 10.37 36.16 -13.87
C HIS A 371 10.43 34.82 -14.61
N ASP A 372 9.90 34.77 -15.84
CA ASP A 372 9.93 33.55 -16.69
C ASP A 372 11.09 33.62 -17.71
N SER A 373 11.14 34.65 -18.55
CA SER A 373 12.13 34.79 -19.66
C SER A 373 13.56 34.89 -19.13
N GLU A 374 14.40 33.92 -19.53
CA GLU A 374 15.87 33.83 -19.26
C GLU A 374 16.12 33.66 -17.76
N VAL A 375 15.22 32.96 -17.06
CA VAL A 375 15.44 32.48 -15.66
C VAL A 375 15.09 30.98 -15.63
N GLN A 376 13.81 30.63 -15.68
CA GLN A 376 13.37 29.20 -15.63
C GLN A 376 14.03 28.43 -16.79
N ASP A 377 14.25 29.08 -17.94
CA ASP A 377 14.96 28.53 -19.12
C ASP A 377 16.38 28.08 -18.71
N LEU A 378 17.06 28.84 -17.85
CA LEU A 378 18.49 28.60 -17.48
C LEU A 378 18.54 27.48 -16.43
N ILE A 379 17.62 27.49 -15.47
CA ILE A 379 17.45 26.38 -14.49
C ILE A 379 17.22 25.07 -15.27
N ARG A 380 16.37 25.07 -16.31
CA ARG A 380 16.08 23.87 -17.13
C ARG A 380 17.38 23.39 -17.80
N ASP A 381 18.14 24.31 -18.40
CA ASP A 381 19.47 24.01 -19.00
C ASP A 381 20.34 23.29 -17.97
N ILE A 382 20.40 23.80 -16.73
CA ILE A 382 21.28 23.25 -15.66
C ILE A 382 20.77 21.85 -15.27
N ILE A 383 19.47 21.72 -14.95
CA ILE A 383 18.84 20.44 -14.56
C ILE A 383 19.09 19.39 -15.67
N LYS A 384 18.81 19.74 -16.93
CA LYS A 384 18.89 18.79 -18.08
C LYS A 384 20.35 18.38 -18.32
N ALA A 385 21.32 19.25 -18.01
CA ALA A 385 22.76 19.01 -18.27
C ALA A 385 23.37 18.16 -17.16
N GLU A 386 23.08 18.48 -15.89
CA GLU A 386 23.88 18.01 -14.73
C GLU A 386 23.03 17.29 -13.66
N ILE A 387 21.72 17.10 -13.84
CA ILE A 387 20.86 16.33 -12.88
C ILE A 387 20.02 15.29 -13.66
N ASN A 388 18.91 15.69 -14.28
CA ASN A 388 17.90 14.77 -14.87
C ASN A 388 17.71 15.10 -16.35
N PRO A 389 18.43 14.40 -17.27
CA PRO A 389 18.28 14.64 -18.70
C PRO A 389 16.86 14.46 -19.31
N ASN A 390 15.91 13.87 -18.58
CA ASN A 390 14.54 13.54 -19.08
C ASN A 390 13.49 14.44 -18.42
N VAL A 391 13.87 15.54 -17.77
CA VAL A 391 12.88 16.51 -17.21
C VAL A 391 11.94 16.98 -18.34
N VAL A 392 10.64 17.03 -18.05
CA VAL A 392 9.55 17.43 -18.99
C VAL A 392 9.28 18.94 -18.82
N GLY A 393 9.35 19.70 -19.93
CA GLY A 393 9.08 21.15 -19.94
C GLY A 393 9.70 21.86 -18.74
N TYR A 394 8.88 22.50 -17.91
CA TYR A 394 9.34 23.22 -16.69
C TYR A 394 8.74 22.56 -15.46
N SER A 395 8.34 21.28 -15.55
CA SER A 395 7.75 20.50 -14.44
C SER A 395 8.89 19.95 -13.56
N PHE A 396 9.59 20.84 -12.86
CA PHE A 396 10.72 20.53 -11.96
C PHE A 396 10.18 20.13 -10.58
N THR A 397 10.97 19.40 -9.82
CA THR A 397 10.76 19.11 -8.37
C THR A 397 11.52 20.17 -7.56
N MET A 398 11.06 20.46 -6.34
CA MET A 398 11.73 21.42 -5.44
C MET A 398 13.21 21.06 -5.26
N GLU A 399 13.53 19.77 -5.19
CA GLU A 399 14.89 19.28 -4.84
C GLU A 399 15.80 19.47 -6.06
N GLU A 400 15.27 19.24 -7.27
CA GLU A 400 15.96 19.58 -8.57
C GLU A 400 16.33 21.07 -8.55
N ILE A 401 15.39 21.93 -8.13
CA ILE A 401 15.53 23.42 -8.10
C ILE A 401 16.67 23.79 -7.14
N LYS A 402 16.66 23.27 -5.92
CA LYS A 402 17.63 23.67 -4.86
C LYS A 402 19.06 23.36 -5.35
N LYS A 403 19.24 22.22 -6.01
CA LYS A 403 20.58 21.76 -6.44
C LYS A 403 20.98 22.54 -7.69
N ALA A 404 20.05 22.79 -8.61
CA ALA A 404 20.28 23.66 -9.81
C ALA A 404 20.79 25.04 -9.36
N PHE A 405 20.22 25.58 -8.27
CA PHE A 405 20.56 26.93 -7.76
C PHE A 405 21.95 26.94 -7.11
N GLU A 406 22.48 25.80 -6.67
CA GLU A 406 23.88 25.72 -6.14
C GLU A 406 24.83 26.08 -7.29
N ILE A 407 24.59 25.51 -8.47
CA ILE A 407 25.42 25.64 -9.70
C ILE A 407 25.25 27.07 -10.26
N TYR A 408 23.98 27.48 -10.42
CA TYR A 408 23.55 28.81 -10.92
C TYR A 408 24.28 29.93 -10.16
N ASN A 409 24.27 29.85 -8.82
CA ASN A 409 24.77 30.95 -7.94
C ASN A 409 26.30 31.04 -8.08
N LYS A 410 26.97 29.92 -8.39
CA LYS A 410 28.44 29.92 -8.61
C LYS A 410 28.72 30.51 -9.99
N ASP A 411 27.95 30.11 -11.00
CA ASP A 411 28.07 30.61 -12.40
C ASP A 411 27.95 32.14 -12.41
N LEU A 412 27.02 32.72 -11.64
CA LEU A 412 26.81 34.20 -11.56
C LEU A 412 28.13 34.94 -11.30
N LEU A 413 28.97 34.41 -10.40
CA LEU A 413 30.19 35.09 -9.88
C LEU A 413 31.43 34.78 -10.73
N ALA A 414 31.32 33.86 -11.70
CA ALA A 414 32.42 33.45 -12.59
C ALA A 414 32.62 34.45 -13.74
N THR A 415 33.88 34.63 -14.17
CA THR A 415 34.25 35.39 -15.40
C THR A 415 33.82 34.60 -16.63
N GLU A 416 34.08 33.29 -16.64
CA GLU A 416 33.63 32.36 -17.72
C GLU A 416 32.34 31.69 -17.26
N LYS A 417 31.20 32.13 -17.80
CA LYS A 417 29.85 31.66 -17.40
C LYS A 417 29.40 30.59 -18.39
N LYS A 418 28.91 29.45 -17.89
CA LYS A 418 28.43 28.32 -18.74
C LYS A 418 26.92 28.43 -18.95
N TYR A 419 26.19 29.02 -17.99
CA TYR A 419 24.71 29.00 -17.97
C TYR A 419 24.08 30.41 -17.90
N THR A 420 24.75 31.40 -17.31
CA THR A 420 24.11 32.68 -16.91
C THR A 420 24.55 33.82 -17.84
N HIS A 421 23.81 34.92 -17.84
CA HIS A 421 24.01 36.08 -18.76
C HIS A 421 25.34 36.77 -18.46
N TYR A 422 26.10 37.04 -19.53
CA TYR A 422 27.20 38.04 -19.53
C TYR A 422 26.60 39.46 -19.64
N ASN A 423 27.37 40.46 -19.22
CA ASN A 423 27.20 41.88 -19.62
C ASN A 423 25.84 42.43 -19.15
N THR A 424 25.32 42.00 -17.99
CA THR A 424 24.03 42.50 -17.46
C THR A 424 24.04 44.04 -17.44
N ALA A 425 25.09 44.65 -16.90
CA ALA A 425 25.21 46.11 -16.74
C ALA A 425 25.18 46.81 -18.11
N LEU A 426 25.73 46.17 -19.15
CA LEU A 426 25.77 46.75 -20.52
C LEU A 426 24.33 46.79 -21.05
N SER A 427 23.56 45.74 -20.80
CA SER A 427 22.15 45.67 -21.22
C SER A 427 21.37 46.79 -20.53
N TYR A 428 21.59 46.99 -19.22
CA TYR A 428 20.82 47.99 -18.43
C TYR A 428 21.26 49.40 -18.83
N ALA A 429 22.54 49.61 -19.14
CA ALA A 429 23.04 50.91 -19.62
C ALA A 429 22.23 51.32 -20.87
N LEU A 430 21.93 50.36 -21.76
CA LEU A 430 21.16 50.66 -23.00
C LEU A 430 19.67 50.79 -22.66
N LEU A 431 19.10 49.86 -21.89
CA LEU A 431 17.65 49.88 -21.54
C LEU A 431 17.30 51.20 -20.83
N LEU A 432 18.20 51.73 -20.00
CA LEU A 432 17.89 52.87 -19.10
C LEU A 432 18.31 54.22 -19.71
N THR A 433 19.01 54.22 -20.86
CA THR A 433 19.33 55.46 -21.62
C THR A 433 18.56 55.55 -22.95
N ASN A 434 18.02 54.44 -23.46
CA ASN A 434 17.30 54.41 -24.75
C ASN A 434 16.11 55.37 -24.70
N LYS A 435 15.83 56.04 -25.82
CA LYS A 435 14.60 56.83 -26.07
C LYS A 435 13.50 55.89 -26.59
N SER A 436 12.23 56.28 -26.45
CA SER A 436 11.05 55.69 -27.15
C SER A 436 10.73 54.26 -26.67
N SER A 437 11.02 53.93 -25.42
CA SER A 437 10.50 52.70 -24.76
C SER A 437 10.46 52.89 -23.25
N VAL A 438 9.51 52.25 -22.59
CA VAL A 438 9.45 52.20 -21.10
C VAL A 438 10.31 51.04 -20.66
N PRO A 439 11.45 51.26 -19.98
CA PRO A 439 12.26 50.15 -19.49
C PRO A 439 11.53 49.43 -18.35
N ARG A 440 11.63 48.10 -18.30
CA ARG A 440 11.16 47.29 -17.15
C ARG A 440 12.36 46.59 -16.54
N VAL A 441 12.70 46.97 -15.31
CA VAL A 441 13.81 46.37 -14.51
C VAL A 441 13.29 45.09 -13.87
N TYR A 442 14.03 43.98 -13.99
CA TYR A 442 13.72 42.69 -13.33
C TYR A 442 14.32 42.67 -11.92
N TYR A 443 13.47 42.42 -10.92
CA TYR A 443 13.88 42.24 -9.50
C TYR A 443 15.17 41.42 -9.42
N GLY A 444 15.18 40.27 -10.11
CA GLY A 444 16.27 39.28 -10.02
C GLY A 444 17.53 39.70 -10.74
N ASP A 445 17.60 40.94 -11.26
CA ASP A 445 18.88 41.48 -11.80
C ASP A 445 19.52 42.38 -10.76
N MET A 446 18.72 42.87 -9.80
CA MET A 446 19.19 43.75 -8.69
C MET A 446 19.40 42.91 -7.42
N PHE A 447 18.47 41.99 -7.13
CA PHE A 447 18.52 41.05 -5.99
C PHE A 447 18.64 39.63 -6.53
N THR A 448 18.98 38.67 -5.67
CA THR A 448 19.16 37.24 -6.03
C THR A 448 17.81 36.64 -6.42
N ASP A 449 17.81 35.75 -7.41
CA ASP A 449 16.59 35.07 -7.92
C ASP A 449 16.01 34.16 -6.82
N ASP A 450 16.87 33.66 -5.93
CA ASP A 450 16.50 32.81 -4.77
C ASP A 450 16.69 33.62 -3.49
N GLY A 451 16.23 33.06 -2.36
CA GLY A 451 16.40 33.72 -1.06
C GLY A 451 15.27 34.70 -0.81
N GLN A 452 15.34 35.39 0.32
CA GLN A 452 14.24 36.23 0.84
C GLN A 452 14.24 37.55 0.06
N TYR A 453 13.08 38.19 0.00
CA TYR A 453 12.80 39.40 -0.81
C TYR A 453 13.71 40.53 -0.36
N MET A 454 14.53 41.04 -1.29
CA MET A 454 15.41 42.23 -1.15
C MET A 454 16.51 41.96 -0.12
N ALA A 455 16.76 40.71 0.23
CA ALA A 455 17.73 40.31 1.29
C ALA A 455 19.15 40.31 0.75
N HIS A 456 19.38 39.90 -0.50
CA HIS A 456 20.74 39.75 -1.07
C HIS A 456 20.83 40.47 -2.42
N LYS A 457 21.80 41.38 -2.55
CA LYS A 457 22.08 42.15 -3.78
C LYS A 457 22.95 41.33 -4.71
N THR A 458 22.68 41.40 -6.02
CA THR A 458 23.58 40.89 -7.09
C THR A 458 24.81 41.80 -7.14
N ILE A 459 25.85 41.34 -7.84
CA ILE A 459 27.09 42.13 -8.04
C ILE A 459 26.80 43.34 -8.95
N ASN A 460 25.63 43.36 -9.62
CA ASN A 460 25.24 44.41 -10.59
C ASN A 460 24.33 45.47 -9.94
N TYR A 461 23.87 45.24 -8.71
CA TYR A 461 22.95 46.15 -7.96
C TYR A 461 23.45 47.60 -8.04
N GLU A 462 24.71 47.85 -7.70
CA GLU A 462 25.29 49.21 -7.64
C GLU A 462 25.17 49.89 -9.02
N ALA A 463 25.66 49.24 -10.07
CA ALA A 463 25.66 49.77 -11.45
C ALA A 463 24.23 50.09 -11.87
N ILE A 464 23.29 49.17 -11.62
CA ILE A 464 21.86 49.35 -12.03
C ILE A 464 21.24 50.50 -11.23
N GLU A 465 21.45 50.55 -9.90
CA GLU A 465 20.96 51.64 -9.02
C GLU A 465 21.52 52.98 -9.52
N THR A 466 22.82 53.05 -9.80
CA THR A 466 23.49 54.29 -10.28
C THR A 466 22.82 54.77 -11.58
N LEU A 467 22.53 53.84 -12.50
CA LEU A 467 21.88 54.13 -13.81
C LEU A 467 20.45 54.63 -13.57
N LEU A 468 19.73 54.02 -12.64
CA LEU A 468 18.34 54.42 -12.34
C LEU A 468 18.30 55.86 -11.83
N LYS A 469 19.22 56.24 -10.93
CA LYS A 469 19.27 57.61 -10.36
C LYS A 469 19.73 58.60 -11.43
N ALA A 470 20.72 58.22 -12.23
CA ALA A 470 21.23 59.03 -13.37
C ALA A 470 20.11 59.23 -14.40
N ARG A 471 19.22 58.24 -14.59
CA ARG A 471 18.15 58.35 -15.60
C ARG A 471 17.25 59.55 -15.25
N ILE A 472 16.87 59.69 -13.98
CA ILE A 472 16.00 60.80 -13.47
C ILE A 472 16.71 62.13 -13.77
N LYS A 473 18.00 62.20 -13.51
CA LYS A 473 18.79 63.46 -13.50
C LYS A 473 19.20 63.88 -14.92
N TYR A 474 19.59 62.94 -15.78
CA TYR A 474 20.33 63.23 -17.04
C TYR A 474 19.61 62.77 -18.33
N VAL A 475 18.73 61.76 -18.27
CA VAL A 475 18.27 61.09 -19.52
C VAL A 475 17.05 61.83 -20.09
N SER A 476 17.27 62.62 -21.13
CA SER A 476 16.19 63.34 -21.87
C SER A 476 16.69 63.78 -23.25
N GLY A 477 15.75 64.06 -24.14
CA GLY A 477 16.02 64.61 -25.48
C GLY A 477 16.28 63.53 -26.51
N GLY A 478 16.75 63.93 -27.68
CA GLY A 478 16.96 63.05 -28.83
C GLY A 478 18.02 62.02 -28.54
N GLN A 479 18.09 60.98 -29.37
CA GLN A 479 19.08 59.89 -29.26
C GLN A 479 19.79 59.73 -30.61
N ALA A 480 21.08 59.44 -30.53
CA ALA A 480 21.93 58.98 -31.65
C ALA A 480 22.69 57.74 -31.18
N MET A 481 22.66 56.67 -31.96
CA MET A 481 23.57 55.50 -31.77
C MET A 481 24.48 55.39 -33.00
N ARG A 482 25.74 55.07 -32.78
CA ARG A 482 26.74 54.86 -33.85
C ARG A 482 27.45 53.51 -33.61
N ASN A 483 27.84 52.88 -34.71
CA ASN A 483 28.58 51.59 -34.74
C ASN A 483 29.90 51.85 -35.44
N GLN A 484 31.00 51.90 -34.70
CA GLN A 484 32.34 52.19 -35.26
C GLN A 484 33.17 50.90 -35.25
N GLN A 485 33.70 50.52 -36.42
CA GLN A 485 34.74 49.47 -36.55
C GLN A 485 36.08 50.09 -36.10
N VAL A 486 36.68 49.55 -35.04
CA VAL A 486 37.95 50.07 -34.44
C VAL A 486 38.86 48.89 -34.13
N GLY A 487 40.15 49.02 -34.47
CA GLY A 487 41.18 47.98 -34.29
C GLY A 487 40.69 46.66 -34.85
N ASN A 488 40.54 45.65 -33.99
CA ASN A 488 40.27 44.25 -34.38
C ASN A 488 38.77 43.94 -34.31
N SER A 489 37.94 44.76 -33.64
CA SER A 489 36.47 44.52 -33.51
C SER A 489 35.68 45.83 -33.61
N GLU A 490 34.67 46.05 -32.76
CA GLU A 490 33.70 47.16 -32.95
C GLU A 490 33.23 47.70 -31.60
N ILE A 491 32.73 48.93 -31.59
CA ILE A 491 32.06 49.55 -30.41
C ILE A 491 30.76 50.24 -30.90
N ILE A 492 29.82 50.47 -29.98
CA ILE A 492 28.67 51.37 -30.21
C ILE A 492 28.77 52.53 -29.22
N THR A 493 28.32 53.71 -29.66
CA THR A 493 28.04 54.89 -28.81
C THR A 493 26.53 55.12 -28.82
N SER A 494 25.98 55.54 -27.69
CA SER A 494 24.56 55.92 -27.53
C SER A 494 24.54 57.22 -26.75
N VAL A 495 23.94 58.25 -27.33
CA VAL A 495 23.96 59.64 -26.80
C VAL A 495 22.51 60.12 -26.63
N ARG A 496 22.21 60.72 -25.49
CA ARG A 496 21.01 61.57 -25.31
C ARG A 496 21.50 63.01 -25.25
N TYR A 497 20.87 63.93 -26.00
CA TYR A 497 21.35 65.31 -26.22
C TYR A 497 21.02 66.20 -25.00
N GLY A 498 20.06 65.80 -24.17
CA GLY A 498 19.66 66.59 -22.97
C GLY A 498 18.28 67.19 -23.14
N LYS A 499 17.67 67.64 -22.05
CA LYS A 499 16.25 68.08 -22.00
C LYS A 499 16.04 69.26 -22.95
N GLY A 500 15.05 69.14 -23.84
CA GLY A 500 14.67 70.18 -24.82
C GLY A 500 15.40 70.06 -26.15
N ALA A 501 16.37 69.15 -26.26
CA ALA A 501 17.21 68.98 -27.48
C ALA A 501 16.85 67.67 -28.19
N LEU A 502 15.88 67.70 -29.10
CA LEU A 502 15.49 66.53 -29.93
C LEU A 502 16.53 66.28 -31.01
N LYS A 503 17.27 67.31 -31.43
CA LYS A 503 18.22 67.22 -32.58
C LYS A 503 19.62 67.59 -32.11
N ALA A 504 20.64 67.07 -32.81
CA ALA A 504 22.07 67.32 -32.55
C ALA A 504 22.42 68.80 -32.69
N THR A 505 21.61 69.59 -33.42
CA THR A 505 21.89 71.03 -33.69
C THR A 505 21.19 71.94 -32.66
N ASP A 506 20.26 71.44 -31.86
CA ASP A 506 19.58 72.24 -30.81
C ASP A 506 20.64 72.68 -29.77
N THR A 507 20.72 73.99 -29.47
CA THR A 507 21.76 74.56 -28.57
C THR A 507 21.26 74.59 -27.12
N GLY A 508 19.97 74.38 -26.88
CA GLY A 508 19.43 74.12 -25.54
C GLY A 508 19.39 75.35 -24.64
N ASP A 509 18.88 75.17 -23.41
CA ASP A 509 18.94 76.17 -22.31
C ASP A 509 19.89 75.62 -21.24
N ARG A 510 19.85 76.16 -20.02
CA ARG A 510 20.79 75.79 -18.92
C ARG A 510 20.54 74.32 -18.52
N THR A 511 19.28 73.87 -18.51
CA THR A 511 18.93 72.46 -18.15
C THR A 511 19.46 71.50 -19.23
N THR A 512 19.44 71.87 -20.51
CA THR A 512 20.01 71.03 -21.58
C THR A 512 21.51 70.82 -21.32
N ARG A 513 22.21 71.91 -21.00
CA ARG A 513 23.68 71.93 -20.78
C ARG A 513 24.08 70.90 -19.73
N THR A 514 23.33 70.77 -18.64
CA THR A 514 23.70 69.89 -17.48
C THR A 514 22.94 68.56 -17.54
N SER A 515 22.33 68.22 -18.68
CA SER A 515 21.67 66.90 -18.89
C SER A 515 22.23 66.27 -20.17
N GLY A 516 21.75 65.07 -20.50
CA GLY A 516 22.32 64.23 -21.57
C GLY A 516 23.28 63.19 -21.02
N VAL A 517 23.71 62.26 -21.85
CA VAL A 517 24.57 61.11 -21.43
C VAL A 517 25.23 60.48 -22.66
N ALA A 518 26.42 59.90 -22.48
CA ALA A 518 27.13 59.10 -23.50
C ALA A 518 27.40 57.71 -22.92
N VAL A 519 26.90 56.67 -23.59
CA VAL A 519 27.19 55.25 -23.29
C VAL A 519 28.11 54.72 -24.39
N ILE A 520 29.20 54.05 -24.02
CA ILE A 520 30.15 53.41 -24.98
C ILE A 520 30.27 51.94 -24.59
N GLU A 521 30.05 51.02 -25.53
CA GLU A 521 30.04 49.57 -25.26
C GLU A 521 30.78 48.79 -26.35
N GLY A 522 31.46 47.72 -25.93
CA GLY A 522 31.98 46.65 -26.79
C GLY A 522 31.54 45.31 -26.26
N ASN A 523 31.39 44.30 -27.13
CA ASN A 523 30.89 42.96 -26.75
C ASN A 523 31.98 41.90 -26.95
N ASN A 524 33.26 42.32 -27.01
CA ASN A 524 34.41 41.41 -27.29
C ASN A 524 35.56 41.74 -26.35
N PRO A 525 35.92 40.83 -25.42
CA PRO A 525 37.02 41.05 -24.48
C PRO A 525 38.41 41.28 -25.09
N SER A 526 38.59 40.98 -26.38
CA SER A 526 39.89 41.05 -27.08
C SER A 526 40.06 42.41 -27.76
N LEU A 527 39.05 43.30 -27.65
CA LEU A 527 39.03 44.62 -28.31
C LEU A 527 40.32 45.37 -27.94
N ARG A 528 41.13 45.73 -28.93
CA ARG A 528 42.32 46.60 -28.74
C ARG A 528 42.32 47.65 -29.84
N LEU A 529 42.29 48.93 -29.46
CA LEU A 529 42.42 50.06 -30.40
C LEU A 529 43.89 50.20 -30.81
N LYS A 530 44.12 50.54 -32.06
CA LYS A 530 45.45 50.94 -32.58
C LYS A 530 45.78 52.31 -31.96
N ALA A 531 47.06 52.63 -31.78
CA ALA A 531 47.58 53.93 -31.31
C ALA A 531 46.93 55.08 -32.08
N SER A 532 46.60 54.85 -33.34
CA SER A 532 46.03 55.84 -34.30
C SER A 532 44.50 55.98 -34.15
N ASP A 533 43.83 55.04 -33.48
CA ASP A 533 42.35 54.99 -33.42
C ASP A 533 41.83 56.05 -32.44
N ARG A 534 40.79 56.79 -32.85
CA ARG A 534 39.99 57.62 -31.92
C ARG A 534 38.49 57.35 -32.14
N VAL A 535 37.73 57.40 -31.04
CA VAL A 535 36.25 57.30 -31.00
C VAL A 535 35.72 58.70 -30.67
N VAL A 536 35.16 59.35 -31.69
CA VAL A 536 34.60 60.73 -31.63
C VAL A 536 33.10 60.62 -31.36
N VAL A 537 32.64 61.11 -30.21
CA VAL A 537 31.21 61.01 -29.77
C VAL A 537 30.58 62.40 -29.76
N ASN A 538 29.66 62.66 -30.68
CA ASN A 538 28.92 63.96 -30.78
C ASN A 538 27.91 64.00 -29.63
N MET A 539 28.10 64.91 -28.68
CA MET A 539 27.20 65.07 -27.49
C MET A 539 26.05 66.03 -27.81
N GLY A 540 26.17 66.84 -28.87
CA GLY A 540 25.13 67.80 -29.30
C GLY A 540 25.60 69.23 -29.10
N ALA A 541 24.92 70.18 -29.75
CA ALA A 541 25.36 71.58 -29.89
C ALA A 541 25.19 72.34 -28.57
N ALA A 542 24.57 71.74 -27.56
CA ALA A 542 24.43 72.32 -26.20
C ALA A 542 25.67 72.02 -25.36
N HIS A 543 26.60 71.22 -25.87
CA HIS A 543 27.69 70.63 -25.06
C HIS A 543 29.06 70.96 -25.64
N LYS A 544 29.23 72.16 -26.21
CA LYS A 544 30.54 72.66 -26.72
C LYS A 544 31.42 73.08 -25.53
N ASN A 545 32.70 72.71 -25.55
CA ASN A 545 33.73 73.18 -24.57
C ASN A 545 33.23 72.94 -23.15
N GLN A 546 32.99 71.68 -22.77
CA GLN A 546 32.27 71.35 -21.52
C GLN A 546 32.98 70.22 -20.78
N ALA A 547 32.98 70.31 -19.45
CA ALA A 547 33.51 69.29 -18.53
C ALA A 547 32.51 68.12 -18.44
N TYR A 548 33.02 66.89 -18.61
CA TYR A 548 32.28 65.62 -18.45
C TYR A 548 33.02 64.79 -17.40
N ARG A 549 32.30 63.93 -16.69
CA ARG A 549 32.89 63.03 -15.67
C ARG A 549 32.24 61.65 -15.83
N PRO A 550 32.93 60.56 -15.43
CA PRO A 550 32.38 59.22 -15.54
C PRO A 550 31.25 58.94 -14.54
N LEU A 551 30.27 58.13 -14.94
CA LEU A 551 29.21 57.55 -14.08
C LEU A 551 29.52 56.06 -13.83
N LEU A 552 29.91 55.32 -14.86
CA LEU A 552 30.39 53.92 -14.77
C LEU A 552 31.65 53.77 -15.61
N LEU A 553 32.65 53.06 -15.11
CA LEU A 553 33.87 52.68 -15.88
C LEU A 553 34.18 51.22 -15.59
N THR A 554 34.52 50.48 -16.64
CA THR A 554 34.98 49.07 -16.53
C THR A 554 36.38 49.10 -15.93
N THR A 555 36.61 48.22 -14.95
CA THR A 555 37.90 47.95 -14.29
C THR A 555 38.29 46.49 -14.54
N ASP A 556 39.48 46.09 -14.09
CA ASP A 556 39.99 44.70 -14.22
C ASP A 556 39.01 43.73 -13.51
N ASN A 557 38.43 44.11 -12.37
CA ASN A 557 37.62 43.16 -11.54
C ASN A 557 36.13 43.43 -11.68
N GLY A 558 35.70 44.58 -12.22
CA GLY A 558 34.27 44.81 -12.49
C GLY A 558 33.95 46.19 -13.03
N ILE A 559 33.06 46.91 -12.33
CA ILE A 559 32.56 48.24 -12.73
C ILE A 559 32.66 49.16 -11.51
N LYS A 560 33.33 50.30 -11.67
CA LYS A 560 33.42 51.38 -10.66
C LYS A 560 32.27 52.35 -10.94
N ALA A 561 31.38 52.55 -9.96
CA ALA A 561 30.27 53.53 -10.02
C ALA A 561 30.72 54.84 -9.34
N TYR A 562 30.37 55.98 -9.93
CA TYR A 562 30.61 57.33 -9.39
C TYR A 562 29.27 57.97 -9.04
N HIS A 563 29.05 58.22 -7.74
CA HIS A 563 27.75 58.67 -7.16
C HIS A 563 27.67 60.20 -7.09
N SER A 564 28.71 60.93 -7.52
CA SER A 564 28.72 62.42 -7.50
C SER A 564 29.83 62.96 -8.40
N ASP A 565 29.75 64.23 -8.78
CA ASP A 565 30.82 64.93 -9.54
C ASP A 565 32.14 64.82 -8.76
N GLN A 566 32.10 64.99 -7.42
CA GLN A 566 33.30 65.06 -6.54
C GLN A 566 34.02 63.71 -6.48
N GLU A 567 33.26 62.60 -6.41
CA GLU A 567 33.81 61.21 -6.43
C GLU A 567 34.65 61.02 -7.71
N ALA A 568 34.36 61.75 -8.78
CA ALA A 568 34.96 61.57 -10.12
C ALA A 568 35.93 62.72 -10.44
N ALA A 569 36.21 63.60 -9.48
CA ALA A 569 36.97 64.86 -9.65
C ALA A 569 38.26 64.64 -10.47
N GLY A 570 38.95 63.50 -10.26
CA GLY A 570 40.26 63.20 -10.87
C GLY A 570 40.17 62.76 -12.32
N LEU A 571 38.97 62.48 -12.84
CA LEU A 571 38.80 61.80 -14.15
C LEU A 571 38.05 62.71 -15.13
N VAL A 572 37.98 64.01 -14.85
CA VAL A 572 37.24 64.98 -15.71
C VAL A 572 37.94 65.02 -17.07
N ARG A 573 37.13 65.09 -18.14
CA ARG A 573 37.60 65.33 -19.53
C ARG A 573 36.63 66.33 -20.16
N TYR A 574 36.96 66.82 -21.35
CA TYR A 574 36.27 67.95 -22.00
C TYR A 574 35.83 67.56 -23.41
N THR A 575 34.71 68.15 -23.84
CA THR A 575 34.32 68.20 -25.27
C THR A 575 35.17 69.29 -25.92
N ASN A 576 35.35 69.21 -27.23
CA ASN A 576 36.02 70.24 -28.06
C ASN A 576 34.97 71.29 -28.49
N ASP A 577 35.34 72.20 -29.38
CA ASP A 577 34.48 73.34 -29.81
C ASP A 577 33.30 72.83 -30.66
N ARG A 578 33.30 71.56 -31.09
CA ARG A 578 32.21 70.97 -31.92
C ARG A 578 31.25 70.14 -31.05
N GLY A 579 31.51 70.00 -29.75
CA GLY A 579 30.66 69.26 -28.80
C GLY A 579 30.95 67.76 -28.81
N GLU A 580 32.18 67.37 -29.19
CA GLU A 580 32.61 65.96 -29.24
C GLU A 580 33.48 65.63 -28.03
N LEU A 581 33.17 64.55 -27.32
CA LEU A 581 34.13 63.79 -26.47
C LEU A 581 34.98 62.92 -27.40
N ILE A 582 36.26 62.71 -27.07
CA ILE A 582 37.19 61.91 -27.90
C ILE A 582 37.91 60.91 -26.98
N PHE A 583 37.89 59.62 -27.34
CA PHE A 583 38.49 58.51 -26.56
C PHE A 583 39.53 57.77 -27.41
N THR A 584 40.57 57.21 -26.77
CA THR A 584 41.69 56.48 -27.43
C THR A 584 41.87 55.16 -26.68
N ALA A 585 42.93 54.40 -27.03
CA ALA A 585 43.30 53.10 -26.41
C ALA A 585 43.45 53.26 -24.89
N ALA A 586 43.90 54.43 -24.43
CA ALA A 586 44.08 54.77 -22.99
C ALA A 586 42.77 54.64 -22.23
N ASP A 587 41.62 54.82 -22.90
CA ASP A 587 40.26 54.90 -22.30
C ASP A 587 39.51 53.59 -22.54
N ILE A 588 39.56 53.07 -23.77
CA ILE A 588 38.71 51.92 -24.24
C ILE A 588 39.62 50.73 -24.58
N LYS A 589 39.33 49.59 -23.97
CA LYS A 589 39.87 48.26 -24.36
C LYS A 589 38.91 47.19 -23.85
N GLY A 590 39.07 45.96 -24.34
CA GLY A 590 38.30 44.80 -23.90
C GLY A 590 38.75 44.34 -22.53
N TYR A 591 37.80 43.84 -21.74
CA TYR A 591 37.98 43.27 -20.38
C TYR A 591 37.21 41.95 -20.33
N ALA A 592 37.59 41.07 -19.42
CA ALA A 592 36.84 39.85 -19.07
C ALA A 592 36.84 39.73 -17.54
N ASN A 593 35.68 39.92 -16.92
CA ASN A 593 35.47 39.82 -15.45
C ASN A 593 34.04 39.37 -15.21
N PRO A 594 33.63 39.10 -13.95
CA PRO A 594 32.28 38.60 -13.69
C PRO A 594 31.13 39.53 -14.16
N GLN A 595 31.42 40.81 -14.41
CA GLN A 595 30.38 41.81 -14.79
C GLN A 595 30.47 42.19 -16.26
N VAL A 596 31.67 42.26 -16.84
CA VAL A 596 31.90 42.78 -18.21
C VAL A 596 32.69 41.76 -19.04
N SER A 597 32.19 41.49 -20.26
CA SER A 597 32.84 40.68 -21.32
C SER A 597 32.86 41.55 -22.58
N GLY A 598 33.84 42.45 -22.69
CA GLY A 598 33.86 43.59 -23.63
C GLY A 598 34.24 44.88 -22.92
N TYR A 599 33.44 45.94 -23.04
CA TYR A 599 33.73 47.29 -22.45
C TYR A 599 32.42 48.04 -22.17
N LEU A 600 32.39 48.77 -21.06
CA LEU A 600 31.31 49.73 -20.69
C LEU A 600 31.95 51.00 -20.13
N GLY A 601 31.54 52.14 -20.68
CA GLY A 601 31.85 53.50 -20.20
C GLY A 601 30.62 54.37 -20.31
N VAL A 602 30.24 55.03 -19.21
CA VAL A 602 29.09 55.97 -19.19
C VAL A 602 29.58 57.30 -18.62
N TRP A 603 29.29 58.39 -19.33
CA TRP A 603 29.76 59.76 -19.04
C TRP A 603 28.56 60.71 -18.96
N VAL A 604 28.59 61.63 -17.99
CA VAL A 604 27.55 62.68 -17.76
C VAL A 604 28.23 64.03 -17.66
N PRO A 605 27.53 65.13 -18.01
CA PRO A 605 28.11 66.46 -17.89
C PRO A 605 28.27 66.82 -16.40
N VAL A 606 29.36 67.50 -16.05
CA VAL A 606 29.61 68.06 -14.68
C VAL A 606 28.58 69.16 -14.41
N GLY A 607 28.08 69.25 -13.18
CA GLY A 607 27.48 70.47 -12.63
C GLY A 607 25.97 70.42 -12.54
N ALA A 608 25.35 69.25 -12.63
CA ALA A 608 23.90 69.07 -12.40
C ALA A 608 23.60 69.29 -10.92
N ALA A 609 22.62 70.13 -10.61
CA ALA A 609 22.11 70.33 -9.23
C ALA A 609 21.76 68.96 -8.63
N ALA A 610 21.89 68.83 -7.31
CA ALA A 610 21.59 67.60 -6.55
C ALA A 610 20.17 67.12 -6.87
N ASP A 611 19.22 68.04 -7.09
CA ASP A 611 17.78 67.71 -7.24
C ASP A 611 17.31 67.89 -8.70
N GLN A 612 18.24 68.02 -9.65
CA GLN A 612 17.92 68.08 -11.11
C GLN A 612 17.15 66.82 -11.50
N ASP A 613 16.07 67.02 -12.24
CA ASP A 613 15.06 65.99 -12.60
C ASP A 613 14.49 66.42 -13.96
N VAL A 614 14.88 65.73 -15.03
CA VAL A 614 14.56 66.15 -16.43
C VAL A 614 13.33 65.39 -16.93
N ARG A 615 12.62 64.70 -16.02
CA ARG A 615 11.37 63.99 -16.36
C ARG A 615 10.27 65.02 -16.58
N VAL A 616 9.16 64.57 -17.16
CA VAL A 616 8.05 65.42 -17.65
C VAL A 616 6.75 64.67 -17.35
N ALA A 617 5.71 65.37 -16.89
CA ALA A 617 4.39 64.76 -16.60
C ALA A 617 3.54 64.79 -17.87
N ALA A 618 2.61 63.84 -17.98
CA ALA A 618 1.60 63.77 -19.06
C ALA A 618 0.71 65.01 -19.00
N SER A 619 0.33 65.54 -20.16
CA SER A 619 -0.56 66.71 -20.36
C SER A 619 -2.04 66.25 -20.32
N THR A 620 -2.96 67.19 -20.08
CA THR A 620 -4.44 66.97 -20.19
C THR A 620 -4.96 67.45 -21.54
N ALA A 621 -4.08 67.95 -22.41
CA ALA A 621 -4.42 68.30 -23.81
C ALA A 621 -5.09 67.10 -24.46
N PRO A 622 -6.22 67.28 -25.15
CA PRO A 622 -6.95 66.15 -25.72
C PRO A 622 -6.10 65.38 -26.74
N SER A 623 -6.19 64.05 -26.74
CA SER A 623 -5.56 63.17 -27.76
C SER A 623 -6.35 63.30 -29.06
N THR A 624 -5.66 63.33 -30.21
CA THR A 624 -6.32 63.64 -31.51
C THR A 624 -5.92 62.64 -32.60
N ASP A 625 -5.10 61.61 -32.32
CA ASP A 625 -4.61 60.66 -33.35
C ASP A 625 -5.35 59.31 -33.30
N GLY A 626 -6.30 59.13 -32.38
CA GLY A 626 -7.12 57.90 -32.26
C GLY A 626 -6.44 56.81 -31.43
N LYS A 627 -5.33 57.13 -30.76
CA LYS A 627 -4.61 56.19 -29.87
C LYS A 627 -4.71 56.70 -28.43
N SER A 628 -4.66 55.78 -27.47
CA SER A 628 -4.70 56.10 -26.02
C SER A 628 -3.27 56.40 -25.52
N VAL A 629 -2.33 55.46 -25.72
CA VAL A 629 -0.94 55.61 -25.21
C VAL A 629 -0.07 56.20 -26.32
N HIS A 630 0.77 57.18 -25.97
CA HIS A 630 1.72 57.87 -26.89
C HIS A 630 3.13 57.81 -26.30
N GLN A 631 4.09 57.29 -27.08
CA GLN A 631 5.50 57.19 -26.64
C GLN A 631 6.19 58.56 -26.83
N ASN A 632 5.83 59.51 -25.96
CA ASN A 632 6.41 60.87 -25.94
C ASN A 632 7.36 60.97 -24.74
N ALA A 633 7.89 62.15 -24.46
CA ALA A 633 8.83 62.39 -23.34
C ALA A 633 8.20 61.99 -22.01
N ALA A 634 6.86 62.09 -21.87
CA ALA A 634 6.17 61.76 -20.60
C ALA A 634 6.14 60.25 -20.40
N LEU A 635 5.86 59.46 -21.45
CA LEU A 635 5.89 57.97 -21.31
C LEU A 635 7.35 57.52 -21.14
N ASP A 636 8.28 58.16 -21.85
CA ASP A 636 9.73 57.90 -21.74
C ASP A 636 10.22 58.18 -20.32
N SER A 637 9.49 58.99 -19.54
CA SER A 637 9.86 59.39 -18.15
C SER A 637 9.52 58.27 -17.17
N ARG A 638 8.71 57.29 -17.59
CA ARG A 638 8.25 56.18 -16.71
C ARG A 638 9.30 55.08 -16.65
N VAL A 639 9.34 54.35 -15.54
CA VAL A 639 10.12 53.10 -15.35
C VAL A 639 9.22 52.05 -14.69
N MET A 640 9.21 50.86 -15.28
CA MET A 640 8.45 49.69 -14.79
C MET A 640 9.40 48.83 -13.95
N PHE A 641 8.93 48.30 -12.82
CA PHE A 641 9.68 47.36 -11.96
C PHE A 641 8.88 46.07 -11.82
N GLU A 642 9.41 44.97 -12.35
CA GLU A 642 8.84 43.62 -12.16
C GLU A 642 9.32 43.12 -10.79
N GLY A 643 8.48 43.26 -9.75
CA GLY A 643 8.90 43.22 -8.34
C GLY A 643 8.72 41.86 -7.71
N PHE A 644 9.10 40.79 -8.41
CA PHE A 644 9.20 39.42 -7.85
C PHE A 644 10.11 38.55 -8.70
N SER A 645 10.51 37.40 -8.13
CA SER A 645 11.15 36.25 -8.80
C SER A 645 10.31 35.01 -8.54
N ASN A 646 10.20 34.12 -9.53
CA ASN A 646 9.59 32.78 -9.37
C ASN A 646 10.25 32.09 -8.17
N PHE A 647 11.58 32.22 -8.03
CA PHE A 647 12.41 31.35 -7.17
C PHE A 647 12.71 32.02 -5.82
N GLN A 648 11.99 33.09 -5.48
CA GLN A 648 12.01 33.68 -4.12
C GLN A 648 11.77 32.56 -3.11
N ALA A 649 12.57 32.52 -2.04
CA ALA A 649 12.37 31.59 -0.90
C ALA A 649 11.03 31.90 -0.23
N PHE A 650 10.34 30.89 0.31
CA PHE A 650 9.14 31.06 1.16
C PHE A 650 9.54 31.81 2.43
N ALA A 651 8.65 32.68 2.92
CA ALA A 651 8.86 33.51 4.13
C ALA A 651 8.82 32.61 5.38
N THR A 652 9.75 32.80 6.32
CA THR A 652 9.80 32.08 7.62
C THR A 652 9.04 32.88 8.70
N LYS A 653 8.90 34.21 8.53
CA LYS A 653 8.27 35.10 9.53
C LYS A 653 7.69 36.35 8.83
N LYS A 654 6.74 37.04 9.47
CA LYS A 654 5.94 38.16 8.90
C LYS A 654 6.85 39.20 8.23
N GLU A 655 7.98 39.56 8.85
CA GLU A 655 8.81 40.70 8.37
C GLU A 655 9.55 40.32 7.09
N GLU A 656 9.47 39.06 6.63
CA GLU A 656 10.08 38.58 5.37
C GLU A 656 9.03 38.47 4.24
N TYR A 657 7.74 38.56 4.55
CA TYR A 657 6.65 38.59 3.53
C TYR A 657 6.93 39.76 2.56
N THR A 658 6.90 39.49 1.25
CA THR A 658 7.32 40.45 0.19
C THR A 658 6.48 41.74 0.31
N ASN A 659 5.18 41.64 0.49
CA ASN A 659 4.27 42.83 0.54
C ASN A 659 4.57 43.67 1.78
N VAL A 660 5.05 43.05 2.86
CA VAL A 660 5.44 43.79 4.10
C VAL A 660 6.77 44.51 3.82
N VAL A 661 7.69 43.87 3.11
CA VAL A 661 9.01 44.46 2.74
C VAL A 661 8.80 45.60 1.73
N ILE A 662 7.82 45.44 0.81
CA ILE A 662 7.51 46.46 -0.23
C ILE A 662 7.05 47.75 0.46
N ALA A 663 6.14 47.65 1.44
CA ALA A 663 5.63 48.81 2.23
C ALA A 663 6.80 49.50 2.95
N LYS A 664 7.73 48.73 3.52
CA LYS A 664 8.86 49.25 4.33
C LYS A 664 9.90 49.95 3.43
N ASN A 665 10.09 49.53 2.17
CA ASN A 665 11.21 50.00 1.30
C ASN A 665 10.72 50.91 0.16
N VAL A 666 9.51 51.46 0.28
CA VAL A 666 8.82 52.19 -0.82
C VAL A 666 9.61 53.46 -1.18
N ASP A 667 10.48 53.95 -0.29
CA ASP A 667 11.35 55.13 -0.55
C ASP A 667 12.43 54.74 -1.56
N LYS A 668 12.89 53.49 -1.55
CA LYS A 668 13.89 52.96 -2.51
C LYS A 668 13.32 53.08 -3.93
N PHE A 669 12.11 52.56 -4.14
CA PHE A 669 11.45 52.51 -5.47
C PHE A 669 11.32 53.92 -6.05
N ALA A 670 10.92 54.90 -5.22
CA ALA A 670 10.76 56.32 -5.61
C ALA A 670 12.12 56.90 -6.00
N GLU A 671 13.16 56.61 -5.21
CA GLU A 671 14.56 57.01 -5.45
C GLU A 671 15.03 56.50 -6.82
N TRP A 672 14.61 55.29 -7.21
CA TRP A 672 14.97 54.61 -8.47
C TRP A 672 14.15 55.15 -9.66
N GLY A 673 13.10 55.93 -9.40
CA GLY A 673 12.24 56.49 -10.45
C GLY A 673 11.22 55.47 -10.94
N VAL A 674 10.95 54.44 -10.13
CA VAL A 674 9.89 53.45 -10.47
C VAL A 674 8.55 54.19 -10.42
N THR A 675 7.81 54.19 -11.52
CA THR A 675 6.48 54.85 -11.65
C THR A 675 5.39 53.78 -11.73
N ASP A 676 5.76 52.54 -12.08
CA ASP A 676 4.80 51.41 -12.31
C ASP A 676 5.38 50.16 -11.66
N PHE A 677 4.77 49.71 -10.56
CA PHE A 677 5.17 48.51 -9.80
C PHE A 677 4.31 47.34 -10.28
N GLU A 678 4.93 46.43 -11.02
CA GLU A 678 4.29 45.19 -11.50
C GLU A 678 4.42 44.15 -10.38
N MET A 679 3.38 43.99 -9.57
CA MET A 679 3.36 42.96 -8.50
C MET A 679 3.14 41.60 -9.17
N ALA A 680 3.63 40.54 -8.52
CA ALA A 680 3.25 39.15 -8.83
C ALA A 680 1.74 39.03 -8.83
N PRO A 681 1.18 38.03 -9.53
CA PRO A 681 -0.22 37.66 -9.34
C PRO A 681 -0.43 37.35 -7.86
N GLN A 682 -1.51 37.84 -7.25
CA GLN A 682 -1.72 37.83 -5.78
C GLN A 682 -2.70 36.71 -5.39
N TYR A 683 -3.06 35.84 -6.33
CA TYR A 683 -4.03 34.73 -6.14
C TYR A 683 -3.33 33.65 -5.31
N VAL A 684 -4.09 33.06 -4.38
CA VAL A 684 -3.58 31.98 -3.49
C VAL A 684 -3.19 30.81 -4.38
N SER A 685 -1.96 30.31 -4.24
CA SER A 685 -1.44 29.26 -5.16
C SER A 685 -2.09 27.91 -4.82
N SER A 686 -2.36 27.10 -5.83
CA SER A 686 -2.56 25.64 -5.70
C SER A 686 -1.22 24.99 -5.34
N THR A 687 -1.24 23.73 -4.87
CA THR A 687 -0.06 23.01 -4.32
C THR A 687 0.08 21.62 -4.96
N ASP A 688 -0.66 21.33 -6.04
CA ASP A 688 -0.60 20.04 -6.79
C ASP A 688 0.83 19.72 -7.24
N GLY A 689 1.66 20.71 -7.58
CA GLY A 689 3.05 20.51 -8.05
C GLY A 689 3.13 20.02 -9.49
N SER A 690 2.06 20.15 -10.29
CA SER A 690 1.97 19.63 -11.68
C SER A 690 2.75 20.52 -12.67
N PHE A 691 3.25 21.67 -12.21
CA PHE A 691 4.05 22.64 -13.00
C PHE A 691 4.87 23.49 -12.05
N LEU A 692 5.94 24.10 -12.56
CA LEU A 692 6.84 25.01 -11.78
C LEU A 692 6.01 26.00 -10.96
N ASP A 693 5.00 26.64 -11.58
CA ASP A 693 4.16 27.70 -10.95
C ASP A 693 3.52 27.15 -9.67
N SER A 694 3.12 25.87 -9.66
CA SER A 694 2.42 25.18 -8.54
C SER A 694 3.42 24.64 -7.51
N VAL A 695 4.72 24.60 -7.83
CA VAL A 695 5.81 24.14 -6.92
C VAL A 695 6.37 25.33 -6.14
N ILE A 696 6.71 26.44 -6.80
CA ILE A 696 7.29 27.63 -6.10
C ILE A 696 6.20 28.67 -5.80
N GLN A 697 4.95 28.38 -6.16
CA GLN A 697 3.73 29.09 -5.68
C GLN A 697 3.81 30.59 -6.02
N ASN A 698 4.03 30.94 -7.30
CA ASN A 698 4.28 32.35 -7.72
C ASN A 698 2.97 33.13 -7.76
N GLY A 699 1.84 32.45 -8.00
CA GLY A 699 0.49 33.05 -8.09
C GLY A 699 -0.18 32.79 -9.44
N TYR A 700 0.52 32.18 -10.41
CA TYR A 700 -0.01 31.89 -11.76
C TYR A 700 -0.82 30.58 -11.78
N ALA A 701 -0.72 29.76 -10.73
CA ALA A 701 -1.47 28.49 -10.59
C ALA A 701 -2.44 28.63 -9.42
N PHE A 702 -3.74 28.70 -9.69
CA PHE A 702 -4.76 29.02 -8.64
C PHE A 702 -6.09 28.36 -8.96
N THR A 703 -6.89 28.17 -7.92
CA THR A 703 -8.26 27.58 -7.96
C THR A 703 -9.32 28.68 -7.78
N ASP A 704 -8.96 29.81 -7.18
CA ASP A 704 -9.93 30.87 -6.82
C ASP A 704 -9.40 32.23 -7.30
N ARG A 705 -10.03 32.79 -8.33
CA ARG A 705 -9.59 34.04 -9.01
C ARG A 705 -9.70 35.26 -8.08
N TYR A 706 -10.60 35.23 -7.09
CA TYR A 706 -10.85 36.38 -6.17
C TYR A 706 -10.16 36.20 -4.83
N ASP A 707 -9.41 35.10 -4.62
CA ASP A 707 -8.77 34.78 -3.32
C ASP A 707 -7.38 35.44 -3.27
N LEU A 708 -7.34 36.75 -3.02
CA LEU A 708 -6.07 37.51 -3.01
C LEU A 708 -5.52 37.53 -1.59
N GLY A 709 -5.09 36.37 -1.11
CA GLY A 709 -4.58 36.15 0.25
C GLY A 709 -5.67 36.35 1.30
N ILE A 710 -6.91 36.00 0.98
CA ILE A 710 -8.10 36.24 1.85
C ILE A 710 -8.34 35.02 2.75
N SER A 711 -8.47 33.83 2.16
CA SER A 711 -8.79 32.57 2.89
C SER A 711 -7.55 32.05 3.63
N LYS A 712 -6.38 32.65 3.38
CA LYS A 712 -5.05 32.07 3.70
C LYS A 712 -4.04 33.04 3.09
N PRO A 713 -2.83 33.23 3.66
CA PRO A 713 -1.81 34.06 3.02
C PRO A 713 -1.47 33.52 1.62
N ASN A 714 -1.19 34.40 0.66
CA ASN A 714 -0.44 34.03 -0.58
C ASN A 714 1.04 34.00 -0.19
N LYS A 715 1.94 33.67 -1.11
CA LYS A 715 3.41 33.61 -0.87
C LYS A 715 3.92 34.97 -0.39
N TYR A 716 3.21 36.05 -0.70
CA TYR A 716 3.70 37.45 -0.57
C TYR A 716 3.10 38.09 0.69
N GLY A 717 2.10 37.43 1.28
CA GLY A 717 1.53 37.79 2.60
C GLY A 717 0.02 37.65 2.63
N THR A 718 -0.61 38.33 3.58
CA THR A 718 -2.08 38.36 3.78
C THR A 718 -2.69 39.40 2.83
N ALA A 719 -3.99 39.31 2.61
CA ALA A 719 -4.80 40.34 1.92
C ALA A 719 -4.54 41.72 2.54
N ASP A 720 -4.34 41.80 3.87
CA ASP A 720 -4.14 43.09 4.57
C ASP A 720 -2.72 43.60 4.26
N ASP A 721 -1.75 42.69 4.13
CA ASP A 721 -0.35 43.02 3.75
C ASP A 721 -0.33 43.63 2.33
N LEU A 722 -1.11 43.06 1.41
CA LEU A 722 -1.28 43.53 0.01
C LEU A 722 -1.87 44.94 0.02
N VAL A 723 -3.00 45.11 0.72
CA VAL A 723 -3.69 46.42 0.88
C VAL A 723 -2.66 47.47 1.34
N LYS A 724 -1.83 47.14 2.34
CA LYS A 724 -0.87 48.11 2.93
C LYS A 724 0.26 48.41 1.93
N ALA A 725 0.65 47.43 1.12
CA ALA A 725 1.71 47.59 0.09
C ALA A 725 1.23 48.55 -1.00
N ILE A 726 -0.02 48.39 -1.45
CA ILE A 726 -0.63 49.25 -2.51
C ILE A 726 -0.69 50.69 -1.99
N LYS A 727 -1.13 50.89 -0.74
CA LYS A 727 -1.27 52.24 -0.11
C LYS A 727 0.10 52.90 0.02
N ALA A 728 1.11 52.15 0.42
CA ALA A 728 2.51 52.64 0.59
C ALA A 728 3.05 53.12 -0.78
N LEU A 729 2.92 52.32 -1.83
CA LEU A 729 3.30 52.70 -3.21
C LEU A 729 2.53 53.97 -3.63
N HIS A 730 1.21 54.01 -3.40
CA HIS A 730 0.35 55.17 -3.76
C HIS A 730 0.80 56.44 -3.02
N SER A 731 1.35 56.31 -1.81
CA SER A 731 1.79 57.46 -0.97
C SER A 731 3.01 58.12 -1.61
N LYS A 732 3.71 57.44 -2.52
CA LYS A 732 4.87 57.99 -3.27
C LYS A 732 4.48 58.24 -4.73
N GLY A 733 3.20 58.08 -5.07
CA GLY A 733 2.68 58.38 -6.42
C GLY A 733 3.00 57.29 -7.44
N ILE A 734 3.36 56.10 -6.97
CA ILE A 734 3.71 54.92 -7.81
C ILE A 734 2.43 54.15 -8.12
N LYS A 735 2.22 53.78 -9.39
CA LYS A 735 1.05 52.98 -9.83
C LYS A 735 1.35 51.49 -9.59
N VAL A 736 0.32 50.67 -9.45
CA VAL A 736 0.45 49.23 -9.10
C VAL A 736 -0.36 48.39 -10.08
N MET A 737 0.27 47.37 -10.66
CA MET A 737 -0.29 46.55 -11.76
C MET A 737 -0.78 45.19 -11.23
N ALA A 738 -2.01 44.83 -11.57
CA ALA A 738 -2.64 43.52 -11.28
C ALA A 738 -2.43 42.58 -12.47
N ASP A 739 -1.90 41.38 -12.21
CA ASP A 739 -1.62 40.36 -13.25
C ASP A 739 -2.94 39.64 -13.55
N TRP A 740 -3.56 39.96 -14.69
CA TRP A 740 -4.84 39.38 -15.18
C TRP A 740 -4.54 38.09 -15.94
N VAL A 741 -5.04 36.95 -15.44
CA VAL A 741 -4.59 35.58 -15.86
C VAL A 741 -5.81 34.77 -16.23
N PRO A 742 -6.43 35.02 -17.41
CA PRO A 742 -7.66 34.34 -17.79
C PRO A 742 -7.50 33.01 -18.53
N ASP A 743 -6.26 32.57 -18.79
CA ASP A 743 -6.02 31.38 -19.66
C ASP A 743 -6.48 30.09 -18.96
N GLN A 744 -6.18 29.90 -17.68
CA GLN A 744 -6.30 28.56 -17.05
C GLN A 744 -6.48 28.65 -15.54
N MET A 745 -6.96 27.55 -14.95
CA MET A 745 -7.07 27.36 -13.47
C MET A 745 -6.61 25.94 -13.10
N TYR A 746 -6.17 25.76 -11.86
CA TYR A 746 -5.59 24.48 -11.33
C TYR A 746 -6.46 23.88 -10.22
N ALA A 747 -6.44 22.55 -10.11
CA ALA A 747 -6.65 21.79 -8.84
C ALA A 747 -8.06 22.07 -8.29
N PHE A 748 -9.10 21.93 -9.09
CA PHE A 748 -10.49 22.07 -8.62
C PHE A 748 -10.77 20.95 -7.63
N PRO A 749 -11.46 21.22 -6.49
CA PRO A 749 -11.68 20.21 -5.46
C PRO A 749 -12.77 19.16 -5.78
N GLU A 750 -13.69 19.40 -6.71
CA GLU A 750 -14.81 18.49 -7.03
C GLU A 750 -14.64 17.89 -8.43
N LYS A 751 -14.92 16.59 -8.59
CA LYS A 751 -14.75 15.83 -9.85
C LYS A 751 -16.00 15.98 -10.71
N GLU A 752 -15.87 15.69 -12.00
CA GLU A 752 -16.95 15.81 -13.02
C GLU A 752 -16.62 14.85 -14.17
N VAL A 753 -17.65 14.28 -14.79
CA VAL A 753 -17.49 13.34 -15.94
C VAL A 753 -17.86 14.12 -17.20
N VAL A 754 -16.98 14.07 -18.19
CA VAL A 754 -17.08 14.85 -19.46
C VAL A 754 -16.87 13.85 -20.60
N THR A 755 -17.47 14.11 -21.75
CA THR A 755 -17.15 13.45 -23.03
C THR A 755 -15.93 14.17 -23.61
N ALA A 756 -14.80 13.46 -23.75
CA ALA A 756 -13.48 14.05 -24.05
C ALA A 756 -12.86 13.38 -25.30
N THR A 757 -11.97 14.11 -25.96
CA THR A 757 -11.17 13.65 -27.11
C THR A 757 -9.71 14.07 -26.90
N ARG A 758 -8.78 13.12 -27.00
CA ARG A 758 -7.33 13.39 -26.92
C ARG A 758 -6.95 14.30 -28.10
N VAL A 759 -6.19 15.36 -27.85
CA VAL A 759 -5.81 16.40 -28.86
C VAL A 759 -4.40 16.94 -28.57
N ASP A 760 -3.79 17.54 -29.60
CA ASP A 760 -2.52 18.30 -29.46
C ASP A 760 -2.87 19.70 -28.93
N LYS A 761 -1.88 20.56 -28.70
CA LYS A 761 -2.09 21.83 -27.99
C LYS A 761 -2.94 22.79 -28.83
N PHE A 762 -3.15 22.50 -30.12
CA PHE A 762 -3.99 23.29 -31.05
C PHE A 762 -5.43 22.74 -31.02
N GLY A 763 -5.66 21.62 -30.32
CA GLY A 763 -6.98 20.96 -30.22
C GLY A 763 -7.30 20.04 -31.39
N LYS A 764 -6.32 19.68 -32.23
CA LYS A 764 -6.50 18.68 -33.32
C LYS A 764 -6.52 17.29 -32.70
N PRO A 765 -7.54 16.45 -32.98
CA PRO A 765 -7.58 15.07 -32.47
C PRO A 765 -6.35 14.25 -32.85
N VAL A 766 -5.72 13.60 -31.86
CA VAL A 766 -4.58 12.65 -32.07
C VAL A 766 -5.18 11.31 -32.47
N GLU A 767 -5.15 10.95 -33.76
CA GLU A 767 -5.74 9.67 -34.23
C GLU A 767 -4.82 8.51 -33.79
N GLY A 768 -5.43 7.37 -33.46
CA GLY A 768 -4.78 6.25 -32.74
C GLY A 768 -4.82 6.50 -31.25
N SER A 769 -5.96 6.97 -30.75
CA SER A 769 -6.21 7.26 -29.32
C SER A 769 -7.51 6.58 -28.90
N GLN A 770 -7.48 5.87 -27.77
CA GLN A 770 -8.67 5.23 -27.16
C GLN A 770 -9.65 6.31 -26.67
N ILE A 771 -9.15 7.53 -26.37
CA ILE A 771 -9.99 8.67 -25.85
C ILE A 771 -10.52 9.47 -27.05
N LYS A 772 -11.72 9.14 -27.50
CA LYS A 772 -12.35 9.71 -28.72
C LYS A 772 -13.88 9.67 -28.53
N SER A 773 -14.49 10.79 -28.16
CA SER A 773 -15.92 10.91 -27.79
C SER A 773 -16.22 9.91 -26.65
N VAL A 774 -15.36 9.90 -25.63
CA VAL A 774 -15.24 8.88 -24.56
C VAL A 774 -15.35 9.59 -23.21
N LEU A 775 -16.01 8.98 -22.21
CA LEU A 775 -16.12 9.57 -20.85
C LEU A 775 -14.74 9.56 -20.19
N TYR A 776 -14.48 10.62 -19.42
CA TYR A 776 -13.17 10.90 -18.77
C TYR A 776 -13.50 11.69 -17.51
N VAL A 777 -12.73 11.48 -16.44
CA VAL A 777 -13.00 12.12 -15.12
C VAL A 777 -11.96 13.21 -14.91
N ALA A 778 -12.43 14.47 -14.92
CA ALA A 778 -11.63 15.70 -14.72
C ALA A 778 -11.91 16.23 -13.31
N ASP A 779 -10.94 16.93 -12.72
CA ASP A 779 -11.16 17.83 -11.56
C ASP A 779 -11.56 19.21 -12.09
N SER A 780 -12.85 19.48 -12.34
CA SER A 780 -13.29 20.77 -12.93
C SER A 780 -14.58 21.32 -12.30
N LYS A 781 -14.77 21.23 -10.98
CA LYS A 781 -15.82 22.01 -10.29
C LYS A 781 -15.23 22.70 -9.05
N SER A 782 -15.54 23.99 -8.87
CA SER A 782 -15.15 24.78 -7.68
C SER A 782 -16.13 24.43 -6.54
N SER A 783 -15.76 24.78 -5.30
CA SER A 783 -16.48 24.41 -4.05
C SER A 783 -17.93 24.96 -4.07
N GLY A 784 -18.16 26.14 -4.63
CA GLY A 784 -19.44 26.89 -4.50
C GLY A 784 -19.49 27.65 -3.17
N LYS A 785 -18.36 27.73 -2.46
CA LYS A 785 -18.24 28.28 -1.08
C LYS A 785 -16.93 29.08 -0.95
N ASP A 786 -16.38 29.55 -2.07
CA ASP A 786 -15.08 30.27 -2.15
C ASP A 786 -15.35 31.74 -2.50
N GLN A 787 -14.30 32.52 -2.73
CA GLN A 787 -14.43 33.95 -3.09
C GLN A 787 -15.15 34.05 -4.44
N GLN A 788 -14.92 33.11 -5.36
CA GLN A 788 -15.65 33.07 -6.65
C GLN A 788 -17.16 33.09 -6.37
N ALA A 789 -17.64 32.25 -5.46
CA ALA A 789 -19.08 32.11 -5.13
C ALA A 789 -19.64 33.43 -4.57
N LYS A 790 -18.82 34.22 -3.89
CA LYS A 790 -19.20 35.55 -3.35
C LYS A 790 -19.22 36.60 -4.48
N TYR A 791 -18.13 36.75 -5.23
CA TYR A 791 -17.84 37.91 -6.11
C TYR A 791 -18.20 37.64 -7.59
N GLY A 792 -18.40 36.40 -7.99
CA GLY A 792 -18.69 36.05 -9.40
C GLY A 792 -19.96 36.72 -9.90
N GLY A 793 -19.86 37.51 -10.96
CA GLY A 793 -21.01 38.21 -11.57
C GLY A 793 -21.56 39.33 -10.71
N ALA A 794 -20.93 39.63 -9.56
CA ALA A 794 -21.48 40.54 -8.52
C ALA A 794 -21.52 41.98 -9.02
N PHE A 795 -20.79 42.33 -10.09
CA PHE A 795 -20.62 43.71 -10.58
C PHE A 795 -21.19 43.87 -11.98
N LEU A 796 -21.76 42.81 -12.57
CA LEU A 796 -22.26 42.85 -13.96
C LEU A 796 -23.42 43.85 -14.09
N GLU A 797 -24.24 44.02 -13.05
CA GLU A 797 -25.42 44.93 -13.13
C GLU A 797 -24.89 46.38 -13.10
N GLU A 798 -23.97 46.69 -12.18
CA GLU A 798 -23.23 47.97 -12.08
C GLU A 798 -22.54 48.29 -13.44
N LEU A 799 -21.81 47.34 -14.02
CA LEU A 799 -21.04 47.56 -15.27
C LEU A 799 -21.99 47.79 -16.45
N GLN A 800 -23.06 47.01 -16.57
CA GLN A 800 -24.01 47.20 -17.70
C GLN A 800 -24.77 48.53 -17.54
N ALA A 801 -24.95 49.04 -16.32
CA ALA A 801 -25.69 50.29 -16.04
C ALA A 801 -24.83 51.50 -16.43
N LYS A 802 -23.56 51.51 -16.02
CA LYS A 802 -22.59 52.60 -16.28
C LYS A 802 -22.11 52.57 -17.74
N TYR A 803 -21.84 51.36 -18.28
CA TYR A 803 -21.10 51.17 -19.56
C TYR A 803 -21.86 50.22 -20.47
N PRO A 804 -23.09 50.55 -20.91
CA PRO A 804 -23.88 49.65 -21.76
C PRO A 804 -23.18 49.27 -23.08
N GLU A 805 -22.30 50.13 -23.59
CA GLU A 805 -21.60 49.93 -24.90
C GLU A 805 -20.67 48.72 -24.81
N LEU A 806 -20.07 48.42 -23.65
CA LEU A 806 -19.24 47.20 -23.45
C LEU A 806 -20.05 45.97 -23.85
N PHE A 807 -21.33 45.91 -23.48
CA PHE A 807 -22.22 44.73 -23.62
C PHE A 807 -22.99 44.80 -24.94
N ALA A 808 -22.86 45.89 -25.71
CA ALA A 808 -23.52 46.07 -27.03
C ALA A 808 -22.61 45.55 -28.13
N ARG A 809 -21.29 45.62 -27.90
CA ARG A 809 -20.25 45.23 -28.88
C ARG A 809 -20.42 43.75 -29.20
N LYS A 810 -20.50 43.45 -30.49
CA LYS A 810 -20.42 42.08 -31.04
C LYS A 810 -18.94 41.70 -31.13
N GLN A 811 -18.46 40.86 -30.22
CA GLN A 811 -17.04 40.43 -30.12
C GLN A 811 -16.67 39.74 -31.43
N ILE A 812 -15.40 39.82 -31.84
CA ILE A 812 -14.96 39.44 -33.20
C ILE A 812 -15.07 37.92 -33.38
N SER A 813 -14.58 37.12 -32.43
CA SER A 813 -14.47 35.64 -32.59
C SER A 813 -15.86 35.00 -32.62
N THR A 814 -16.81 35.51 -31.84
CA THR A 814 -18.14 34.88 -31.61
C THR A 814 -19.22 35.48 -32.51
N GLY A 815 -19.10 36.75 -32.89
CA GLY A 815 -20.13 37.47 -33.67
C GLY A 815 -21.22 38.04 -32.77
N VAL A 816 -21.11 37.89 -31.44
CA VAL A 816 -22.21 38.21 -30.49
C VAL A 816 -21.63 38.90 -29.27
N PRO A 817 -22.49 39.65 -28.51
CA PRO A 817 -22.03 40.33 -27.30
C PRO A 817 -21.72 39.36 -26.16
N MET A 818 -20.97 39.87 -25.18
CA MET A 818 -20.84 39.25 -23.84
C MET A 818 -22.26 38.98 -23.30
N ASP A 819 -22.43 37.94 -22.50
CA ASP A 819 -23.75 37.50 -21.96
C ASP A 819 -23.69 37.53 -20.44
N PRO A 820 -24.07 38.65 -19.79
CA PRO A 820 -24.03 38.77 -18.33
C PRO A 820 -25.32 38.29 -17.64
N SER A 821 -26.25 37.69 -18.40
CA SER A 821 -27.54 37.14 -17.91
C SER A 821 -27.33 35.89 -17.04
N VAL A 822 -26.14 35.30 -17.02
CA VAL A 822 -25.75 34.18 -16.11
C VAL A 822 -24.52 34.63 -15.32
N LYS A 823 -24.52 34.41 -14.00
CA LYS A 823 -23.35 34.66 -13.11
C LYS A 823 -22.65 33.32 -12.86
N ILE A 824 -21.32 33.33 -12.84
CA ILE A 824 -20.49 32.13 -12.57
C ILE A 824 -20.11 32.17 -11.08
N LYS A 825 -20.88 31.44 -10.26
CA LYS A 825 -20.62 31.25 -8.80
C LYS A 825 -19.81 29.98 -8.60
N GLN A 826 -19.97 29.01 -9.52
CA GLN A 826 -19.25 27.72 -9.52
C GLN A 826 -18.71 27.44 -10.93
N TRP A 827 -17.39 27.32 -11.07
CA TRP A 827 -16.76 26.79 -12.30
C TRP A 827 -17.17 25.32 -12.48
N SER A 828 -17.48 24.93 -13.71
CA SER A 828 -17.73 23.52 -14.12
C SER A 828 -17.23 23.33 -15.56
N ALA A 829 -17.15 22.10 -16.03
CA ALA A 829 -16.53 21.71 -17.33
C ALA A 829 -17.10 22.52 -18.50
N LYS A 830 -18.37 22.95 -18.43
CA LYS A 830 -19.03 23.62 -19.60
C LYS A 830 -18.42 24.99 -19.89
N TYR A 831 -17.62 25.55 -18.96
CA TYR A 831 -16.97 26.88 -19.08
C TYR A 831 -15.48 26.72 -19.46
N PHE A 832 -15.04 25.48 -19.74
CA PHE A 832 -13.63 25.15 -20.06
C PHE A 832 -13.56 24.47 -21.43
N ASN A 833 -12.43 24.65 -22.13
CA ASN A 833 -12.16 24.00 -23.43
C ASN A 833 -11.79 22.53 -23.18
N GLY A 834 -11.02 22.29 -22.13
CA GLY A 834 -10.42 20.97 -21.85
C GLY A 834 -9.46 21.04 -20.70
N THR A 835 -8.61 20.03 -20.55
CA THR A 835 -7.60 19.95 -19.45
C THR A 835 -6.37 19.20 -19.97
N ASN A 836 -5.22 19.43 -19.34
CA ASN A 836 -4.04 18.54 -19.45
C ASN A 836 -4.44 17.14 -18.97
N ILE A 837 -3.97 16.11 -19.68
CA ILE A 837 -4.16 14.66 -19.35
C ILE A 837 -3.74 14.43 -17.89
N LEU A 838 -4.57 13.70 -17.13
CA LEU A 838 -4.44 13.56 -15.66
C LEU A 838 -3.90 12.16 -15.27
N GLY A 839 -3.64 11.27 -16.21
CA GLY A 839 -3.11 9.92 -15.93
C GLY A 839 -4.15 9.03 -15.24
N ARG A 840 -5.39 9.10 -15.72
CA ARG A 840 -6.55 8.32 -15.22
C ARG A 840 -6.99 7.30 -16.28
N GLY A 841 -6.50 7.43 -17.51
CA GLY A 841 -6.71 6.46 -18.60
C GLY A 841 -8.08 6.58 -19.24
N ALA A 842 -8.27 5.84 -20.33
CA ALA A 842 -9.43 5.90 -21.25
C ALA A 842 -10.61 5.07 -20.74
N GLY A 843 -10.44 4.25 -19.70
CA GLY A 843 -11.46 3.31 -19.23
C GLY A 843 -11.80 3.50 -17.75
N TYR A 844 -11.47 4.66 -17.19
CA TYR A 844 -11.58 4.95 -15.73
C TYR A 844 -13.04 4.90 -15.27
N VAL A 845 -13.97 5.21 -16.17
CA VAL A 845 -15.44 5.17 -15.91
C VAL A 845 -15.95 3.78 -16.31
N LEU A 846 -16.61 3.11 -15.38
CA LEU A 846 -16.86 1.64 -15.41
C LEU A 846 -18.06 1.33 -16.29
N LYS A 847 -18.04 0.14 -16.92
CA LYS A 847 -19.12 -0.37 -17.80
C LYS A 847 -19.57 -1.76 -17.31
N ASP A 848 -20.77 -2.18 -17.68
CA ASP A 848 -21.24 -3.59 -17.58
C ASP A 848 -20.68 -4.35 -18.79
N GLN A 849 -19.93 -5.43 -18.54
CA GLN A 849 -19.09 -6.13 -19.54
C GLN A 849 -19.97 -6.71 -20.65
N ALA A 850 -21.11 -7.29 -20.25
CA ALA A 850 -22.12 -7.93 -21.14
C ALA A 850 -22.69 -6.89 -22.11
N THR A 851 -23.43 -5.91 -21.58
CA THR A 851 -24.12 -4.86 -22.38
C THR A 851 -23.09 -3.97 -23.09
N ASN A 852 -21.89 -3.78 -22.52
CA ASN A 852 -20.84 -2.84 -23.02
C ASN A 852 -21.42 -1.41 -22.99
N THR A 853 -21.96 -1.01 -21.84
CA THR A 853 -22.49 0.35 -21.58
C THR A 853 -22.04 0.80 -20.18
N TYR A 854 -21.98 2.11 -19.94
CA TYR A 854 -21.55 2.69 -18.64
C TYR A 854 -22.65 2.45 -17.59
N PHE A 855 -22.23 2.18 -16.35
CA PHE A 855 -23.12 2.17 -15.15
C PHE A 855 -23.64 3.60 -14.93
N ASN A 856 -24.97 3.72 -14.73
CA ASN A 856 -25.65 4.98 -14.31
C ASN A 856 -26.60 4.62 -13.15
N ILE A 857 -26.57 5.39 -12.07
CA ILE A 857 -27.42 5.21 -10.86
C ILE A 857 -28.86 5.66 -11.15
N TYR B 29 19.48 15.38 3.86
CA TYR B 29 20.57 14.43 3.49
C TYR B 29 21.34 13.98 4.74
N LYS B 30 22.52 13.37 4.54
CA LYS B 30 23.34 12.83 5.67
C LYS B 30 23.73 13.92 6.66
N LYS B 31 22.77 14.75 7.07
CA LYS B 31 23.03 15.83 8.05
C LYS B 31 21.78 15.89 8.93
N TYR B 32 20.63 15.53 8.37
CA TYR B 32 19.39 15.40 9.19
C TYR B 32 19.19 13.95 9.62
N GLN B 34 21.53 9.82 9.11
CA GLN B 34 22.60 8.88 9.57
C GLN B 34 22.68 8.80 11.10
N VAL B 35 21.65 8.25 11.75
CA VAL B 35 21.54 7.88 13.20
C VAL B 35 21.55 9.12 14.11
N TYR B 36 20.50 9.26 14.93
CA TYR B 36 20.37 10.30 16.00
C TYR B 36 21.63 10.27 16.88
N ASP B 37 22.00 9.09 17.40
CA ASP B 37 23.25 8.85 18.16
C ASP B 37 23.76 7.44 17.85
N ARG B 38 24.93 7.07 18.38
CA ARG B 38 25.58 5.74 18.18
C ARG B 38 24.90 4.66 19.05
N SER B 39 23.84 5.03 19.78
CA SER B 39 23.14 4.18 20.78
C SER B 39 22.15 3.23 20.09
N ALA B 40 21.69 2.22 20.83
CA ALA B 40 20.81 1.11 20.36
C ALA B 40 19.33 1.48 20.49
N GLN B 41 18.98 2.50 21.30
CA GLN B 41 17.59 3.02 21.47
C GLN B 41 17.18 3.88 20.26
N SER B 42 18.07 4.04 19.28
CA SER B 42 17.82 4.78 18.01
C SER B 42 17.45 3.81 16.88
N PHE B 43 17.77 2.53 17.03
CA PHE B 43 17.53 1.45 16.03
C PHE B 43 16.51 0.44 16.54
N GLU B 44 15.61 -0.02 15.66
CA GLU B 44 14.77 -1.22 15.88
C GLU B 44 15.60 -2.45 15.47
N HIS B 45 16.18 -3.11 16.47
CA HIS B 45 17.17 -4.21 16.31
C HIS B 45 16.59 -5.51 16.86
N VAL B 46 17.22 -6.64 16.49
CA VAL B 46 16.94 -7.98 17.09
C VAL B 46 18.29 -8.55 17.52
N ASP B 47 18.51 -8.67 18.84
CA ASP B 47 19.77 -9.15 19.46
C ASP B 47 20.94 -8.33 18.89
N HIS B 48 20.69 -7.02 18.71
CA HIS B 48 21.67 -5.96 18.30
C HIS B 48 22.05 -6.10 16.81
N TYR B 49 21.29 -6.86 16.02
CA TYR B 49 21.44 -6.95 14.54
C TYR B 49 20.29 -6.17 13.87
N LEU B 50 20.41 -5.86 12.57
CA LEU B 50 19.42 -5.04 11.82
C LEU B 50 18.81 -5.84 10.67
N THR B 51 17.51 -5.61 10.41
CA THR B 51 16.72 -6.33 9.37
C THR B 51 16.19 -5.31 8.33
N ALA B 52 15.92 -5.78 7.11
CA ALA B 52 15.42 -4.96 5.99
C ALA B 52 14.17 -4.18 6.41
N GLU B 53 13.44 -4.64 7.44
CA GLU B 53 12.22 -3.95 7.94
C GLU B 53 12.53 -3.12 9.19
N SER B 54 13.81 -2.96 9.56
CA SER B 54 14.22 -2.10 10.71
C SER B 54 13.86 -0.64 10.44
N TRP B 55 13.22 0.03 11.40
CA TRP B 55 13.02 1.50 11.44
C TRP B 55 14.03 2.12 12.42
N TYR B 56 14.22 3.45 12.27
CA TYR B 56 15.23 4.23 13.05
C TYR B 56 14.68 5.62 13.39
N ARG B 57 15.27 6.24 14.42
CA ARG B 57 14.90 7.61 14.88
C ARG B 57 15.96 8.60 14.39
N PRO B 58 15.64 9.49 13.41
CA PRO B 58 16.55 10.52 12.97
C PRO B 58 16.56 11.76 13.88
N LYS B 59 17.70 12.46 13.96
CA LYS B 59 17.86 13.75 14.70
C LYS B 59 16.83 14.76 14.18
N TYR B 60 16.69 14.87 12.86
CA TYR B 60 15.66 15.70 12.18
C TYR B 60 14.86 14.83 11.20
N LEU B 62 11.38 15.76 8.53
CA LEU B 62 11.15 16.82 7.50
C LEU B 62 9.65 17.02 7.38
N LYS B 63 9.02 17.76 8.30
CA LYS B 63 7.55 17.92 8.41
C LYS B 63 7.01 18.62 7.14
N ASP B 64 7.30 18.02 5.97
CA ASP B 64 6.92 18.51 4.61
C ASP B 64 7.71 19.77 4.24
N GLY B 65 7.64 20.81 5.09
CA GLY B 65 8.34 22.11 4.86
C GLY B 65 9.58 22.31 5.73
N LYS B 66 9.48 22.10 7.05
CA LYS B 66 10.49 22.54 8.06
C LYS B 66 11.44 21.38 8.46
N THR B 67 12.31 21.60 9.45
CA THR B 67 13.34 20.65 9.98
C THR B 67 13.87 19.77 8.82
N SER B 71 8.94 13.42 16.22
CA SER B 71 9.34 14.13 17.46
C SER B 71 10.86 14.07 17.65
N THR B 72 11.63 14.17 16.54
CA THR B 72 13.12 14.22 16.43
C THR B 72 13.81 13.01 17.09
N GLU B 73 13.15 12.35 18.05
CA GLU B 73 13.65 11.13 18.75
C GLU B 73 12.50 10.12 18.94
N LYS B 74 11.24 10.58 18.98
CA LYS B 74 10.01 9.74 19.11
C LYS B 74 9.30 9.62 17.74
N ASP B 75 9.96 10.05 16.65
CA ASP B 75 9.47 9.89 15.26
C ASP B 75 10.39 8.90 14.53
N PHE B 76 10.13 7.60 14.64
CA PHE B 76 10.89 6.54 13.93
C PHE B 76 10.46 6.53 12.44
N ARG B 77 11.42 6.27 11.54
CA ARG B 77 11.22 6.23 10.07
C ARG B 77 11.98 5.03 9.48
N PRO B 78 11.45 4.38 8.42
CA PRO B 78 12.14 3.27 7.77
C PRO B 78 13.60 3.57 7.41
N LEU B 79 14.51 2.69 7.84
CA LEU B 79 15.93 2.70 7.43
C LEU B 79 16.00 2.71 5.90
N LEU B 80 15.08 2.03 5.22
CA LEU B 80 15.10 1.88 3.74
C LEU B 80 14.60 3.17 3.06
N MET B 81 14.15 4.16 3.83
CA MET B 81 13.84 5.54 3.35
C MET B 81 15.16 6.25 2.96
N THR B 82 16.28 5.89 3.58
CA THR B 82 17.56 6.66 3.57
C THR B 82 18.81 5.78 3.37
N TRP B 83 18.68 4.45 3.38
CA TRP B 83 19.83 3.51 3.20
C TRP B 83 19.37 2.28 2.40
N TRP B 84 20.29 1.64 1.69
CA TRP B 84 20.02 0.42 0.85
C TRP B 84 21.27 -0.47 0.81
N PRO B 85 21.11 -1.81 0.85
CA PRO B 85 22.26 -2.74 0.87
C PRO B 85 23.08 -2.72 -0.42
N SER B 86 22.40 -2.69 -1.56
CA SER B 86 22.93 -2.37 -2.91
C SER B 86 22.09 -1.24 -3.51
N GLN B 87 22.53 -0.68 -4.63
CA GLN B 87 21.78 0.42 -5.31
C GLN B 87 20.78 -0.21 -6.29
N GLU B 88 21.03 -1.42 -6.80
CA GLU B 88 20.02 -2.27 -7.50
C GLU B 88 18.69 -2.19 -6.75
N THR B 89 18.75 -2.37 -5.42
CA THR B 89 17.57 -2.43 -4.52
C THR B 89 17.02 -1.02 -4.32
N GLN B 90 17.88 0.00 -4.28
CA GLN B 90 17.46 1.43 -4.20
C GLN B 90 16.61 1.78 -5.44
N ARG B 91 17.04 1.35 -6.63
CA ARG B 91 16.27 1.52 -7.91
C ARG B 91 14.89 0.90 -7.70
N GLN B 92 14.87 -0.37 -7.27
CA GLN B 92 13.64 -1.18 -7.03
C GLN B 92 12.73 -0.40 -6.05
N TYR B 93 13.33 0.18 -5.01
CA TYR B 93 12.64 0.92 -3.92
C TYR B 93 11.99 2.19 -4.49
N VAL B 94 12.69 2.92 -5.37
CA VAL B 94 12.16 4.19 -5.96
C VAL B 94 11.02 3.84 -6.93
N ASN B 95 11.24 2.91 -7.87
CA ASN B 95 10.19 2.37 -8.79
C ASN B 95 8.93 2.06 -7.98
N TYR B 96 9.08 1.27 -6.92
CA TYR B 96 7.97 0.73 -6.10
C TYR B 96 7.25 1.88 -5.39
N MET B 97 7.99 2.75 -4.69
CA MET B 97 7.44 3.82 -3.81
C MET B 97 6.87 4.99 -4.63
N ASN B 98 7.39 5.20 -5.85
CA ASN B 98 6.84 6.17 -6.82
C ASN B 98 5.45 5.69 -7.23
N ALA B 99 5.33 4.43 -7.67
CA ALA B 99 4.07 3.81 -8.14
C ALA B 99 3.01 3.83 -7.02
N GLN B 100 3.43 3.75 -5.76
CA GLN B 100 2.52 3.73 -4.57
C GLN B 100 1.97 5.14 -4.31
N LEU B 101 2.78 6.19 -4.49
CA LEU B 101 2.43 7.59 -4.09
C LEU B 101 2.10 8.46 -5.31
N GLY B 102 1.94 7.87 -6.50
CA GLY B 102 1.46 8.55 -7.72
C GLY B 102 2.52 9.43 -8.36
N ILE B 103 3.70 8.87 -8.65
CA ILE B 103 4.84 9.51 -9.39
C ILE B 103 5.20 8.62 -10.59
N ASN B 104 4.58 8.84 -11.76
CA ASN B 104 4.72 7.97 -12.95
C ASN B 104 6.10 8.16 -13.59
N LYS B 105 7.17 7.99 -12.81
CA LYS B 105 8.59 8.00 -13.26
C LYS B 105 9.23 6.66 -12.86
N THR B 106 9.59 5.83 -13.85
CA THR B 106 10.34 4.56 -13.68
C THR B 106 11.75 4.77 -14.22
N TYR B 107 12.73 4.00 -13.72
CA TYR B 107 14.17 4.03 -14.10
C TYR B 107 14.52 2.73 -14.82
N ASP B 108 15.81 2.38 -14.89
CA ASP B 108 16.29 1.03 -15.29
C ASP B 108 17.80 0.95 -15.00
N ASP B 109 18.50 0.00 -15.65
CA ASP B 109 19.95 -0.30 -15.52
C ASP B 109 20.77 1.00 -15.34
N THR B 110 20.48 2.01 -16.16
CA THR B 110 21.13 3.35 -16.19
C THR B 110 20.51 4.25 -15.11
N SER B 111 21.33 5.00 -14.37
CA SER B 111 20.83 5.98 -13.37
C SER B 111 22.03 6.53 -12.59
N ASN B 112 21.86 6.84 -11.30
CA ASN B 112 23.01 7.29 -10.49
C ASN B 112 22.55 7.45 -9.04
N GLN B 113 23.39 7.04 -8.08
CA GLN B 113 23.03 7.26 -6.65
C GLN B 113 22.53 8.69 -6.59
N LEU B 114 23.34 9.63 -7.10
CA LEU B 114 22.89 11.04 -7.17
C LEU B 114 21.89 11.15 -8.31
N GLN B 115 20.62 10.93 -8.02
CA GLN B 115 19.54 10.93 -9.03
C GLN B 115 18.48 10.06 -8.37
N LEU B 116 18.79 8.78 -8.15
CA LEU B 116 17.85 7.95 -7.36
C LEU B 116 17.84 8.55 -5.96
N ASN B 117 18.93 9.23 -5.57
CA ASN B 117 18.93 9.91 -4.24
C ASN B 117 18.00 11.13 -4.30
N ILE B 118 17.88 11.77 -5.48
CA ILE B 118 16.93 12.89 -5.74
C ILE B 118 15.51 12.32 -5.73
N ALA B 119 15.28 11.20 -6.42
CA ALA B 119 14.01 10.44 -6.42
C ALA B 119 13.64 10.06 -4.98
N ALA B 120 14.61 9.65 -4.17
CA ALA B 120 14.45 9.18 -2.77
C ALA B 120 14.03 10.34 -1.86
N ALA B 121 14.73 11.47 -1.97
CA ALA B 121 14.41 12.77 -1.32
C ALA B 121 12.98 13.22 -1.64
N THR B 122 12.48 13.06 -2.87
CA THR B 122 11.10 13.45 -3.29
C THR B 122 10.11 12.55 -2.53
N ILE B 123 10.28 11.24 -2.69
CA ILE B 123 9.55 10.18 -1.95
C ILE B 123 9.61 10.54 -0.45
N GLN B 124 10.80 10.80 0.09
CA GLN B 124 10.98 11.15 1.52
C GLN B 124 10.01 12.29 1.88
N ALA B 125 9.97 13.35 1.07
CA ALA B 125 9.19 14.58 1.34
C ALA B 125 7.69 14.25 1.27
N LYS B 126 7.27 13.47 0.27
CA LYS B 126 5.85 13.11 0.06
C LYS B 126 5.38 12.10 1.12
N ILE B 127 6.26 11.19 1.56
CA ILE B 127 6.01 10.29 2.72
C ILE B 127 5.60 11.17 3.91
N GLU B 128 6.41 12.15 4.28
CA GLU B 128 6.19 13.05 5.45
C GLU B 128 4.89 13.84 5.29
N ALA B 129 4.54 14.21 4.05
CA ALA B 129 3.30 14.96 3.70
C ALA B 129 2.07 14.11 4.04
N LYS B 130 2.07 12.86 3.58
CA LYS B 130 1.00 11.86 3.83
C LYS B 130 0.92 11.53 5.33
N ILE B 131 2.06 11.45 6.03
CA ILE B 131 2.15 11.23 7.51
C ILE B 131 1.38 12.33 8.23
N THR B 132 1.55 13.59 7.80
CA THR B 132 0.90 14.79 8.41
C THR B 132 -0.59 14.81 8.04
N THR B 133 -0.93 14.43 6.80
CA THR B 133 -2.32 14.35 6.28
C THR B 133 -3.13 13.39 7.16
N LEU B 134 -2.66 12.13 7.25
CA LEU B 134 -3.45 11.09 7.97
C LEU B 134 -3.08 11.04 9.45
N LYS B 135 -1.96 11.65 9.83
CA LYS B 135 -1.52 11.57 11.25
C LYS B 135 -1.25 10.10 11.61
N ASN B 136 -0.54 9.37 10.74
CA ASN B 136 -0.19 7.96 11.02
C ASN B 136 0.90 7.48 10.06
N THR B 137 1.62 6.42 10.44
CA THR B 137 2.67 5.84 9.56
C THR B 137 2.26 4.40 9.24
N ASP B 138 1.21 3.91 9.88
CA ASP B 138 0.73 2.51 9.69
C ASP B 138 0.83 2.12 8.21
N TRP B 139 0.27 2.96 7.35
CA TRP B 139 0.25 2.82 5.86
C TRP B 139 1.67 2.61 5.32
N LEU B 140 2.70 3.22 5.92
CA LEU B 140 4.10 3.19 5.40
C LEU B 140 4.79 1.90 5.83
N ARG B 141 4.50 1.43 7.05
CA ARG B 141 4.95 0.10 7.58
C ARG B 141 4.60 -0.98 6.56
N GLN B 142 3.33 -1.01 6.11
CA GLN B 142 2.77 -1.98 5.13
C GLN B 142 3.53 -1.91 3.80
N THR B 143 3.64 -0.70 3.26
CA THR B 143 4.18 -0.43 1.89
C THR B 143 5.65 -0.86 1.84
N ILE B 144 6.43 -0.54 2.88
CA ILE B 144 7.88 -0.92 2.96
C ILE B 144 7.98 -2.45 3.09
N SER B 145 7.15 -3.07 3.93
CA SER B 145 7.04 -4.55 4.12
C SER B 145 6.76 -5.22 2.78
N ALA B 146 5.68 -4.80 2.11
CA ALA B 146 5.27 -5.33 0.80
C ALA B 146 6.45 -5.23 -0.18
N PHE B 147 7.16 -4.09 -0.19
CA PHE B 147 8.31 -3.86 -1.09
C PHE B 147 9.42 -4.86 -0.78
N VAL B 148 9.81 -4.96 0.49
CA VAL B 148 10.94 -5.82 0.94
C VAL B 148 10.69 -7.28 0.48
N LYS B 149 9.43 -7.74 0.51
CA LYS B 149 9.08 -9.15 0.19
C LYS B 149 9.12 -9.40 -1.33
N THR B 150 9.35 -8.38 -2.17
CA THR B 150 9.52 -8.52 -3.64
C THR B 150 10.95 -8.93 -4.00
N GLN B 151 11.91 -8.87 -3.07
CA GLN B 151 13.35 -9.14 -3.32
C GLN B 151 13.73 -10.56 -2.89
N SER B 152 14.38 -11.32 -3.78
CA SER B 152 14.63 -12.77 -3.63
C SER B 152 15.35 -13.05 -2.31
N ALA B 153 16.30 -12.19 -1.90
CA ALA B 153 17.12 -12.39 -0.69
C ALA B 153 16.27 -12.15 0.58
N TRP B 154 15.06 -11.62 0.44
CA TRP B 154 14.13 -11.32 1.56
C TRP B 154 12.76 -12.02 1.40
N ASN B 155 12.69 -13.14 0.65
CA ASN B 155 11.44 -13.92 0.47
C ASN B 155 11.74 -15.39 0.15
N SER B 156 10.71 -16.19 -0.14
CA SER B 156 10.75 -17.67 -0.22
C SER B 156 11.81 -18.14 -1.22
N ASP B 157 12.08 -17.36 -2.27
CA ASP B 157 12.96 -17.76 -3.40
C ASP B 157 14.34 -18.20 -2.90
N SER B 158 14.87 -17.59 -1.84
CA SER B 158 16.21 -17.91 -1.26
C SER B 158 16.11 -19.06 -0.25
N GLU B 159 14.88 -19.48 0.10
CA GLU B 159 14.60 -20.62 1.01
C GLU B 159 14.29 -21.89 0.22
N LYS B 160 14.13 -21.79 -1.11
CA LYS B 160 13.95 -22.95 -2.04
C LYS B 160 15.27 -23.71 -2.16
N PRO B 161 15.29 -24.96 -2.65
CA PRO B 161 14.09 -25.68 -3.08
C PRO B 161 13.26 -26.21 -1.91
N PHE B 162 11.93 -26.23 -2.07
CA PHE B 162 10.98 -26.76 -1.07
C PHE B 162 11.16 -28.28 -0.96
N ASP B 163 10.69 -28.86 0.15
CA ASP B 163 10.80 -30.32 0.45
C ASP B 163 9.46 -30.78 1.09
N ASP B 164 9.36 -32.05 1.46
CA ASP B 164 8.08 -32.72 1.84
C ASP B 164 7.74 -32.47 3.32
N HIS B 165 8.49 -31.62 4.03
CA HIS B 165 8.02 -30.93 5.26
C HIS B 165 6.59 -30.42 5.01
N LEU B 166 5.71 -30.48 6.01
CA LEU B 166 4.27 -30.11 5.84
C LEU B 166 4.12 -28.66 5.39
N GLN B 167 5.07 -27.79 5.77
CA GLN B 167 5.08 -26.31 5.49
C GLN B 167 6.27 -25.96 4.57
N ASN B 168 6.66 -26.89 3.68
CA ASN B 168 7.58 -26.67 2.54
C ASN B 168 9.05 -26.71 2.95
N GLY B 169 9.38 -26.58 4.24
CA GLY B 169 10.78 -26.75 4.69
C GLY B 169 11.02 -26.22 6.09
N ALA B 170 12.24 -26.45 6.60
CA ALA B 170 12.66 -26.06 7.96
C ALA B 170 14.11 -25.59 7.97
N VAL B 171 14.49 -24.83 8.99
CA VAL B 171 15.91 -24.50 9.32
C VAL B 171 16.26 -25.12 10.66
N LEU B 172 17.49 -25.63 10.76
CA LEU B 172 18.08 -26.24 11.97
C LEU B 172 19.02 -25.24 12.63
N TYR B 173 18.79 -24.90 13.90
CA TYR B 173 19.65 -24.00 14.72
C TYR B 173 20.98 -24.71 15.01
N ASP B 174 22.11 -24.06 14.69
CA ASP B 174 23.49 -24.61 14.85
C ASP B 174 23.84 -24.65 16.33
N ASN B 175 24.48 -25.73 16.77
CA ASN B 175 24.81 -25.98 18.21
C ASN B 175 25.87 -24.98 18.66
N GLU B 176 26.81 -24.63 17.76
CA GLU B 176 27.91 -23.68 18.01
C GLU B 176 27.86 -22.55 16.96
N GLY B 177 27.14 -21.48 17.25
CA GLY B 177 27.06 -20.27 16.43
C GLY B 177 27.82 -19.12 17.09
N LYS B 178 28.97 -18.76 16.53
CA LYS B 178 29.91 -17.77 17.13
C LYS B 178 29.21 -16.40 17.24
N LEU B 179 28.36 -16.05 16.26
CA LEU B 179 27.62 -14.76 16.20
C LEU B 179 26.36 -14.79 17.08
N THR B 180 25.91 -15.98 17.51
CA THR B 180 24.66 -16.16 18.31
C THR B 180 24.89 -17.19 19.42
N PRO B 181 25.80 -16.93 20.38
CA PRO B 181 26.14 -17.93 21.41
C PRO B 181 25.00 -18.20 22.41
N TYR B 182 24.01 -17.29 22.49
CA TYR B 182 22.81 -17.36 23.36
C TYR B 182 21.79 -18.40 22.83
N ALA B 183 21.94 -18.83 21.58
CA ALA B 183 21.10 -19.87 20.94
C ALA B 183 21.88 -21.18 20.82
N ASN B 184 23.04 -21.29 21.47
CA ASN B 184 23.87 -22.54 21.44
C ASN B 184 23.14 -23.67 22.18
N SER B 185 23.54 -24.91 21.93
CA SER B 185 23.04 -26.11 22.65
C SER B 185 24.11 -27.20 22.58
N ASN B 186 24.17 -28.07 23.59
CA ASN B 186 25.00 -29.30 23.56
C ASN B 186 24.14 -30.51 23.16
N TYR B 187 22.91 -30.28 22.66
CA TYR B 187 21.91 -31.34 22.40
C TYR B 187 21.39 -31.24 20.95
N ARG B 188 20.10 -30.96 20.75
CA ARG B 188 19.45 -30.99 19.41
C ARG B 188 19.73 -32.35 18.75
N ILE B 189 19.59 -33.44 19.51
CA ILE B 189 19.70 -34.83 18.97
C ILE B 189 18.37 -35.15 18.25
N LEU B 190 18.45 -35.39 16.93
CA LEU B 190 17.28 -35.45 16.02
C LEU B 190 16.89 -36.89 15.73
N ASN B 191 15.58 -37.08 15.47
CA ASN B 191 14.97 -38.32 14.93
C ASN B 191 15.18 -39.48 15.90
N ARG B 192 15.16 -39.22 17.21
CA ARG B 192 15.25 -40.29 18.26
C ARG B 192 13.84 -40.84 18.50
N THR B 193 13.22 -41.35 17.44
CA THR B 193 11.91 -42.04 17.46
C THR B 193 12.06 -43.33 18.25
N PRO B 194 10.94 -43.99 18.63
CA PRO B 194 11.06 -45.28 19.32
C PRO B 194 11.97 -46.24 18.54
N THR B 195 11.74 -46.33 17.23
CA THR B 195 12.56 -47.15 16.29
C THR B 195 14.04 -46.78 16.37
N ASN B 196 14.36 -45.49 16.47
CA ASN B 196 15.74 -44.95 16.27
C ASN B 196 16.24 -44.29 17.56
N GLN B 197 15.76 -44.71 18.74
CA GLN B 197 15.98 -43.97 20.03
C GLN B 197 17.47 -43.87 20.35
N THR B 198 18.27 -44.87 20.01
CA THR B 198 19.73 -44.94 20.31
C THR B 198 20.54 -44.25 19.18
N GLY B 199 19.90 -43.71 18.15
CA GLY B 199 20.58 -43.10 16.99
C GLY B 199 20.96 -44.15 15.95
N LYS B 200 20.58 -45.40 16.22
CA LYS B 200 20.67 -46.56 15.31
C LYS B 200 19.27 -47.19 15.27
N LYS B 201 18.90 -47.76 14.14
CA LYS B 201 17.60 -48.44 13.96
C LYS B 201 17.56 -49.68 14.88
N ASP B 202 16.49 -49.87 15.64
CA ASP B 202 16.41 -50.96 16.63
C ASP B 202 16.29 -52.29 15.88
N PRO B 203 17.25 -53.22 16.07
CA PRO B 203 17.22 -54.50 15.36
C PRO B 203 16.05 -55.41 15.75
N ARG B 204 15.36 -55.14 16.85
CA ARG B 204 14.23 -55.98 17.35
C ARG B 204 12.96 -55.77 16.53
N TYR B 205 12.78 -54.61 15.88
CA TYR B 205 11.47 -54.24 15.26
C TYR B 205 11.64 -54.11 13.74
N THR B 206 11.03 -55.03 12.98
CA THR B 206 11.26 -55.19 11.51
C THR B 206 9.99 -54.92 10.68
N ALA B 207 8.85 -54.65 11.30
CA ALA B 207 7.59 -54.33 10.57
C ALA B 207 7.73 -53.02 9.77
N ASP B 208 8.60 -52.09 10.18
CA ASP B 208 8.85 -50.80 9.49
C ASP B 208 10.35 -50.70 9.16
N ASN B 209 10.71 -50.67 7.88
CA ASN B 209 12.13 -50.64 7.44
C ASN B 209 12.72 -49.23 7.55
N THR B 210 11.90 -48.22 7.89
CA THR B 210 12.38 -46.81 8.02
C THR B 210 12.89 -46.58 9.46
N ILE B 211 13.37 -45.37 9.74
CA ILE B 211 13.75 -44.94 11.12
C ILE B 211 12.50 -44.60 11.94
N GLY B 212 11.30 -44.75 11.38
CA GLY B 212 10.02 -44.76 12.12
C GLY B 212 9.55 -43.38 12.56
N GLY B 213 9.71 -42.37 11.70
CA GLY B 213 9.33 -40.98 11.98
C GLY B 213 10.36 -39.98 11.48
N TYR B 214 10.28 -38.75 11.96
CA TYR B 214 11.13 -37.60 11.54
C TYR B 214 10.90 -36.42 12.49
N GLU B 215 11.95 -35.65 12.76
CA GLU B 215 11.99 -34.65 13.86
C GLU B 215 11.10 -33.45 13.55
N PHE B 216 11.12 -32.91 12.32
CA PHE B 216 10.50 -31.61 11.97
C PHE B 216 9.13 -31.85 11.35
N LEU B 217 8.09 -31.50 12.10
CA LEU B 217 6.67 -31.73 11.70
C LEU B 217 6.06 -30.38 11.34
N LEU B 218 5.96 -29.47 12.31
CA LEU B 218 5.25 -28.17 12.20
C LEU B 218 5.91 -27.11 13.07
N ALA B 219 5.93 -25.86 12.61
CA ALA B 219 6.17 -24.65 13.43
C ALA B 219 7.52 -24.74 14.16
N ASN B 220 7.60 -24.24 15.39
CA ASN B 220 8.84 -24.24 16.20
C ASN B 220 9.00 -25.62 16.85
N ASP B 221 10.04 -26.36 16.45
CA ASP B 221 10.29 -27.75 16.90
C ASP B 221 11.03 -27.75 18.23
N VAL B 222 10.36 -28.20 19.29
CA VAL B 222 10.92 -28.28 20.67
C VAL B 222 12.03 -29.33 20.67
N ASP B 223 13.17 -29.06 21.32
CA ASP B 223 14.30 -30.01 21.48
C ASP B 223 14.05 -30.85 22.73
N ASN B 224 13.36 -31.99 22.55
CA ASN B 224 12.98 -32.93 23.63
C ASN B 224 14.17 -33.85 23.95
N SER B 225 15.35 -33.59 23.37
CA SER B 225 16.63 -34.26 23.74
C SER B 225 17.36 -33.44 24.82
N ASN B 226 16.94 -32.20 25.03
CA ASN B 226 17.54 -31.29 26.05
C ASN B 226 17.04 -31.70 27.43
N PRO B 227 17.93 -32.14 28.35
CA PRO B 227 17.49 -32.63 29.66
C PRO B 227 16.65 -31.62 30.46
N VAL B 228 16.89 -30.32 30.24
CA VAL B 228 16.14 -29.21 30.92
C VAL B 228 14.71 -29.18 30.36
N VAL B 229 14.55 -29.37 29.04
CA VAL B 229 13.22 -29.42 28.38
C VAL B 229 12.48 -30.70 28.82
N GLN B 230 13.18 -31.82 28.94
CA GLN B 230 12.58 -33.11 29.38
C GLN B 230 11.90 -32.87 30.75
N ALA B 231 12.65 -32.32 31.70
CA ALA B 231 12.15 -31.96 33.05
C ALA B 231 10.92 -31.05 32.94
N GLU B 232 10.93 -30.07 32.02
CA GLU B 232 9.79 -29.12 31.88
C GLU B 232 8.58 -29.86 31.28
N GLN B 233 8.81 -30.87 30.43
CA GLN B 233 7.69 -31.68 29.85
C GLN B 233 7.02 -32.48 30.97
N LEU B 234 7.81 -33.00 31.92
CA LEU B 234 7.28 -33.68 33.14
C LEU B 234 6.49 -32.69 34.00
N ASN B 235 7.03 -31.49 34.22
CA ASN B 235 6.37 -30.41 35.00
C ASN B 235 4.98 -30.19 34.44
N TRP B 236 4.88 -30.02 33.12
CA TRP B 236 3.61 -29.81 32.37
C TRP B 236 2.70 -31.04 32.55
N LEU B 237 3.27 -32.23 32.49
CA LEU B 237 2.52 -33.50 32.67
C LEU B 237 1.89 -33.48 34.07
N HIS B 238 2.68 -33.17 35.11
CA HIS B 238 2.18 -33.10 36.52
C HIS B 238 1.06 -32.06 36.63
N PHE B 239 1.26 -30.89 36.02
CA PHE B 239 0.26 -29.79 35.97
C PHE B 239 -1.06 -30.31 35.39
N LEU B 240 -1.03 -31.01 34.25
CA LEU B 240 -2.27 -31.43 33.56
C LEU B 240 -2.99 -32.44 34.44
N MET B 241 -2.23 -33.33 35.08
CA MET B 241 -2.78 -34.44 35.89
C MET B 241 -3.26 -33.91 37.25
N ASN B 242 -2.96 -32.64 37.57
CA ASN B 242 -3.39 -31.96 38.83
C ASN B 242 -4.06 -30.62 38.49
N PHE B 243 -4.57 -30.45 37.28
CA PHE B 243 -5.12 -29.15 36.81
C PHE B 243 -6.11 -28.64 37.85
N GLY B 244 -7.10 -29.46 38.24
CA GLY B 244 -8.15 -29.12 39.22
C GLY B 244 -7.56 -28.54 40.50
N ASN B 245 -6.59 -29.23 41.12
CA ASN B 245 -5.95 -28.83 42.40
C ASN B 245 -5.28 -27.46 42.23
N ILE B 246 -4.54 -27.27 41.14
CA ILE B 246 -3.60 -26.14 40.94
C ILE B 246 -4.39 -24.88 40.54
N TYR B 247 -5.36 -25.01 39.65
CA TYR B 247 -6.06 -23.84 39.06
C TYR B 247 -7.25 -23.43 39.93
N ALA B 248 -8.03 -24.38 40.45
CA ALA B 248 -9.37 -24.13 41.07
C ALA B 248 -9.44 -24.69 42.48
N ASN B 249 -8.31 -25.10 43.08
CA ASN B 249 -8.25 -25.76 44.41
C ASN B 249 -9.39 -26.80 44.53
N ASP B 250 -9.61 -27.60 43.49
CA ASP B 250 -10.74 -28.57 43.37
C ASP B 250 -10.20 -29.92 42.91
N PRO B 251 -10.07 -30.93 43.80
CA PRO B 251 -9.50 -32.22 43.40
C PRO B 251 -10.42 -33.09 42.52
N ASP B 252 -11.64 -32.61 42.20
CA ASP B 252 -12.62 -33.32 41.35
C ASP B 252 -12.54 -32.83 39.91
N ALA B 253 -11.60 -31.94 39.58
CA ALA B 253 -11.46 -31.31 38.24
C ALA B 253 -10.09 -31.57 37.64
N ASN B 254 -9.43 -32.66 38.05
CA ASN B 254 -8.13 -33.10 37.46
C ASN B 254 -8.40 -33.95 36.22
N PHE B 255 -7.54 -33.82 35.20
CA PHE B 255 -7.36 -34.80 34.10
C PHE B 255 -6.85 -36.12 34.69
N ASP B 256 -7.42 -37.24 34.26
CA ASP B 256 -7.11 -38.59 34.80
C ASP B 256 -6.00 -39.27 33.99
N SER B 257 -5.86 -38.93 32.72
CA SER B 257 -5.03 -39.67 31.74
C SER B 257 -4.47 -38.73 30.67
N ILE B 258 -3.55 -39.22 29.85
CA ILE B 258 -2.95 -38.43 28.73
C ILE B 258 -3.01 -39.21 27.40
N ARG B 259 -3.05 -38.43 26.32
CA ARG B 259 -2.66 -38.82 24.94
C ARG B 259 -1.29 -38.21 24.64
N VAL B 260 -0.34 -39.01 24.15
CA VAL B 260 0.98 -38.50 23.70
C VAL B 260 0.87 -38.19 22.21
N ASP B 261 0.75 -36.91 21.87
CA ASP B 261 0.65 -36.42 20.48
C ASP B 261 2.00 -36.57 19.78
N ALA B 262 1.99 -36.99 18.52
CA ALA B 262 3.13 -36.93 17.58
C ALA B 262 4.35 -37.70 18.12
N VAL B 263 4.14 -38.91 18.62
CA VAL B 263 5.24 -39.77 19.17
C VAL B 263 6.39 -39.89 18.14
N ASP B 264 6.06 -40.08 16.85
CA ASP B 264 7.07 -40.36 15.81
C ASP B 264 7.86 -39.10 15.45
N ASN B 265 7.58 -37.94 16.06
CA ASN B 265 8.28 -36.67 15.73
C ASN B 265 8.98 -36.08 16.95
N VAL B 266 9.07 -36.81 18.06
CA VAL B 266 9.74 -36.31 19.31
C VAL B 266 10.74 -37.36 19.78
N ASP B 267 11.67 -36.94 20.64
CA ASP B 267 12.61 -37.86 21.34
C ASP B 267 11.79 -38.81 22.21
N ALA B 268 11.96 -40.12 22.02
CA ALA B 268 11.15 -41.19 22.65
C ALA B 268 11.45 -41.30 24.16
N ASP B 269 12.52 -40.67 24.65
CA ASP B 269 12.79 -40.54 26.11
C ASP B 269 11.52 -40.08 26.81
N LEU B 270 10.71 -39.24 26.14
CA LEU B 270 9.45 -38.73 26.73
C LEU B 270 8.52 -39.91 27.11
N LEU B 271 8.67 -41.07 26.47
CA LEU B 271 7.79 -42.24 26.74
C LEU B 271 8.21 -42.89 28.07
N GLN B 272 9.52 -42.97 28.36
CA GLN B 272 10.01 -43.46 29.68
C GLN B 272 9.64 -42.46 30.78
N ILE B 273 9.72 -41.15 30.48
CA ILE B 273 9.42 -40.05 31.44
C ILE B 273 7.93 -40.15 31.82
N ALA B 274 7.03 -40.17 30.84
CA ALA B 274 5.57 -40.25 31.07
C ALA B 274 5.20 -41.58 31.75
N GLY B 275 5.82 -42.68 31.31
CA GLY B 275 5.58 -44.01 31.89
C GLY B 275 6.00 -44.05 33.36
N ASP B 276 7.22 -43.64 33.64
CA ASP B 276 7.77 -43.57 35.03
C ASP B 276 6.82 -42.74 35.90
N TYR B 277 6.33 -41.61 35.39
CA TYR B 277 5.46 -40.70 36.18
C TYR B 277 4.16 -41.44 36.53
N LEU B 278 3.50 -42.05 35.55
CA LEU B 278 2.22 -42.78 35.77
C LEU B 278 2.45 -43.89 36.80
N LYS B 279 3.58 -44.57 36.75
CA LYS B 279 3.90 -45.65 37.71
C LYS B 279 4.08 -45.03 39.11
N ALA B 280 4.96 -44.05 39.27
CA ALA B 280 5.30 -43.42 40.57
C ALA B 280 4.10 -42.67 41.16
N ALA B 281 3.46 -41.81 40.38
CA ALA B 281 2.40 -40.90 40.87
C ALA B 281 1.07 -41.65 40.98
N LYS B 282 0.73 -42.55 40.05
CA LYS B 282 -0.65 -43.11 40.01
C LYS B 282 -0.66 -44.62 40.32
N GLY B 283 0.49 -45.25 40.55
CA GLY B 283 0.59 -46.69 40.88
C GLY B 283 -0.06 -47.59 39.83
N ILE B 284 0.08 -47.29 38.53
CA ILE B 284 -0.60 -48.09 37.47
C ILE B 284 0.05 -49.49 37.34
N HIS B 285 1.27 -49.64 37.84
N HIS B 285 1.28 -49.68 37.80
CA HIS B 285 2.07 -50.90 37.79
CA HIS B 285 2.01 -50.99 37.71
C HIS B 285 1.53 -51.93 38.80
C HIS B 285 1.49 -51.96 38.78
N LYS B 286 0.79 -51.48 39.82
CA LYS B 286 0.42 -52.30 40.99
C LYS B 286 -0.75 -53.21 40.65
N ASN B 287 -1.79 -52.68 40.01
CA ASN B 287 -3.01 -53.46 39.69
C ASN B 287 -3.82 -52.75 38.61
N ASP B 288 -4.80 -53.48 38.08
CA ASP B 288 -5.61 -53.05 36.91
C ASP B 288 -6.54 -51.90 37.29
N LYS B 289 -6.99 -51.84 38.55
CA LYS B 289 -7.91 -50.78 39.03
C LYS B 289 -7.22 -49.41 38.89
N ALA B 290 -5.98 -49.30 39.36
CA ALA B 290 -5.11 -48.12 39.22
C ALA B 290 -4.85 -47.83 37.73
N ALA B 291 -4.38 -48.81 36.96
CA ALA B 291 -4.07 -48.65 35.52
C ALA B 291 -5.29 -48.12 34.76
N ASN B 292 -6.46 -48.73 34.98
CA ASN B 292 -7.70 -48.46 34.21
C ASN B 292 -8.33 -47.11 34.64
N ASP B 293 -7.95 -46.56 35.81
CA ASP B 293 -8.36 -45.19 36.24
C ASP B 293 -7.47 -44.12 35.58
N HIS B 294 -6.40 -44.49 34.86
CA HIS B 294 -5.46 -43.54 34.23
C HIS B 294 -5.05 -44.04 32.84
N LEU B 295 -5.99 -44.63 32.10
CA LEU B 295 -5.69 -45.33 30.81
C LEU B 295 -5.20 -44.29 29.80
N SER B 296 -3.90 -44.35 29.45
CA SER B 296 -3.21 -43.34 28.60
C SER B 296 -2.81 -43.96 27.26
N ILE B 297 -2.85 -43.16 26.19
CA ILE B 297 -2.68 -43.64 24.78
C ILE B 297 -1.54 -42.89 24.09
N LEU B 298 -0.94 -43.54 23.09
CA LEU B 298 0.00 -42.92 22.13
C LEU B 298 -0.76 -42.67 20.83
N GLU B 299 -0.36 -41.63 20.11
CA GLU B 299 -0.58 -41.53 18.65
C GLU B 299 0.76 -41.84 17.97
N ALA B 300 1.00 -43.11 17.69
CA ALA B 300 2.28 -43.63 17.15
C ALA B 300 1.98 -44.46 15.90
N TRP B 301 2.38 -43.94 14.74
CA TRP B 301 1.94 -44.43 13.41
C TRP B 301 2.84 -45.55 12.87
N SER B 302 4.09 -45.67 13.34
CA SER B 302 5.04 -46.73 12.89
C SER B 302 4.59 -48.09 13.43
N ASP B 303 4.68 -49.14 12.62
CA ASP B 303 4.25 -50.52 13.00
C ASP B 303 5.24 -51.08 14.03
N ASN B 304 6.39 -50.44 14.20
CA ASN B 304 7.41 -50.73 15.25
C ASN B 304 6.95 -50.22 16.62
N ASP B 305 6.02 -49.27 16.71
CA ASP B 305 5.73 -48.52 17.96
C ASP B 305 4.96 -49.40 18.96
N THR B 306 4.03 -50.25 18.50
CA THR B 306 3.27 -51.16 19.40
C THR B 306 4.22 -52.14 20.09
N PRO B 307 5.03 -52.95 19.35
CA PRO B 307 5.97 -53.85 20.00
C PRO B 307 7.00 -53.12 20.90
N TYR B 308 7.46 -51.94 20.51
CA TYR B 308 8.33 -51.08 21.36
C TYR B 308 7.62 -50.84 22.70
N LEU B 309 6.36 -50.44 22.64
CA LEU B 309 5.58 -50.02 23.83
C LEU B 309 5.33 -51.26 24.71
N HIS B 310 5.06 -52.41 24.12
CA HIS B 310 4.87 -53.69 24.84
C HIS B 310 6.15 -54.05 25.61
N ASP B 311 7.31 -54.02 24.94
CA ASP B 311 8.63 -54.30 25.54
C ASP B 311 8.91 -53.30 26.66
N ASP B 312 8.47 -52.04 26.53
CA ASP B 312 8.66 -50.95 27.52
C ASP B 312 7.76 -51.16 28.75
N GLY B 313 6.73 -52.01 28.69
CA GLY B 313 5.94 -52.42 29.87
C GLY B 313 4.44 -52.14 29.79
N ASP B 314 3.87 -51.86 28.62
CA ASP B 314 2.43 -51.54 28.44
C ASP B 314 2.01 -50.52 29.51
N ASN B 315 2.79 -49.45 29.65
CA ASN B 315 2.49 -48.32 30.57
C ASN B 315 1.46 -47.41 29.91
N MET B 316 1.37 -47.47 28.59
CA MET B 316 0.35 -46.79 27.77
C MET B 316 -0.08 -47.78 26.66
N ILE B 317 -1.12 -47.48 25.90
CA ILE B 317 -1.59 -48.35 24.77
C ILE B 317 -1.53 -47.54 23.47
N ASN B 318 -1.19 -48.21 22.37
CA ASN B 318 -1.11 -47.60 21.02
C ASN B 318 -2.35 -47.99 20.21
N MET B 319 -2.59 -47.33 19.09
CA MET B 319 -3.62 -47.74 18.10
C MET B 319 -3.27 -49.11 17.48
N ASP B 320 -4.29 -49.80 16.97
CA ASP B 320 -4.12 -50.97 16.07
C ASP B 320 -4.22 -50.44 14.64
N ASN B 321 -3.09 -50.02 14.08
CA ASN B 321 -3.01 -49.43 12.71
C ASN B 321 -3.40 -50.50 11.69
N LYS B 322 -3.02 -51.76 11.91
CA LYS B 322 -3.33 -52.84 10.94
C LYS B 322 -4.86 -53.00 10.83
N LEU B 323 -5.58 -53.04 11.96
CA LEU B 323 -7.05 -53.20 11.96
C LEU B 323 -7.66 -51.98 11.26
N ARG B 324 -7.14 -50.79 11.54
CA ARG B 324 -7.61 -49.53 10.89
C ARG B 324 -7.50 -49.66 9.36
N LEU B 325 -6.35 -50.08 8.84
CA LEU B 325 -6.13 -50.27 7.38
C LEU B 325 -7.04 -51.37 6.84
N SER B 326 -7.26 -52.44 7.61
CA SER B 326 -8.17 -53.55 7.22
C SER B 326 -9.60 -53.01 7.07
N LEU B 327 -10.08 -52.24 8.04
CA LEU B 327 -11.43 -51.60 7.96
C LEU B 327 -11.46 -50.64 6.76
N LEU B 328 -10.48 -49.74 6.66
CA LEU B 328 -10.43 -48.71 5.60
C LEU B 328 -10.56 -49.38 4.22
N PHE B 329 -9.74 -50.39 3.93
CA PHE B 329 -9.61 -50.96 2.56
C PHE B 329 -10.67 -52.05 2.29
N SER B 330 -11.25 -52.69 3.30
CA SER B 330 -12.25 -53.78 3.10
C SER B 330 -13.66 -53.19 3.05
N LEU B 331 -13.92 -52.06 3.74
CA LEU B 331 -15.29 -51.50 3.92
C LEU B 331 -15.42 -50.07 3.38
N ALA B 332 -14.47 -49.16 3.67
CA ALA B 332 -14.65 -47.70 3.51
C ALA B 332 -14.34 -47.22 2.08
N LYS B 333 -13.39 -47.87 1.40
CA LYS B 333 -12.90 -47.42 0.09
C LYS B 333 -13.97 -47.60 -0.97
N PRO B 334 -13.88 -46.82 -2.07
CA PRO B 334 -14.73 -47.02 -3.26
C PRO B 334 -14.72 -48.47 -3.76
N LEU B 335 -15.79 -48.85 -4.46
CA LEU B 335 -16.10 -50.25 -4.83
C LEU B 335 -15.01 -50.85 -5.73
N ASN B 336 -14.28 -50.03 -6.49
CA ASN B 336 -13.21 -50.45 -7.42
C ASN B 336 -11.86 -50.59 -6.68
N GLN B 337 -11.70 -50.01 -5.49
CA GLN B 337 -10.44 -50.02 -4.71
C GLN B 337 -10.53 -50.95 -3.49
N ARG B 338 -11.64 -51.68 -3.35
CA ARG B 338 -11.99 -52.41 -2.11
C ARG B 338 -11.34 -53.79 -2.13
N SER B 339 -10.74 -54.21 -1.01
CA SER B 339 -10.05 -55.51 -0.85
C SER B 339 -11.07 -56.60 -0.52
N GLY B 340 -10.59 -57.84 -0.38
CA GLY B 340 -11.36 -58.93 0.23
C GLY B 340 -11.56 -58.65 1.72
N MET B 341 -12.39 -59.48 2.36
CA MET B 341 -12.88 -59.24 3.75
C MET B 341 -11.96 -59.93 4.79
N ASN B 342 -11.15 -60.90 4.39
CA ASN B 342 -10.37 -61.75 5.34
C ASN B 342 -9.44 -60.89 6.20
N PRO B 343 -8.87 -59.76 5.73
CA PRO B 343 -8.03 -58.92 6.60
C PRO B 343 -8.74 -58.42 7.86
N LEU B 344 -10.07 -58.29 7.84
CA LEU B 344 -10.88 -57.88 9.01
C LEU B 344 -10.68 -58.90 10.14
N ILE B 345 -10.31 -60.13 9.82
CA ILE B 345 -10.07 -61.22 10.81
C ILE B 345 -8.58 -61.25 11.20
N THR B 346 -7.69 -61.27 10.22
CA THR B 346 -6.27 -61.68 10.41
C THR B 346 -5.33 -60.46 10.44
N ASN B 347 -5.65 -59.35 9.77
CA ASN B 347 -4.69 -58.22 9.66
C ASN B 347 -5.01 -57.23 10.80
N SER B 348 -4.46 -57.53 11.98
CA SER B 348 -4.69 -56.81 13.26
C SER B 348 -3.60 -57.23 14.25
N LEU B 349 -3.43 -56.52 15.36
CA LEU B 349 -2.58 -56.99 16.49
C LEU B 349 -3.10 -58.35 17.00
N VAL B 350 -4.39 -58.61 16.83
CA VAL B 350 -5.05 -59.85 17.35
C VAL B 350 -5.78 -60.54 16.20
N ASN B 351 -5.45 -61.81 15.99
CA ASN B 351 -6.13 -62.69 15.02
C ASN B 351 -7.44 -63.14 15.65
N ARG B 352 -8.58 -62.73 15.08
CA ARG B 352 -9.90 -62.89 15.74
C ARG B 352 -10.63 -64.13 15.19
N THR B 353 -9.93 -65.05 14.55
CA THR B 353 -10.50 -66.33 14.08
C THR B 353 -11.15 -67.04 15.29
N ASP B 354 -10.37 -67.27 16.34
CA ASP B 354 -10.86 -67.84 17.63
C ASP B 354 -10.10 -67.15 18.76
N ASP B 355 -10.67 -66.07 19.29
CA ASP B 355 -10.07 -65.25 20.39
C ASP B 355 -10.73 -65.68 21.70
N ASN B 356 -10.06 -66.57 22.43
CA ASN B 356 -10.62 -67.27 23.62
C ASN B 356 -9.75 -66.93 24.84
N ALA B 357 -8.87 -65.92 24.72
CA ALA B 357 -7.87 -65.56 25.76
C ALA B 357 -8.52 -64.75 26.88
N GLU B 358 -8.18 -65.07 28.12
CA GLU B 358 -8.60 -64.26 29.30
C GLU B 358 -7.94 -62.88 29.18
N THR B 359 -6.70 -62.83 28.69
CA THR B 359 -5.91 -61.59 28.50
C THR B 359 -5.21 -61.65 27.14
N ALA B 360 -5.50 -60.71 26.23
CA ALA B 360 -4.85 -60.62 24.91
C ALA B 360 -3.33 -60.41 25.09
N ALA B 361 -2.54 -60.82 24.10
CA ALA B 361 -1.07 -60.71 24.07
C ALA B 361 -0.62 -59.25 24.26
N VAL B 362 -1.34 -58.30 23.66
CA VAL B 362 -0.97 -56.85 23.62
C VAL B 362 -2.24 -56.01 23.66
N PRO B 363 -2.31 -54.96 24.52
CA PRO B 363 -3.47 -54.09 24.55
C PRO B 363 -3.38 -53.01 23.46
N SER B 364 -4.55 -52.49 23.05
CA SER B 364 -4.66 -51.50 21.95
C SER B 364 -5.98 -50.77 22.03
N TYR B 365 -6.09 -49.64 21.31
CA TYR B 365 -7.38 -49.02 20.93
C TYR B 365 -7.52 -49.10 19.41
N SER B 366 -8.77 -49.15 18.95
CA SER B 366 -9.18 -49.34 17.53
C SER B 366 -10.09 -48.18 17.12
N PHE B 367 -9.94 -47.69 15.89
CA PHE B 367 -10.81 -46.64 15.31
C PHE B 367 -10.78 -46.75 13.79
N ILE B 368 -11.71 -46.06 13.12
CA ILE B 368 -11.78 -45.96 11.63
C ILE B 368 -11.46 -44.54 11.18
N ARG B 369 -11.87 -43.56 11.98
CA ARG B 369 -11.59 -42.13 11.75
C ARG B 369 -11.22 -41.48 13.09
N ALA B 370 -10.52 -40.36 13.00
CA ALA B 370 -10.14 -39.47 14.10
C ALA B 370 -10.22 -38.02 13.59
N HIS B 371 -10.03 -37.05 14.48
CA HIS B 371 -10.14 -35.61 14.16
C HIS B 371 -9.23 -35.29 12.97
N ASP B 372 -8.07 -35.96 12.87
CA ASP B 372 -7.12 -35.79 11.74
C ASP B 372 -7.29 -36.94 10.73
N SER B 373 -7.15 -38.20 11.14
CA SER B 373 -7.15 -39.38 10.23
C SER B 373 -8.51 -39.55 9.53
N GLU B 374 -8.49 -39.51 8.19
CA GLU B 374 -9.65 -39.75 7.29
C GLU B 374 -10.73 -38.66 7.48
N VAL B 375 -10.31 -37.45 7.84
CA VAL B 375 -11.18 -36.23 7.80
C VAL B 375 -10.43 -35.13 7.03
N GLN B 376 -9.39 -34.54 7.61
CA GLN B 376 -8.57 -33.50 6.94
C GLN B 376 -7.98 -34.06 5.64
N ASP B 377 -7.65 -35.36 5.61
CA ASP B 377 -7.20 -36.07 4.38
C ASP B 377 -8.25 -35.96 3.27
N LEU B 378 -9.54 -36.03 3.60
CA LEU B 378 -10.64 -36.06 2.60
C LEU B 378 -10.93 -34.64 2.12
N ILE B 379 -10.90 -33.66 3.03
CA ILE B 379 -10.97 -32.22 2.68
C ILE B 379 -9.84 -31.89 1.70
N ARG B 380 -8.61 -32.37 1.96
CA ARG B 380 -7.44 -32.14 1.08
C ARG B 380 -7.71 -32.73 -0.31
N ASP B 381 -8.22 -33.95 -0.37
CA ASP B 381 -8.61 -34.62 -1.64
C ASP B 381 -9.57 -33.70 -2.40
N ILE B 382 -10.58 -33.14 -1.71
CA ILE B 382 -11.63 -32.29 -2.34
C ILE B 382 -10.98 -31.00 -2.85
N ILE B 383 -10.27 -30.28 -1.98
CA ILE B 383 -9.58 -29.01 -2.32
C ILE B 383 -8.67 -29.24 -3.53
N LYS B 384 -7.82 -30.26 -3.49
CA LYS B 384 -6.80 -30.54 -4.53
C LYS B 384 -7.47 -30.92 -5.85
N ALA B 385 -8.65 -31.54 -5.81
CA ALA B 385 -9.35 -32.04 -7.02
C ALA B 385 -10.15 -30.90 -7.66
N GLU B 386 -10.88 -30.10 -6.88
CA GLU B 386 -11.98 -29.23 -7.39
C GLU B 386 -11.80 -27.74 -7.03
N ILE B 387 -10.76 -27.34 -6.29
CA ILE B 387 -10.59 -25.92 -5.85
C ILE B 387 -9.18 -25.43 -6.21
N ASN B 388 -8.16 -25.83 -5.42
CA ASN B 388 -6.76 -25.35 -5.60
C ASN B 388 -5.85 -26.57 -5.78
N PRO B 389 -5.56 -26.97 -7.03
CA PRO B 389 -4.66 -28.11 -7.29
C PRO B 389 -3.24 -28.05 -6.70
N ASN B 390 -2.80 -26.89 -6.20
CA ASN B 390 -1.41 -26.63 -5.72
C ASN B 390 -1.40 -26.43 -4.20
N VAL B 391 -2.49 -26.79 -3.52
CA VAL B 391 -2.60 -26.74 -2.03
C VAL B 391 -1.42 -27.51 -1.42
N VAL B 392 -0.76 -26.90 -0.44
CA VAL B 392 0.46 -27.43 0.24
C VAL B 392 0.02 -28.14 1.53
N GLY B 393 0.40 -29.42 1.67
CA GLY B 393 0.09 -30.23 2.87
C GLY B 393 -1.34 -30.04 3.34
N TYR B 394 -1.53 -29.59 4.58
CA TYR B 394 -2.88 -29.31 5.14
C TYR B 394 -2.98 -27.81 5.48
N SER B 395 -2.21 -26.97 4.81
CA SER B 395 -2.17 -25.49 5.03
C SER B 395 -3.30 -24.86 4.22
N PHE B 396 -4.55 -25.15 4.59
CA PHE B 396 -5.78 -24.67 3.92
C PHE B 396 -6.12 -23.27 4.43
N THR B 397 -6.84 -22.51 3.62
CA THR B 397 -7.49 -21.23 4.00
C THR B 397 -8.92 -21.54 4.48
N MET B 398 -9.48 -20.71 5.34
CA MET B 398 -10.86 -20.89 5.85
C MET B 398 -11.84 -20.99 4.68
N GLU B 399 -11.61 -20.23 3.60
CA GLU B 399 -12.56 -20.11 2.46
C GLU B 399 -12.49 -21.39 1.63
N GLU B 400 -11.28 -21.95 1.45
CA GLU B 400 -11.07 -23.30 0.83
C GLU B 400 -11.88 -24.35 1.62
N ILE B 401 -11.82 -24.28 2.96
CA ILE B 401 -12.50 -25.23 3.89
C ILE B 401 -14.03 -25.14 3.67
N LYS B 402 -14.60 -23.94 3.72
CA LYS B 402 -16.07 -23.80 3.64
C LYS B 402 -16.61 -24.33 2.32
N LYS B 403 -15.89 -24.11 1.23
CA LYS B 403 -16.29 -24.56 -0.12
C LYS B 403 -16.13 -26.08 -0.20
N ALA B 404 -15.02 -26.62 0.31
CA ALA B 404 -14.77 -28.08 0.38
C ALA B 404 -15.92 -28.76 1.13
N PHE B 405 -16.41 -28.14 2.21
CA PHE B 405 -17.48 -28.71 3.08
C PHE B 405 -18.84 -28.70 2.36
N GLU B 406 -19.03 -27.84 1.35
CA GLU B 406 -20.29 -27.86 0.55
C GLU B 406 -20.34 -29.21 -0.18
N ILE B 407 -19.21 -29.60 -0.78
CA ILE B 407 -19.06 -30.82 -1.62
C ILE B 407 -19.10 -32.05 -0.72
N TYR B 408 -18.32 -32.04 0.35
CA TYR B 408 -18.21 -33.10 1.39
C TYR B 408 -19.59 -33.45 1.91
N ASN B 409 -20.40 -32.46 2.30
CA ASN B 409 -21.71 -32.67 2.99
C ASN B 409 -22.70 -33.28 2.00
N LYS B 410 -22.54 -33.03 0.71
CA LYS B 410 -23.41 -33.63 -0.34
C LYS B 410 -22.96 -35.08 -0.55
N ASP B 411 -21.65 -35.31 -0.63
CA ASP B 411 -21.05 -36.66 -0.81
C ASP B 411 -21.51 -37.60 0.32
N LEU B 412 -21.57 -37.12 1.57
CA LEU B 412 -22.00 -37.91 2.75
C LEU B 412 -23.35 -38.58 2.50
N LEU B 413 -24.30 -37.88 1.86
CA LEU B 413 -25.72 -38.32 1.70
C LEU B 413 -25.93 -39.11 0.41
N ALA B 414 -24.91 -39.19 -0.45
CA ALA B 414 -24.97 -39.91 -1.75
C ALA B 414 -24.74 -41.42 -1.55
N THR B 415 -25.41 -42.23 -2.38
CA THR B 415 -25.19 -43.69 -2.53
C THR B 415 -23.82 -43.93 -3.18
N GLU B 416 -23.50 -43.19 -4.25
CA GLU B 416 -22.19 -43.28 -4.93
C GLU B 416 -21.32 -42.12 -4.40
N LYS B 417 -20.35 -42.43 -3.54
CA LYS B 417 -19.50 -41.42 -2.86
C LYS B 417 -18.18 -41.31 -3.62
N LYS B 418 -17.75 -40.09 -3.91
CA LYS B 418 -16.49 -39.81 -4.65
C LYS B 418 -15.35 -39.58 -3.64
N TYR B 419 -15.66 -39.05 -2.45
CA TYR B 419 -14.64 -38.56 -1.49
C TYR B 419 -14.76 -39.20 -0.09
N THR B 420 -15.97 -39.60 0.34
CA THR B 420 -16.25 -39.93 1.76
C THR B 420 -16.38 -41.45 1.94
N HIS B 421 -16.27 -41.91 3.18
CA HIS B 421 -16.26 -43.35 3.57
C HIS B 421 -17.60 -44.01 3.24
N TYR B 422 -17.54 -45.17 2.58
CA TYR B 422 -18.65 -46.14 2.55
C TYR B 422 -18.70 -46.92 3.87
N ASN B 423 -19.87 -47.49 4.19
CA ASN B 423 -20.02 -48.59 5.18
C ASN B 423 -19.59 -48.16 6.59
N THR B 424 -19.82 -46.90 6.98
CA THR B 424 -19.45 -46.42 8.34
C THR B 424 -20.03 -47.38 9.39
N ALA B 425 -21.31 -47.72 9.30
CA ALA B 425 -22.02 -48.56 10.29
C ALA B 425 -21.40 -49.96 10.35
N LEU B 426 -20.89 -50.48 9.23
CA LEU B 426 -20.27 -51.82 9.17
C LEU B 426 -18.96 -51.77 9.97
N SER B 427 -18.21 -50.68 9.82
CA SER B 427 -16.94 -50.52 10.56
C SER B 427 -17.24 -50.48 12.07
N TYR B 428 -18.25 -49.73 12.49
CA TYR B 428 -18.60 -49.57 13.92
C TYR B 428 -19.21 -50.87 14.47
N ALA B 429 -19.97 -51.62 13.67
CA ALA B 429 -20.48 -52.94 14.11
C ALA B 429 -19.30 -53.82 14.53
N LEU B 430 -18.19 -53.77 13.78
CA LEU B 430 -16.99 -54.61 14.09
C LEU B 430 -16.24 -53.97 15.27
N LEU B 431 -16.00 -52.66 15.24
CA LEU B 431 -15.21 -51.96 16.29
C LEU B 431 -15.89 -52.17 17.66
N LEU B 432 -17.23 -52.19 17.71
CA LEU B 432 -17.99 -52.17 18.99
C LEU B 432 -18.41 -53.58 19.43
N THR B 433 -18.14 -54.63 18.65
CA THR B 433 -18.37 -56.06 19.03
C THR B 433 -17.04 -56.83 19.16
N ASN B 434 -15.95 -56.32 18.62
CA ASN B 434 -14.63 -57.01 18.65
C ASN B 434 -14.19 -57.21 20.10
N LYS B 435 -13.54 -58.34 20.36
CA LYS B 435 -12.83 -58.63 21.62
C LYS B 435 -11.40 -58.09 21.53
N SER B 436 -10.77 -57.83 22.68
CA SER B 436 -9.31 -57.59 22.82
C SER B 436 -8.88 -56.25 22.21
N SER B 437 -9.75 -55.24 22.19
CA SER B 437 -9.35 -53.84 21.88
C SER B 437 -10.35 -52.87 22.49
N VAL B 438 -9.88 -51.70 22.93
CA VAL B 438 -10.76 -50.61 23.42
C VAL B 438 -11.20 -49.80 22.19
N PRO B 439 -12.50 -49.81 21.82
CA PRO B 439 -12.94 -49.02 20.69
C PRO B 439 -12.86 -47.53 21.03
N ARG B 440 -12.48 -46.70 20.06
CA ARG B 440 -12.58 -45.22 20.19
C ARG B 440 -13.54 -44.72 19.10
N VAL B 441 -14.68 -44.19 19.53
CA VAL B 441 -15.73 -43.58 18.66
C VAL B 441 -15.28 -42.15 18.33
N TYR B 442 -15.33 -41.77 17.05
CA TYR B 442 -15.07 -40.38 16.59
C TYR B 442 -16.36 -39.56 16.63
N TYR B 443 -16.34 -38.44 17.35
CA TYR B 443 -17.45 -37.44 17.43
C TYR B 443 -18.10 -37.27 16.05
N GLY B 444 -17.27 -37.03 15.03
CA GLY B 444 -17.73 -36.66 13.69
C GLY B 444 -18.30 -37.82 12.90
N ASP B 445 -18.45 -39.01 13.52
CA ASP B 445 -19.18 -40.13 12.90
C ASP B 445 -20.60 -40.15 13.45
N MET B 446 -20.84 -39.53 14.61
CA MET B 446 -22.17 -39.44 15.25
C MET B 446 -22.81 -38.07 14.96
N PHE B 447 -22.03 -37.00 15.05
CA PHE B 447 -22.45 -35.61 14.74
C PHE B 447 -21.68 -35.11 13.52
N THR B 448 -22.15 -34.03 12.88
CA THR B 448 -21.54 -33.43 11.67
C THR B 448 -20.15 -32.89 12.02
N ASP B 449 -19.21 -33.04 11.09
CA ASP B 449 -17.80 -32.60 11.27
C ASP B 449 -17.75 -31.07 11.38
N ASP B 450 -18.70 -30.39 10.73
CA ASP B 450 -18.87 -28.91 10.77
C ASP B 450 -20.11 -28.58 11.60
N GLY B 451 -20.31 -27.31 11.90
CA GLY B 451 -21.47 -26.89 12.70
C GLY B 451 -21.18 -26.98 14.18
N GLN B 452 -22.17 -26.64 14.99
CA GLN B 452 -22.02 -26.44 16.44
C GLN B 452 -21.99 -27.81 17.10
N TYR B 453 -21.38 -27.89 18.28
CA TYR B 453 -21.13 -29.14 19.04
C TYR B 453 -22.46 -29.83 19.36
N MET B 454 -22.62 -31.07 18.88
CA MET B 454 -23.74 -32.00 19.17
C MET B 454 -25.06 -31.44 18.61
N ALA B 455 -24.99 -30.50 17.67
CA ALA B 455 -26.18 -29.78 17.14
C ALA B 455 -26.88 -30.63 16.06
N HIS B 456 -26.13 -31.31 15.21
CA HIS B 456 -26.66 -32.04 14.03
C HIS B 456 -26.11 -33.46 13.99
N LYS B 457 -27.01 -34.43 13.90
CA LYS B 457 -26.68 -35.88 13.84
C LYS B 457 -26.38 -36.28 12.41
N THR B 458 -25.39 -37.15 12.20
CA THR B 458 -25.14 -37.84 10.92
C THR B 458 -26.28 -38.84 10.71
N ILE B 459 -26.39 -39.38 9.50
CA ILE B 459 -27.38 -40.43 9.15
C ILE B 459 -27.02 -41.74 9.89
N ASN B 460 -25.81 -41.85 10.44
CA ASN B 460 -25.30 -43.08 11.11
C ASN B 460 -25.43 -42.99 12.64
N TYR B 461 -25.83 -41.83 13.17
CA TYR B 461 -26.02 -41.59 14.63
C TYR B 461 -26.85 -42.73 15.25
N GLU B 462 -28.01 -43.05 14.68
CA GLU B 462 -28.95 -44.05 15.24
C GLU B 462 -28.25 -45.42 15.34
N ALA B 463 -27.66 -45.89 14.24
CA ALA B 463 -26.97 -47.21 14.17
C ALA B 463 -25.86 -47.26 15.22
N ILE B 464 -25.04 -46.22 15.31
CA ILE B 464 -23.88 -46.20 16.24
C ILE B 464 -24.41 -46.14 17.68
N GLU B 465 -25.40 -45.29 17.98
CA GLU B 465 -26.04 -45.20 19.34
C GLU B 465 -26.58 -46.58 19.73
N THR B 466 -27.31 -47.24 18.82
CA THR B 466 -27.93 -48.56 19.08
C THR B 466 -26.83 -49.57 19.44
N LEU B 467 -25.70 -49.55 18.73
CA LEU B 467 -24.54 -50.47 18.96
C LEU B 467 -23.91 -50.16 20.32
N LEU B 468 -23.79 -48.89 20.67
CA LEU B 468 -23.15 -48.48 21.95
C LEU B 468 -24.00 -49.00 23.11
N LYS B 469 -25.33 -48.90 23.04
CA LYS B 469 -26.24 -49.34 24.13
C LYS B 469 -26.24 -50.87 24.18
N ALA B 470 -26.28 -51.52 23.01
CA ALA B 470 -26.19 -53.00 22.89
C ALA B 470 -24.85 -53.50 23.44
N ARG B 471 -23.77 -52.74 23.28
CA ARG B 471 -22.43 -53.20 23.72
C ARG B 471 -22.45 -53.43 25.24
N ILE B 472 -23.05 -52.50 25.99
CA ILE B 472 -23.18 -52.58 27.48
C ILE B 472 -23.96 -53.85 27.83
N LYS B 473 -25.04 -54.10 27.11
CA LYS B 473 -26.04 -55.14 27.47
C LYS B 473 -25.59 -56.55 27.03
N TYR B 474 -24.97 -56.68 25.85
CA TYR B 474 -24.81 -57.99 25.17
C TYR B 474 -23.34 -58.38 24.92
N VAL B 475 -22.39 -57.44 24.84
CA VAL B 475 -21.06 -57.78 24.26
C VAL B 475 -20.13 -58.28 25.37
N SER B 476 -19.90 -59.59 25.41
CA SER B 476 -18.97 -60.22 26.37
C SER B 476 -18.61 -61.62 25.90
N GLY B 477 -17.51 -62.16 26.42
CA GLY B 477 -17.08 -63.55 26.19
C GLY B 477 -16.16 -63.66 24.99
N GLY B 478 -15.88 -64.90 24.58
CA GLY B 478 -14.97 -65.22 23.48
C GLY B 478 -15.51 -64.68 22.17
N GLN B 479 -14.65 -64.64 21.15
CA GLN B 479 -15.00 -64.20 19.79
C GLN B 479 -14.57 -65.29 18.81
N ALA B 480 -15.38 -65.48 17.78
CA ALA B 480 -15.09 -66.25 16.56
C ALA B 480 -15.47 -65.37 15.37
N MET B 481 -14.59 -65.23 14.39
CA MET B 481 -14.93 -64.64 13.07
C MET B 481 -14.73 -65.72 12.00
N ARG B 482 -15.62 -65.75 11.01
CA ARG B 482 -15.55 -66.68 9.86
C ARG B 482 -15.70 -65.90 8.56
N ASN B 483 -15.06 -66.39 7.52
CA ASN B 483 -15.08 -65.84 6.14
C ASN B 483 -15.62 -66.92 5.22
N GLN B 484 -16.84 -66.78 4.73
CA GLN B 484 -17.51 -67.81 3.90
C GLN B 484 -17.69 -67.28 2.48
N GLN B 485 -17.20 -68.03 1.49
CA GLN B 485 -17.47 -67.79 0.05
C GLN B 485 -18.89 -68.28 -0.23
N VAL B 486 -19.79 -67.37 -0.65
CA VAL B 486 -21.22 -67.66 -0.95
C VAL B 486 -21.60 -66.93 -2.23
N GLY B 487 -22.31 -67.65 -3.12
CA GLY B 487 -22.75 -67.15 -4.43
C GLY B 487 -21.57 -66.59 -5.20
N ASN B 488 -21.63 -65.30 -5.51
CA ASN B 488 -20.67 -64.61 -6.41
C ASN B 488 -19.60 -63.88 -5.59
N SER B 489 -19.77 -63.76 -4.27
CA SER B 489 -18.94 -62.92 -3.37
C SER B 489 -18.63 -63.66 -2.05
N GLU B 490 -18.49 -62.92 -0.96
CA GLU B 490 -18.11 -63.48 0.36
C GLU B 490 -18.87 -62.71 1.44
N ILE B 491 -19.01 -63.31 2.62
CA ILE B 491 -19.50 -62.65 3.85
C ILE B 491 -18.57 -63.01 5.01
N ILE B 492 -18.57 -62.20 6.06
CA ILE B 492 -17.94 -62.56 7.36
C ILE B 492 -19.05 -62.62 8.42
N THR B 493 -18.86 -63.50 9.40
CA THR B 493 -19.63 -63.55 10.66
C THR B 493 -18.66 -63.22 11.79
N SER B 494 -19.13 -62.51 12.79
CA SER B 494 -18.40 -62.21 14.04
C SER B 494 -19.37 -62.49 15.17
N VAL B 495 -18.96 -63.35 16.10
CA VAL B 495 -19.81 -63.83 17.22
C VAL B 495 -19.09 -63.54 18.54
N ARG B 496 -19.82 -62.99 19.50
CA ARG B 496 -19.43 -63.03 20.93
C ARG B 496 -20.34 -64.04 21.62
N TYR B 497 -19.75 -64.98 22.38
CA TYR B 497 -20.45 -66.16 22.96
C TYR B 497 -21.33 -65.76 24.16
N GLY B 498 -21.09 -64.61 24.79
CA GLY B 498 -21.84 -64.15 25.98
C GLY B 498 -20.98 -64.22 27.24
N LYS B 499 -21.42 -63.55 28.30
CA LYS B 499 -20.63 -63.35 29.55
C LYS B 499 -20.33 -64.72 30.18
N GLY B 500 -19.05 -64.98 30.50
CA GLY B 500 -18.60 -66.23 31.13
C GLY B 500 -18.13 -67.28 30.13
N ALA B 501 -18.41 -67.11 28.83
CA ALA B 501 -18.14 -68.11 27.78
C ALA B 501 -16.96 -67.66 26.90
N LEU B 502 -15.73 -68.01 27.27
CA LEU B 502 -14.52 -67.73 26.46
C LEU B 502 -14.45 -68.68 25.25
N LYS B 503 -15.06 -69.87 25.34
CA LYS B 503 -14.98 -70.92 24.30
C LYS B 503 -16.39 -71.25 23.80
N ALA B 504 -16.48 -71.76 22.56
CA ALA B 504 -17.75 -72.17 21.90
C ALA B 504 -18.42 -73.31 22.67
N THR B 505 -17.67 -74.08 23.47
CA THR B 505 -18.18 -75.28 24.20
C THR B 505 -18.66 -74.91 25.62
N ASP B 506 -18.31 -73.74 26.14
CA ASP B 506 -18.80 -73.26 27.46
C ASP B 506 -20.34 -73.16 27.43
N THR B 507 -21.00 -73.80 28.39
CA THR B 507 -22.49 -73.88 28.47
C THR B 507 -23.05 -72.67 29.20
N GLY B 508 -22.23 -71.97 29.99
CA GLY B 508 -22.56 -70.66 30.60
C GLY B 508 -23.61 -70.78 31.70
N ASP B 509 -24.03 -69.65 32.24
CA ASP B 509 -25.16 -69.54 33.21
C ASP B 509 -26.27 -68.76 32.51
N ARG B 510 -27.23 -68.24 33.29
CA ARG B 510 -28.42 -67.54 32.74
C ARG B 510 -27.98 -66.22 32.07
N THR B 511 -26.96 -65.53 32.60
CA THR B 511 -26.44 -64.26 32.01
C THR B 511 -25.77 -64.57 30.65
N THR B 512 -25.09 -65.71 30.50
CA THR B 512 -24.50 -66.11 29.19
C THR B 512 -25.64 -66.23 28.17
N ARG B 513 -26.71 -66.91 28.55
CA ARG B 513 -27.89 -67.21 27.69
C ARG B 513 -28.46 -65.91 27.10
N THR B 514 -28.58 -64.83 27.87
CA THR B 514 -29.25 -63.58 27.41
C THR B 514 -28.20 -62.53 26.96
N SER B 515 -26.95 -62.93 26.75
CA SER B 515 -25.89 -62.04 26.22
C SER B 515 -25.25 -62.72 25.00
N GLY B 516 -24.28 -62.06 24.38
CA GLY B 516 -23.70 -62.47 23.09
C GLY B 516 -24.32 -61.73 21.93
N VAL B 517 -23.74 -61.88 20.73
CA VAL B 517 -24.15 -61.10 19.54
C VAL B 517 -23.59 -61.78 18.29
N ALA B 518 -24.33 -61.67 17.18
CA ALA B 518 -23.90 -62.11 15.84
C ALA B 518 -23.92 -60.90 14.90
N VAL B 519 -22.77 -60.57 14.31
CA VAL B 519 -22.62 -59.55 13.23
C VAL B 519 -22.38 -60.29 11.91
N ILE B 520 -23.13 -59.94 10.86
CA ILE B 520 -22.97 -60.51 9.50
C ILE B 520 -22.74 -59.36 8.53
N GLU B 521 -21.68 -59.41 7.72
CA GLU B 521 -21.29 -58.30 6.81
C GLU B 521 -20.85 -58.84 5.46
N GLY B 522 -21.20 -58.09 4.40
CA GLY B 522 -20.62 -58.21 3.05
C GLY B 522 -20.17 -56.84 2.58
N ASN B 523 -19.14 -56.77 1.72
CA ASN B 523 -18.59 -55.48 1.25
C ASN B 523 -18.81 -55.31 -0.25
N ASN B 524 -19.81 -55.99 -0.83
CA ASN B 524 -20.09 -56.00 -2.30
C ASN B 524 -21.60 -55.86 -2.53
N PRO B 525 -22.07 -54.75 -3.11
CA PRO B 525 -23.50 -54.54 -3.36
C PRO B 525 -24.18 -55.53 -4.33
N SER B 526 -23.40 -56.32 -5.06
CA SER B 526 -23.92 -57.26 -6.09
C SER B 526 -24.09 -58.66 -5.49
N LEU B 527 -23.78 -58.82 -4.21
CA LEU B 527 -23.84 -60.13 -3.51
C LEU B 527 -25.23 -60.74 -3.72
N ARG B 528 -25.30 -61.92 -4.32
CA ARG B 528 -26.54 -62.72 -4.46
C ARG B 528 -26.23 -64.16 -4.08
N LEU B 529 -26.89 -64.69 -3.06
CA LEU B 529 -26.75 -66.11 -2.64
C LEU B 529 -27.54 -66.99 -3.62
N LYS B 530 -27.03 -68.18 -3.91
CA LYS B 530 -27.79 -69.26 -4.58
C LYS B 530 -28.90 -69.72 -3.62
N ALA B 531 -30.03 -70.20 -4.17
CA ALA B 531 -31.18 -70.77 -3.42
C ALA B 531 -30.71 -71.82 -2.42
N SER B 532 -29.62 -72.53 -2.72
CA SER B 532 -29.08 -73.63 -1.88
C SER B 532 -28.03 -73.12 -0.87
N ASP B 533 -27.63 -71.84 -0.91
CA ASP B 533 -26.59 -71.29 0.00
C ASP B 533 -27.17 -71.09 1.39
N ARG B 534 -26.43 -71.51 2.41
CA ARG B 534 -26.75 -71.31 3.84
C ARG B 534 -25.52 -70.72 4.53
N VAL B 535 -25.72 -69.73 5.42
CA VAL B 535 -24.67 -69.18 6.32
C VAL B 535 -25.01 -69.67 7.73
N VAL B 536 -24.23 -70.64 8.22
CA VAL B 536 -24.37 -71.28 9.55
C VAL B 536 -23.44 -70.54 10.52
N VAL B 537 -24.01 -69.91 11.54
CA VAL B 537 -23.27 -69.10 12.55
C VAL B 537 -23.38 -69.81 13.91
N ASN B 538 -22.28 -70.36 14.41
CA ASN B 538 -22.21 -70.97 15.75
C ASN B 538 -22.25 -69.85 16.80
N MET B 539 -23.33 -69.77 17.59
CA MET B 539 -23.52 -68.75 18.65
C MET B 539 -22.90 -69.20 19.97
N GLY B 540 -22.59 -70.49 20.13
CA GLY B 540 -22.01 -71.06 21.35
C GLY B 540 -23.00 -71.96 22.10
N ALA B 541 -22.48 -72.81 22.98
CA ALA B 541 -23.21 -73.96 23.57
C ALA B 541 -24.25 -73.47 24.60
N ALA B 542 -24.25 -72.18 24.94
CA ALA B 542 -25.24 -71.55 25.85
C ALA B 542 -26.47 -71.10 25.07
N HIS B 543 -26.49 -71.26 23.75
CA HIS B 543 -27.51 -70.63 22.88
C HIS B 543 -28.23 -71.67 22.02
N LYS B 544 -28.46 -72.88 22.54
CA LYS B 544 -29.24 -73.95 21.86
C LYS B 544 -30.74 -73.60 21.93
N ASN B 545 -31.46 -73.77 20.82
CA ASN B 545 -32.94 -73.69 20.76
C ASN B 545 -33.40 -72.36 21.38
N GLN B 546 -33.01 -71.23 20.80
CA GLN B 546 -33.16 -69.91 21.45
C GLN B 546 -33.69 -68.89 20.44
N ALA B 547 -34.59 -68.03 20.89
CA ALA B 547 -35.14 -66.87 20.15
C ALA B 547 -34.08 -65.76 20.06
N TYR B 548 -33.84 -65.27 18.84
CA TYR B 548 -32.96 -64.12 18.52
C TYR B 548 -33.82 -63.08 17.79
N ARG B 549 -33.45 -61.81 17.90
CA ARG B 549 -34.16 -60.70 17.20
C ARG B 549 -33.11 -59.74 16.65
N PRO B 550 -33.44 -58.99 15.58
CA PRO B 550 -32.48 -58.06 14.98
C PRO B 550 -32.24 -56.84 15.87
N LEU B 551 -31.02 -56.33 15.83
CA LEU B 551 -30.61 -55.02 16.40
C LEU B 551 -30.44 -54.01 15.23
N LEU B 552 -29.79 -54.43 14.15
CA LEU B 552 -29.68 -53.62 12.90
C LEU B 552 -29.97 -54.52 11.70
N LEU B 553 -30.71 -54.01 10.73
CA LEU B 553 -30.94 -54.69 9.44
C LEU B 553 -30.79 -53.66 8.32
N THR B 554 -30.10 -54.05 7.26
CA THR B 554 -29.98 -53.26 6.02
C THR B 554 -31.35 -53.28 5.32
N THR B 555 -31.80 -52.11 4.89
CA THR B 555 -33.01 -51.87 4.06
C THR B 555 -32.59 -51.25 2.72
N ASP B 556 -33.55 -51.05 1.81
CA ASP B 556 -33.28 -50.44 0.49
C ASP B 556 -32.70 -49.03 0.67
N ASN B 557 -33.15 -48.26 1.65
CA ASN B 557 -32.77 -46.83 1.80
C ASN B 557 -31.76 -46.62 2.93
N GLY B 558 -31.56 -47.59 3.82
CA GLY B 558 -30.49 -47.46 4.83
C GLY B 558 -30.44 -48.60 5.82
N ILE B 559 -30.53 -48.28 7.11
CA ILE B 559 -30.40 -49.23 8.24
C ILE B 559 -31.57 -48.99 9.19
N LYS B 560 -32.32 -50.04 9.50
CA LYS B 560 -33.41 -50.02 10.51
C LYS B 560 -32.80 -50.46 11.83
N ALA B 561 -32.90 -49.60 12.86
CA ALA B 561 -32.46 -49.92 14.24
C ALA B 561 -33.67 -50.41 15.05
N TYR B 562 -33.48 -51.45 15.86
CA TYR B 562 -34.50 -51.98 16.81
C TYR B 562 -34.01 -51.74 18.24
N HIS B 563 -34.75 -50.90 18.98
CA HIS B 563 -34.37 -50.39 20.33
C HIS B 563 -34.94 -51.29 21.44
N SER B 564 -35.69 -52.34 21.10
CA SER B 564 -36.29 -53.28 22.08
C SER B 564 -36.67 -54.59 21.40
N ASP B 565 -36.85 -55.64 22.20
CA ASP B 565 -37.41 -56.94 21.73
C ASP B 565 -38.76 -56.69 21.03
N GLN B 566 -39.61 -55.83 21.57
CA GLN B 566 -41.02 -55.59 21.10
C GLN B 566 -41.03 -54.88 19.74
N GLU B 567 -40.12 -53.93 19.53
CA GLU B 567 -39.94 -53.23 18.23
C GLU B 567 -39.61 -54.26 17.13
N ALA B 568 -39.05 -55.42 17.48
CA ALA B 568 -38.59 -56.47 16.54
C ALA B 568 -39.52 -57.68 16.57
N ALA B 569 -40.67 -57.58 17.23
CA ALA B 569 -41.64 -58.67 17.51
C ALA B 569 -41.88 -59.55 16.27
N GLY B 570 -42.00 -58.97 15.07
CA GLY B 570 -42.35 -59.69 13.84
C GLY B 570 -41.19 -60.49 13.25
N LEU B 571 -39.96 -60.30 13.72
CA LEU B 571 -38.73 -60.70 12.98
C LEU B 571 -37.91 -61.70 13.79
N VAL B 572 -38.54 -62.35 14.78
CA VAL B 572 -37.83 -63.34 15.64
C VAL B 572 -37.43 -64.51 14.76
N ARG B 573 -36.25 -65.07 15.01
CA ARG B 573 -35.74 -66.33 14.42
C ARG B 573 -35.04 -67.11 15.53
N TYR B 574 -34.67 -68.35 15.27
CA TYR B 574 -34.26 -69.32 16.33
C TYR B 574 -32.95 -69.98 15.94
N THR B 575 -32.12 -70.28 16.93
CA THR B 575 -30.99 -71.22 16.78
C THR B 575 -31.58 -72.63 16.76
N ASN B 576 -30.84 -73.57 16.18
CA ASN B 576 -31.20 -75.01 16.15
C ASN B 576 -30.63 -75.66 17.41
N ASP B 577 -30.70 -76.98 17.49
CA ASP B 577 -30.30 -77.83 18.63
C ASP B 577 -28.78 -77.73 18.86
N ARG B 578 -27.99 -77.24 17.89
CA ARG B 578 -26.51 -77.12 17.98
C ARG B 578 -26.07 -75.71 18.36
N GLY B 579 -27.00 -74.76 18.48
CA GLY B 579 -26.71 -73.35 18.83
C GLY B 579 -26.31 -72.52 17.62
N GLU B 580 -26.75 -72.92 16.42
CA GLU B 580 -26.47 -72.20 15.16
C GLU B 580 -27.69 -71.36 14.76
N LEU B 581 -27.48 -70.07 14.47
CA LEU B 581 -28.36 -69.26 13.60
C LEU B 581 -28.03 -69.64 12.16
N ILE B 582 -29.02 -69.67 11.27
CA ILE B 582 -28.83 -70.06 9.85
C ILE B 582 -29.57 -69.04 8.98
N PHE B 583 -28.87 -68.48 7.98
CA PHE B 583 -29.39 -67.44 7.06
C PHE B 583 -29.33 -67.95 5.60
N THR B 584 -30.25 -67.46 4.76
CA THR B 584 -30.37 -67.80 3.32
C THR B 584 -30.50 -66.51 2.51
N ALA B 585 -30.76 -66.62 1.19
CA ALA B 585 -30.94 -65.50 0.26
C ALA B 585 -32.06 -64.57 0.74
N ALA B 586 -33.08 -65.11 1.42
CA ALA B 586 -34.22 -64.36 1.96
C ALA B 586 -33.76 -63.32 3.00
N ASP B 587 -32.61 -63.55 3.65
CA ASP B 587 -32.06 -62.74 4.76
C ASP B 587 -30.92 -61.84 4.26
N ILE B 588 -29.99 -62.39 3.46
CA ILE B 588 -28.72 -61.74 3.05
C ILE B 588 -28.74 -61.50 1.54
N LYS B 589 -28.56 -60.26 1.13
CA LYS B 589 -28.20 -59.86 -0.25
C LYS B 589 -27.45 -58.52 -0.19
N GLY B 590 -26.80 -58.16 -1.29
CA GLY B 590 -26.12 -56.86 -1.44
C GLY B 590 -27.12 -55.74 -1.61
N TYR B 591 -26.78 -54.58 -1.06
CA TYR B 591 -27.54 -53.31 -1.12
C TYR B 591 -26.56 -52.21 -1.48
N ALA B 592 -27.07 -51.11 -2.03
CA ALA B 592 -26.31 -49.87 -2.29
C ALA B 592 -27.19 -48.70 -1.91
N ASN B 593 -26.84 -48.00 -0.82
CA ASN B 593 -27.58 -46.84 -0.28
C ASN B 593 -26.58 -45.94 0.43
N PRO B 594 -26.98 -44.75 0.90
CA PRO B 594 -26.05 -43.84 1.56
C PRO B 594 -25.31 -44.40 2.78
N GLN B 595 -25.81 -45.48 3.40
CA GLN B 595 -25.23 -46.06 4.65
C GLN B 595 -24.52 -47.39 4.36
N VAL B 596 -25.01 -48.20 3.43
CA VAL B 596 -24.49 -49.58 3.20
C VAL B 596 -24.14 -49.76 1.72
N SER B 597 -22.96 -50.33 1.46
CA SER B 597 -22.45 -50.79 0.14
C SER B 597 -22.01 -52.23 0.32
N GLY B 598 -22.95 -53.17 0.27
CA GLY B 598 -22.79 -54.56 0.72
C GLY B 598 -23.96 -54.99 1.59
N TYR B 599 -23.70 -55.52 2.79
CA TYR B 599 -24.74 -56.02 3.73
C TYR B 599 -24.31 -55.84 5.19
N LEU B 600 -25.26 -55.49 6.05
CA LEU B 600 -25.08 -55.51 7.54
C LEU B 600 -26.33 -56.11 8.18
N GLY B 601 -26.12 -57.09 9.06
CA GLY B 601 -27.13 -57.70 9.95
C GLY B 601 -26.53 -57.93 11.33
N VAL B 602 -27.19 -57.44 12.37
CA VAL B 602 -26.75 -57.66 13.79
C VAL B 602 -27.93 -58.23 14.56
N TRP B 603 -27.70 -59.32 15.28
CA TRP B 603 -28.70 -60.13 16.02
C TRP B 603 -28.29 -60.29 17.49
N VAL B 604 -29.26 -60.16 18.39
CA VAL B 604 -29.08 -60.33 19.87
C VAL B 604 -30.13 -61.32 20.38
N PRO B 605 -29.85 -62.03 21.48
CA PRO B 605 -30.81 -62.98 22.03
C PRO B 605 -31.98 -62.19 22.65
N VAL B 606 -33.19 -62.72 22.52
CA VAL B 606 -34.44 -62.17 23.13
C VAL B 606 -34.34 -62.35 24.63
N GLY B 607 -34.82 -61.36 25.39
CA GLY B 607 -35.22 -61.54 26.80
C GLY B 607 -34.20 -61.01 27.79
N ALA B 608 -33.28 -60.14 27.37
CA ALA B 608 -32.34 -59.45 28.28
C ALA B 608 -33.13 -58.44 29.09
N ALA B 609 -32.97 -58.43 30.41
CA ALA B 609 -33.59 -57.42 31.30
C ALA B 609 -33.21 -56.02 30.79
N ALA B 610 -34.10 -55.04 31.01
CA ALA B 610 -33.92 -53.63 30.61
C ALA B 610 -32.57 -53.08 31.07
N ASP B 611 -32.09 -53.50 32.24
CA ASP B 611 -30.88 -52.93 32.90
C ASP B 611 -29.71 -53.93 32.88
N GLN B 612 -29.79 -55.00 32.08
CA GLN B 612 -28.69 -56.01 31.93
C GLN B 612 -27.42 -55.26 31.46
N ASP B 613 -26.29 -55.60 32.08
CA ASP B 613 -24.99 -54.93 31.91
C ASP B 613 -23.93 -56.01 32.13
N VAL B 614 -23.25 -56.48 31.09
CA VAL B 614 -22.33 -57.65 31.15
C VAL B 614 -20.88 -57.15 31.30
N ARG B 615 -20.70 -55.86 31.58
CA ARG B 615 -19.37 -55.27 31.79
C ARG B 615 -18.84 -55.73 33.16
N VAL B 616 -17.55 -55.55 33.37
CA VAL B 616 -16.80 -56.09 34.53
C VAL B 616 -15.81 -55.01 34.95
N ALA B 617 -15.63 -54.82 36.26
CA ALA B 617 -14.68 -53.83 36.84
C ALA B 617 -13.29 -54.47 36.94
N ALA B 618 -12.25 -53.63 36.88
CA ALA B 618 -10.85 -54.05 37.11
C ALA B 618 -10.71 -54.55 38.54
N SER B 619 -9.90 -55.60 38.76
CA SER B 619 -9.57 -56.13 40.10
C SER B 619 -8.41 -55.33 40.71
N THR B 620 -8.28 -55.42 42.04
CA THR B 620 -7.18 -54.83 42.85
C THR B 620 -6.11 -55.88 43.13
N ALA B 621 -6.25 -57.11 42.64
CA ALA B 621 -5.22 -58.16 42.76
C ALA B 621 -3.93 -57.63 42.15
N PRO B 622 -2.76 -57.77 42.81
CA PRO B 622 -1.50 -57.27 42.25
C PRO B 622 -1.18 -57.88 40.87
N SER B 623 -0.66 -57.05 39.97
CA SER B 623 -0.16 -57.45 38.63
C SER B 623 1.17 -58.19 38.81
N THR B 624 1.40 -59.25 38.02
CA THR B 624 2.58 -60.14 38.23
C THR B 624 3.34 -60.44 36.92
N ASP B 625 2.96 -59.86 35.78
CA ASP B 625 3.56 -60.23 34.47
C ASP B 625 4.54 -59.16 33.95
N GLY B 626 4.74 -58.08 34.70
CA GLY B 626 5.65 -56.98 34.33
C GLY B 626 5.00 -55.91 33.48
N LYS B 627 3.69 -55.99 33.23
CA LYS B 627 2.95 -54.99 32.41
C LYS B 627 1.95 -54.24 33.29
N SER B 628 1.64 -52.99 32.95
CA SER B 628 0.68 -52.15 33.71
C SER B 628 -0.74 -52.40 33.17
N VAL B 629 -0.96 -52.20 31.87
CA VAL B 629 -2.30 -52.37 31.24
C VAL B 629 -2.42 -53.81 30.72
N HIS B 630 -3.58 -54.43 30.95
CA HIS B 630 -3.90 -55.82 30.52
C HIS B 630 -5.22 -55.81 29.74
N GLN B 631 -5.20 -56.35 28.52
CA GLN B 631 -6.40 -56.43 27.64
C GLN B 631 -7.22 -57.65 28.07
N ASN B 632 -7.87 -57.54 29.22
CA ASN B 632 -8.78 -58.56 29.80
C ASN B 632 -10.22 -58.05 29.62
N ALA B 633 -11.20 -58.76 30.18
CA ALA B 633 -12.63 -58.42 30.10
C ALA B 633 -12.88 -57.02 30.66
N ALA B 634 -12.09 -56.56 31.64
CA ALA B 634 -12.28 -55.24 32.28
C ALA B 634 -11.84 -54.12 31.32
N LEU B 635 -10.71 -54.28 30.62
CA LEU B 635 -10.29 -53.27 29.61
C LEU B 635 -11.24 -53.32 28.42
N ASP B 636 -11.67 -54.52 28.03
CA ASP B 636 -12.65 -54.75 26.94
C ASP B 636 -13.98 -54.05 27.28
N SER B 637 -14.26 -53.80 28.56
CA SER B 637 -15.52 -53.18 29.04
C SER B 637 -15.51 -51.66 28.79
N ARG B 638 -14.35 -51.08 28.52
CA ARG B 638 -14.16 -49.62 28.36
C ARG B 638 -14.50 -49.20 26.93
N VAL B 639 -14.98 -47.97 26.75
CA VAL B 639 -15.16 -47.30 25.44
C VAL B 639 -14.56 -45.89 25.50
N MET B 640 -13.75 -45.56 24.50
CA MET B 640 -13.09 -44.24 24.36
C MET B 640 -13.95 -43.39 23.42
N PHE B 641 -14.14 -42.11 23.73
CA PHE B 641 -14.88 -41.14 22.88
C PHE B 641 -13.94 -39.97 22.56
N GLU B 642 -13.57 -39.82 21.30
CA GLU B 642 -12.82 -38.64 20.81
C GLU B 642 -13.86 -37.52 20.61
N GLY B 643 -13.98 -36.62 21.60
CA GLY B 643 -15.14 -35.70 21.75
C GLY B 643 -14.92 -34.34 21.12
N PHE B 644 -14.35 -34.27 19.92
CA PHE B 644 -14.27 -33.04 19.10
C PHE B 644 -14.03 -33.36 17.63
N SER B 645 -14.28 -32.38 16.78
CA SER B 645 -13.89 -32.32 15.35
C SER B 645 -13.03 -31.09 15.12
N ASN B 646 -12.03 -31.19 14.25
CA ASN B 646 -11.22 -30.03 13.79
C ASN B 646 -12.17 -28.95 13.27
N PHE B 647 -13.22 -29.34 12.54
CA PHE B 647 -14.02 -28.45 11.67
C PHE B 647 -15.31 -27.99 12.39
N GLN B 648 -15.41 -28.21 13.69
CA GLN B 648 -16.48 -27.62 14.53
C GLN B 648 -16.57 -26.12 14.23
N ALA B 649 -17.78 -25.60 14.00
CA ALA B 649 -18.04 -24.14 13.86
C ALA B 649 -17.64 -23.43 15.15
N PHE B 650 -17.14 -22.20 15.06
CA PHE B 650 -16.88 -21.30 16.24
C PHE B 650 -18.22 -21.01 16.92
N ALA B 651 -18.20 -20.96 18.25
CA ALA B 651 -19.39 -20.70 19.10
C ALA B 651 -19.80 -19.22 18.95
N THR B 652 -21.09 -18.95 18.78
CA THR B 652 -21.66 -17.58 18.66
C THR B 652 -22.12 -17.09 20.04
N LYS B 653 -22.40 -17.99 20.99
CA LYS B 653 -22.89 -17.65 22.35
C LYS B 653 -22.46 -18.73 23.35
N LYS B 654 -22.45 -18.44 24.65
CA LYS B 654 -21.94 -19.32 25.74
C LYS B 654 -22.57 -20.71 25.66
N GLU B 655 -23.87 -20.78 25.36
CA GLU B 655 -24.69 -22.03 25.36
C GLU B 655 -24.17 -23.02 24.30
N GLU B 656 -23.34 -22.55 23.35
CA GLU B 656 -22.83 -23.34 22.20
C GLU B 656 -21.38 -23.78 22.45
N TYR B 657 -20.70 -23.22 23.46
CA TYR B 657 -19.33 -23.64 23.85
C TYR B 657 -19.34 -25.15 24.15
N THR B 658 -18.41 -25.90 23.56
CA THR B 658 -18.31 -27.39 23.61
C THR B 658 -18.33 -27.86 25.08
N ASN B 659 -17.52 -27.25 25.94
CA ASN B 659 -17.35 -27.70 27.36
C ASN B 659 -18.65 -27.44 28.13
N VAL B 660 -19.44 -26.44 27.73
CA VAL B 660 -20.75 -26.14 28.38
C VAL B 660 -21.75 -27.21 27.92
N VAL B 661 -21.69 -27.59 26.64
CA VAL B 661 -22.59 -28.64 26.07
C VAL B 661 -22.21 -30.01 26.67
N ILE B 662 -20.92 -30.26 26.90
CA ILE B 662 -20.40 -31.53 27.48
C ILE B 662 -21.00 -31.72 28.88
N ALA B 663 -20.94 -30.70 29.72
CA ALA B 663 -21.51 -30.71 31.09
C ALA B 663 -23.02 -31.00 31.04
N LYS B 664 -23.73 -30.39 30.09
CA LYS B 664 -25.20 -30.49 29.96
C LYS B 664 -25.62 -31.90 29.47
N ASN B 665 -24.81 -32.59 28.66
CA ASN B 665 -25.20 -33.85 27.97
C ASN B 665 -24.50 -35.08 28.55
N VAL B 666 -23.93 -34.97 29.75
CA VAL B 666 -23.03 -35.99 30.33
C VAL B 666 -23.80 -37.30 30.57
N ASP B 667 -25.14 -37.26 30.62
CA ASP B 667 -26.01 -38.45 30.77
C ASP B 667 -25.96 -39.28 29.49
N LYS B 668 -25.83 -38.61 28.33
CA LYS B 668 -25.74 -39.27 26.99
C LYS B 668 -24.50 -40.17 26.98
N PHE B 669 -23.35 -39.62 27.36
CA PHE B 669 -22.04 -40.32 27.32
C PHE B 669 -22.09 -41.58 28.19
N ALA B 670 -22.68 -41.49 29.38
CA ALA B 670 -22.82 -42.62 30.34
C ALA B 670 -23.73 -43.68 29.74
N GLU B 671 -24.83 -43.25 29.13
CA GLU B 671 -25.81 -44.13 28.40
C GLU B 671 -25.08 -44.93 27.30
N TRP B 672 -24.10 -44.29 26.64
CA TRP B 672 -23.33 -44.88 25.51
C TRP B 672 -22.20 -45.78 26.03
N GLY B 673 -21.93 -45.78 27.33
CA GLY B 673 -20.86 -46.58 27.92
C GLY B 673 -19.48 -45.96 27.76
N VAL B 674 -19.42 -44.66 27.49
CA VAL B 674 -18.13 -43.95 27.41
C VAL B 674 -17.50 -43.96 28.82
N THR B 675 -16.31 -44.54 28.94
CA THR B 675 -15.54 -44.63 30.22
C THR B 675 -14.35 -43.67 30.15
N ASP B 676 -13.92 -43.27 28.95
CA ASP B 676 -12.73 -42.43 28.72
C ASP B 676 -13.07 -41.36 27.68
N PHE B 677 -13.20 -40.11 28.13
CA PHE B 677 -13.53 -38.93 27.29
C PHE B 677 -12.22 -38.25 26.90
N GLU B 678 -11.85 -38.40 25.63
CA GLU B 678 -10.66 -37.73 25.05
C GLU B 678 -11.08 -36.33 24.62
N MET B 679 -10.81 -35.34 25.45
CA MET B 679 -11.09 -33.91 25.13
C MET B 679 -10.04 -33.45 24.14
N ALA B 680 -10.40 -32.47 23.31
CA ALA B 680 -9.46 -31.68 22.49
C ALA B 680 -8.36 -31.14 23.39
N PRO B 681 -7.18 -30.82 22.85
CA PRO B 681 -6.20 -30.02 23.58
C PRO B 681 -6.86 -28.69 23.97
N GLN B 682 -6.68 -28.23 25.20
CA GLN B 682 -7.46 -27.10 25.78
C GLN B 682 -6.62 -25.82 25.77
N TYR B 683 -5.45 -25.84 25.11
CA TYR B 683 -4.48 -24.70 25.07
C TYR B 683 -5.07 -23.64 24.15
N VAL B 684 -4.94 -22.36 24.52
CA VAL B 684 -5.50 -21.24 23.73
C VAL B 684 -4.77 -21.25 22.39
N SER B 685 -5.52 -21.25 21.28
CA SER B 685 -4.95 -21.37 19.92
C SER B 685 -4.25 -20.08 19.53
N SER B 686 -3.13 -20.19 18.82
CA SER B 686 -2.57 -19.10 17.98
C SER B 686 -3.50 -18.88 16.77
N THR B 687 -3.32 -17.76 16.06
CA THR B 687 -4.24 -17.32 14.96
C THR B 687 -3.45 -17.00 13.67
N ASP B 688 -2.17 -17.37 13.60
CA ASP B 688 -1.26 -17.08 12.46
C ASP B 688 -1.83 -17.65 11.15
N GLY B 689 -2.53 -18.79 11.19
CA GLY B 689 -3.09 -19.44 9.98
C GLY B 689 -2.04 -20.14 9.11
N SER B 690 -0.85 -20.43 9.65
CA SER B 690 0.27 -21.09 8.92
C SER B 690 0.01 -22.59 8.73
N PHE B 691 -1.02 -23.13 9.39
CA PHE B 691 -1.44 -24.55 9.28
C PHE B 691 -2.91 -24.65 9.66
N LEU B 692 -3.57 -25.72 9.21
CA LEU B 692 -4.99 -26.05 9.53
C LEU B 692 -5.28 -25.81 11.01
N ASP B 693 -4.43 -26.32 11.90
CA ASP B 693 -4.63 -26.26 13.37
C ASP B 693 -4.81 -24.82 13.83
N SER B 694 -4.09 -23.88 13.21
CA SER B 694 -4.08 -22.42 13.56
C SER B 694 -5.21 -21.68 12.84
N VAL B 695 -5.87 -22.30 11.86
CA VAL B 695 -7.02 -21.72 11.10
C VAL B 695 -8.33 -22.09 11.80
N ILE B 696 -8.54 -23.37 12.15
CA ILE B 696 -9.82 -23.80 12.80
C ILE B 696 -9.63 -23.88 14.33
N GLN B 697 -8.44 -23.55 14.83
CA GLN B 697 -8.15 -23.28 16.28
C GLN B 697 -8.52 -24.48 17.15
N ASN B 698 -7.99 -25.68 16.85
CA ASN B 698 -8.40 -26.95 17.51
C ASN B 698 -7.76 -27.06 18.89
N GLY B 699 -6.58 -26.45 19.08
CA GLY B 699 -5.81 -26.49 20.35
C GLY B 699 -4.42 -27.08 20.18
N TYR B 700 -4.08 -27.59 18.99
CA TYR B 700 -2.75 -28.19 18.70
C TYR B 700 -1.73 -27.11 18.34
N ALA B 701 -2.18 -25.89 18.02
CA ALA B 701 -1.31 -24.74 17.68
C ALA B 701 -1.42 -23.68 18.78
N PHE B 702 -0.38 -23.54 19.59
CA PHE B 702 -0.42 -22.69 20.82
C PHE B 702 0.96 -22.09 21.10
N THR B 703 0.94 -20.98 21.84
CA THR B 703 2.13 -20.22 22.29
C THR B 703 2.35 -20.46 23.79
N ASP B 704 1.31 -20.83 24.54
CA ASP B 704 1.39 -20.94 26.02
C ASP B 704 0.83 -22.30 26.47
N ARG B 705 1.72 -23.18 26.93
CA ARG B 705 1.41 -24.59 27.29
C ARG B 705 0.45 -24.65 28.49
N TYR B 706 0.47 -23.65 29.40
CA TYR B 706 -0.34 -23.66 30.64
C TYR B 706 -1.60 -22.80 30.51
N ASP B 707 -1.85 -22.19 29.33
CA ASP B 707 -3.00 -21.27 29.11
C ASP B 707 -4.22 -22.08 28.67
N LEU B 708 -4.89 -22.75 29.61
CA LEU B 708 -6.05 -23.62 29.30
C LEU B 708 -7.34 -22.80 29.40
N GLY B 709 -7.51 -21.86 28.48
CA GLY B 709 -8.65 -20.92 28.45
C GLY B 709 -8.62 -19.95 29.62
N ILE B 710 -7.42 -19.56 30.06
CA ILE B 710 -7.20 -18.75 31.28
C ILE B 710 -7.16 -17.25 30.88
N SER B 711 -6.30 -16.88 29.92
CA SER B 711 -6.07 -15.47 29.50
C SER B 711 -7.24 -14.99 28.62
N LYS B 712 -8.11 -15.90 28.20
CA LYS B 712 -9.06 -15.73 27.07
C LYS B 712 -9.74 -17.08 26.89
N PRO B 713 -11.00 -17.17 26.43
CA PRO B 713 -11.60 -18.47 26.11
C PRO B 713 -10.75 -19.23 25.06
N ASN B 714 -10.63 -20.55 25.18
CA ASN B 714 -10.22 -21.44 24.06
C ASN B 714 -11.47 -21.62 23.19
N LYS B 715 -11.37 -22.35 22.08
CA LYS B 715 -12.50 -22.60 21.14
C LYS B 715 -13.67 -23.28 21.88
N TYR B 716 -13.39 -23.95 22.99
CA TYR B 716 -14.32 -24.90 23.67
C TYR B 716 -14.92 -24.21 24.91
N GLY B 717 -14.37 -23.05 25.30
CA GLY B 717 -14.93 -22.18 26.35
C GLY B 717 -13.86 -21.60 27.27
N THR B 718 -14.27 -21.14 28.45
CA THR B 718 -13.38 -20.56 29.48
C THR B 718 -12.73 -21.69 30.27
N ALA B 719 -11.65 -21.39 31.00
CA ALA B 719 -11.04 -22.29 32.00
C ALA B 719 -12.11 -22.80 32.98
N ASP B 720 -13.10 -21.97 33.34
CA ASP B 720 -14.16 -22.36 34.32
C ASP B 720 -15.13 -23.34 33.64
N ASP B 721 -15.38 -23.17 32.34
CA ASP B 721 -16.23 -24.08 31.53
C ASP B 721 -15.58 -25.47 31.48
N LEU B 722 -14.25 -25.52 31.29
CA LEU B 722 -13.44 -26.76 31.27
C LEU B 722 -13.55 -27.45 32.64
N VAL B 723 -13.28 -26.72 33.71
CA VAL B 723 -13.37 -27.22 35.11
C VAL B 723 -14.75 -27.87 35.31
N LYS B 724 -15.82 -27.22 34.87
CA LYS B 724 -17.21 -27.70 35.10
C LYS B 724 -17.47 -28.96 34.25
N ALA B 725 -16.89 -29.05 33.06
CA ALA B 725 -17.02 -30.22 32.15
C ALA B 725 -16.33 -31.44 32.78
N ILE B 726 -15.13 -31.26 33.33
CA ILE B 726 -14.36 -32.36 33.98
C ILE B 726 -15.16 -32.89 35.17
N LYS B 727 -15.72 -31.99 35.99
CA LYS B 727 -16.52 -32.34 37.21
C LYS B 727 -17.78 -33.10 36.81
N ALA B 728 -18.46 -32.65 35.75
CA ALA B 728 -19.70 -33.29 35.21
C ALA B 728 -19.41 -34.72 34.76
N LEU B 729 -18.35 -34.92 33.96
CA LEU B 729 -17.90 -36.27 33.53
C LEU B 729 -17.56 -37.12 34.77
N HIS B 730 -16.81 -36.58 35.73
CA HIS B 730 -16.41 -37.32 36.97
C HIS B 730 -17.64 -37.72 37.78
N SER B 731 -18.73 -36.95 37.73
CA SER B 731 -19.98 -37.21 38.49
C SER B 731 -20.66 -38.48 37.96
N LYS B 732 -20.33 -38.92 36.74
CA LYS B 732 -20.85 -40.16 36.12
C LYS B 732 -19.75 -41.21 36.06
N GLY B 733 -18.60 -40.98 36.69
CA GLY B 733 -17.50 -41.95 36.79
C GLY B 733 -16.71 -42.08 35.49
N ILE B 734 -16.81 -41.10 34.59
CA ILE B 734 -16.12 -41.07 33.28
C ILE B 734 -14.75 -40.40 33.48
N LYS B 735 -13.68 -41.01 32.97
CA LYS B 735 -12.30 -40.45 33.05
C LYS B 735 -12.12 -39.44 31.92
N VAL B 736 -11.19 -38.49 32.08
CA VAL B 736 -10.99 -37.38 31.12
C VAL B 736 -9.50 -37.31 30.75
N MET B 737 -9.22 -37.30 29.45
CA MET B 737 -7.85 -37.39 28.90
C MET B 737 -7.36 -36.00 28.46
N ALA B 738 -6.14 -35.63 28.90
CA ALA B 738 -5.41 -34.41 28.52
C ALA B 738 -4.49 -34.73 27.33
N ASP B 739 -4.61 -33.94 26.26
CA ASP B 739 -3.76 -34.07 25.06
C ASP B 739 -2.41 -33.41 25.35
N TRP B 740 -1.38 -34.21 25.60
CA TRP B 740 0.02 -33.80 25.88
C TRP B 740 0.74 -33.60 24.55
N VAL B 741 1.18 -32.38 24.24
CA VAL B 741 1.65 -31.99 22.88
C VAL B 741 3.05 -31.37 22.99
N PRO B 742 4.11 -32.18 23.21
CA PRO B 742 5.46 -31.66 23.36
C PRO B 742 6.28 -31.40 22.08
N ASP B 743 5.72 -31.67 20.89
CA ASP B 743 6.51 -31.59 19.63
C ASP B 743 6.85 -30.14 19.27
N GLN B 744 5.90 -29.22 19.36
CA GLN B 744 6.07 -27.88 18.72
C GLN B 744 5.21 -26.79 19.38
N MET B 745 5.59 -25.54 19.12
CA MET B 745 4.83 -24.33 19.54
C MET B 745 4.77 -23.32 18.38
N TYR B 746 3.75 -22.46 18.39
CA TYR B 746 3.44 -21.49 17.30
C TYR B 746 3.54 -20.04 17.82
N ALA B 747 3.93 -19.14 16.91
CA ALA B 747 3.60 -17.68 16.96
C ALA B 747 4.14 -17.04 18.23
N PHE B 748 5.42 -17.22 18.53
CA PHE B 748 6.06 -16.52 19.68
C PHE B 748 6.02 -15.01 19.42
N PRO B 749 5.69 -14.17 20.42
CA PRO B 749 5.58 -12.72 20.22
C PRO B 749 6.91 -11.95 20.06
N GLU B 750 8.04 -12.48 20.53
CA GLU B 750 9.35 -11.77 20.52
C GLU B 750 10.31 -12.45 19.53
N LYS B 751 11.03 -11.64 18.75
CA LYS B 751 11.96 -12.11 17.67
C LYS B 751 13.33 -12.41 18.27
N GLU B 752 14.14 -13.18 17.56
CA GLU B 752 15.48 -13.64 18.00
C GLU B 752 16.30 -13.96 16.74
N VAL B 753 17.60 -13.72 16.78
CA VAL B 753 18.53 -14.01 15.64
C VAL B 753 19.30 -15.26 16.01
N VAL B 754 19.32 -16.23 15.09
CA VAL B 754 19.91 -17.58 15.31
C VAL B 754 20.83 -17.86 14.11
N THR B 755 21.88 -18.65 14.31
CA THR B 755 22.69 -19.25 13.23
C THR B 755 21.96 -20.51 12.75
N ALA B 756 21.52 -20.53 11.50
CA ALA B 756 20.58 -21.52 10.95
C ALA B 756 21.15 -22.17 9.70
N THR B 757 20.69 -23.40 9.42
CA THR B 757 21.04 -24.20 8.21
C THR B 757 19.74 -24.77 7.62
N ARG B 758 19.52 -24.55 6.32
CA ARG B 758 18.36 -25.13 5.60
C ARG B 758 18.52 -26.65 5.63
N VAL B 759 17.45 -27.37 5.99
CA VAL B 759 17.46 -28.86 6.11
C VAL B 759 16.13 -29.44 5.61
N ASP B 760 16.11 -30.74 5.31
CA ASP B 760 14.87 -31.52 5.10
C ASP B 760 14.28 -31.87 6.48
N LYS B 761 13.14 -32.55 6.51
CA LYS B 761 12.38 -32.77 7.76
C LYS B 761 13.16 -33.71 8.70
N PHE B 762 14.21 -34.39 8.21
CA PHE B 762 15.09 -35.29 8.98
C PHE B 762 16.27 -34.49 9.54
N GLY B 763 16.40 -33.21 9.16
CA GLY B 763 17.50 -32.32 9.59
C GLY B 763 18.76 -32.47 8.77
N LYS B 764 18.72 -33.14 7.61
CA LYS B 764 19.87 -33.25 6.68
C LYS B 764 20.02 -31.93 5.94
N PRO B 765 21.23 -31.30 5.95
CA PRO B 765 21.43 -30.04 5.22
C PRO B 765 21.14 -30.16 3.71
N VAL B 766 20.36 -29.23 3.18
CA VAL B 766 20.06 -29.10 1.71
C VAL B 766 21.26 -28.41 1.07
N GLU B 767 22.15 -29.15 0.38
CA GLU B 767 23.36 -28.54 -0.22
C GLU B 767 22.92 -27.81 -1.49
N GLY B 768 23.56 -26.65 -1.76
CA GLY B 768 23.09 -25.64 -2.73
C GLY B 768 22.04 -24.74 -2.13
N SER B 769 22.27 -24.28 -0.90
CA SER B 769 21.37 -23.38 -0.15
C SER B 769 22.17 -22.18 0.37
N GLN B 770 21.60 -20.98 0.22
CA GLN B 770 22.17 -19.70 0.72
C GLN B 770 22.24 -19.75 2.26
N ILE B 771 21.31 -20.48 2.90
CA ILE B 771 21.16 -20.56 4.39
C ILE B 771 22.01 -21.74 4.88
N LYS B 772 23.26 -21.49 5.28
CA LYS B 772 24.21 -22.54 5.72
C LYS B 772 25.19 -21.91 6.72
N SER B 773 24.97 -22.14 8.03
CA SER B 773 25.71 -21.50 9.15
C SER B 773 25.60 -19.98 9.00
N VAL B 774 24.39 -19.47 8.72
CA VAL B 774 24.12 -18.02 8.47
C VAL B 774 23.00 -17.55 9.40
N LEU B 775 23.00 -16.26 9.71
CA LEU B 775 21.99 -15.64 10.60
C LEU B 775 20.63 -15.64 9.89
N TYR B 776 19.58 -15.83 10.69
CA TYR B 776 18.16 -15.92 10.26
C TYR B 776 17.33 -15.38 11.42
N VAL B 777 16.22 -14.72 11.13
CA VAL B 777 15.35 -14.09 12.15
C VAL B 777 14.10 -14.96 12.34
N ALA B 778 14.00 -15.58 13.51
CA ALA B 778 12.89 -16.48 13.94
C ALA B 778 12.03 -15.72 14.96
N ASP B 779 10.75 -16.05 15.06
CA ASP B 779 9.87 -15.69 16.20
C ASP B 779 10.01 -16.82 17.25
N SER B 780 10.96 -16.76 18.19
CA SER B 780 11.16 -17.87 19.17
C SER B 780 11.46 -17.39 20.61
N LYS B 781 10.80 -16.34 21.10
CA LYS B 781 10.83 -16.02 22.55
C LYS B 781 9.42 -15.76 23.05
N SER B 782 9.06 -16.33 24.20
CA SER B 782 7.75 -16.11 24.88
C SER B 782 7.81 -14.80 25.65
N SER B 783 6.65 -14.27 26.07
CA SER B 783 6.48 -12.93 26.68
C SER B 783 7.30 -12.81 27.98
N GLY B 784 7.40 -13.88 28.76
CA GLY B 784 7.95 -13.87 30.13
C GLY B 784 6.93 -13.37 31.14
N LYS B 785 5.66 -13.27 30.71
CA LYS B 785 4.54 -12.67 31.50
C LYS B 785 3.27 -13.49 31.25
N ASP B 786 3.42 -14.76 30.87
CA ASP B 786 2.31 -15.68 30.49
C ASP B 786 2.20 -16.78 31.56
N GLN B 787 1.33 -17.75 31.34
CA GLN B 787 1.14 -18.87 32.29
C GLN B 787 2.45 -19.68 32.38
N GLN B 788 3.18 -19.81 31.28
CA GLN B 788 4.52 -20.46 31.30
C GLN B 788 5.39 -19.83 32.39
N ALA B 789 5.46 -18.49 32.43
CA ALA B 789 6.30 -17.71 33.36
C ALA B 789 5.87 -17.99 34.82
N LYS B 790 4.58 -18.25 35.05
CA LYS B 790 4.04 -18.60 36.39
C LYS B 790 4.39 -20.06 36.76
N TYR B 791 4.04 -21.03 35.91
CA TYR B 791 3.99 -22.47 36.26
C TYR B 791 5.25 -23.24 35.86
N GLY B 792 6.07 -22.71 34.95
CA GLY B 792 7.30 -23.38 34.47
C GLY B 792 8.24 -23.78 35.60
N GLY B 793 8.56 -25.06 35.72
CA GLY B 793 9.48 -25.59 36.74
C GLY B 793 8.93 -25.54 38.17
N ALA B 794 7.69 -25.06 38.35
CA ALA B 794 7.12 -24.73 39.68
C ALA B 794 6.91 -26.00 40.53
N PHE B 795 6.92 -27.19 39.93
CA PHE B 795 6.60 -28.47 40.64
C PHE B 795 7.81 -29.40 40.71
N LEU B 796 8.94 -29.01 40.13
CA LEU B 796 10.13 -29.90 40.03
C LEU B 796 10.69 -30.24 41.42
N GLU B 797 10.57 -29.33 42.40
CA GLU B 797 11.09 -29.53 43.78
C GLU B 797 10.23 -30.60 44.46
N GLU B 798 8.91 -30.44 44.39
CA GLU B 798 7.89 -31.40 44.89
C GLU B 798 8.10 -32.78 44.24
N LEU B 799 8.26 -32.83 42.91
CA LEU B 799 8.39 -34.11 42.13
C LEU B 799 9.68 -34.82 42.51
N GLN B 800 10.80 -34.10 42.63
CA GLN B 800 12.08 -34.76 42.98
C GLN B 800 12.04 -35.28 44.42
N ALA B 801 11.26 -34.65 45.30
CA ALA B 801 11.16 -35.01 46.73
C ALA B 801 10.31 -36.28 46.88
N LYS B 802 9.16 -36.34 46.20
CA LYS B 802 8.20 -37.50 46.24
C LYS B 802 8.73 -38.68 45.42
N TYR B 803 9.31 -38.41 44.24
CA TYR B 803 9.60 -39.43 43.19
C TYR B 803 11.05 -39.33 42.71
N PRO B 804 12.06 -39.52 43.61
CA PRO B 804 13.46 -39.38 43.20
C PRO B 804 13.88 -40.32 42.06
N GLU B 805 13.21 -41.47 41.91
CA GLU B 805 13.53 -42.49 40.87
C GLU B 805 13.33 -41.89 39.46
N LEU B 806 12.34 -41.01 39.25
CA LEU B 806 12.13 -40.31 37.95
C LEU B 806 13.42 -39.64 37.52
N PHE B 807 14.13 -38.99 38.47
CA PHE B 807 15.30 -38.11 38.22
C PHE B 807 16.60 -38.92 38.29
N ALA B 808 16.54 -40.19 38.66
CA ALA B 808 17.71 -41.10 38.74
C ALA B 808 17.92 -41.80 37.39
N ARG B 809 16.84 -42.01 36.63
CA ARG B 809 16.88 -42.69 35.32
C ARG B 809 17.77 -41.89 34.36
N LYS B 810 18.74 -42.58 33.76
CA LYS B 810 19.55 -42.08 32.64
C LYS B 810 18.77 -42.36 31.35
N GLN B 811 18.21 -41.31 30.76
CA GLN B 811 17.33 -41.40 29.56
C GLN B 811 18.15 -42.00 28.40
N ILE B 812 17.50 -42.73 27.49
CA ILE B 812 18.21 -43.60 26.49
C ILE B 812 18.95 -42.73 25.48
N SER B 813 18.31 -41.72 24.90
CA SER B 813 18.87 -40.93 23.78
C SER B 813 20.10 -40.12 24.25
N THR B 814 20.07 -39.58 25.47
CA THR B 814 21.08 -38.62 26.00
C THR B 814 22.15 -39.32 26.82
N GLY B 815 21.82 -40.43 27.48
CA GLY B 815 22.72 -41.15 28.41
C GLY B 815 22.73 -40.55 29.80
N VAL B 816 21.92 -39.51 30.06
CA VAL B 816 21.97 -38.73 31.33
C VAL B 816 20.54 -38.48 31.82
N PRO B 817 20.37 -38.17 33.13
CA PRO B 817 19.05 -37.88 33.69
C PRO B 817 18.48 -36.56 33.20
N MET B 818 17.18 -36.37 33.43
CA MET B 818 16.53 -35.06 33.32
C MET B 818 17.31 -34.07 34.19
N ASP B 819 17.31 -32.79 33.83
CA ASP B 819 18.03 -31.73 34.58
C ASP B 819 17.03 -30.67 35.04
N PRO B 820 16.47 -30.80 36.26
CA PRO B 820 15.50 -29.85 36.79
C PRO B 820 16.12 -28.65 37.53
N SER B 821 17.45 -28.53 37.50
CA SER B 821 18.23 -27.43 38.13
C SER B 821 17.99 -26.08 37.43
N VAL B 822 17.39 -26.06 36.24
CA VAL B 822 16.96 -24.82 35.52
C VAL B 822 15.45 -24.93 35.27
N LYS B 823 14.72 -23.85 35.58
CA LYS B 823 13.27 -23.70 35.31
C LYS B 823 13.11 -22.89 34.01
N ILE B 824 12.19 -23.30 33.14
CA ILE B 824 11.90 -22.59 31.86
C ILE B 824 10.70 -21.68 32.12
N LYS B 825 10.98 -20.39 32.36
CA LYS B 825 9.98 -19.32 32.56
C LYS B 825 9.74 -18.63 31.22
N GLN B 826 10.76 -18.63 30.34
CA GLN B 826 10.70 -18.02 28.99
C GLN B 826 11.30 -19.00 27.97
N TRP B 827 10.53 -19.42 26.98
CA TRP B 827 11.05 -20.16 25.79
C TRP B 827 11.97 -19.22 25.00
N SER B 828 13.07 -19.78 24.50
CA SER B 828 14.09 -19.11 23.65
C SER B 828 14.62 -20.13 22.64
N ALA B 829 15.29 -19.71 21.56
CA ALA B 829 15.78 -20.59 20.47
C ALA B 829 16.63 -21.74 21.00
N LYS B 830 17.33 -21.58 22.13
CA LYS B 830 18.27 -22.61 22.64
C LYS B 830 17.54 -23.86 23.12
N TYR B 831 16.22 -23.81 23.29
CA TYR B 831 15.37 -24.94 23.76
C TYR B 831 14.64 -25.58 22.56
N PHE B 832 14.93 -25.13 21.33
CA PHE B 832 14.26 -25.61 20.09
C PHE B 832 15.31 -26.17 19.12
N ASN B 833 14.90 -27.13 18.30
CA ASN B 833 15.74 -27.74 17.23
C ASN B 833 15.84 -26.75 16.06
N GLY B 834 14.74 -26.07 15.74
CA GLY B 834 14.63 -25.26 14.52
C GLY B 834 13.20 -24.77 14.35
N THR B 835 12.87 -24.31 13.13
CA THR B 835 11.53 -23.80 12.77
C THR B 835 11.28 -24.10 11.29
N ASN B 836 10.00 -24.16 10.91
CA ASN B 836 9.57 -24.10 9.49
C ASN B 836 10.05 -22.76 8.92
N ILE B 837 10.53 -22.78 7.67
CA ILE B 837 10.98 -21.58 6.89
C ILE B 837 9.86 -20.53 6.95
N LEU B 838 10.22 -19.27 7.20
CA LEU B 838 9.27 -18.17 7.52
C LEU B 838 9.08 -17.21 6.35
N GLY B 839 9.75 -17.43 5.21
CA GLY B 839 9.62 -16.59 4.01
C GLY B 839 10.22 -15.21 4.22
N ARG B 840 11.38 -15.17 4.90
CA ARG B 840 12.13 -13.93 5.24
C ARG B 840 13.44 -13.89 4.43
N GLY B 841 13.81 -15.01 3.81
CA GLY B 841 14.97 -15.11 2.91
C GLY B 841 16.27 -15.22 3.67
N ALA B 842 17.35 -15.49 2.92
CA ALA B 842 18.70 -15.81 3.43
C ALA B 842 19.51 -14.56 3.76
N GLY B 843 19.03 -13.36 3.40
CA GLY B 843 19.80 -12.11 3.57
C GLY B 843 19.04 -11.07 4.36
N TYR B 844 18.03 -11.48 5.14
CA TYR B 844 17.10 -10.58 5.88
C TYR B 844 17.87 -9.72 6.90
N VAL B 845 18.96 -10.26 7.46
CA VAL B 845 19.81 -9.53 8.44
C VAL B 845 20.94 -8.85 7.66
N LEU B 846 21.07 -7.54 7.83
CA LEU B 846 21.75 -6.61 6.89
C LEU B 846 23.26 -6.64 7.10
N LYS B 847 24.01 -6.47 6.01
CA LYS B 847 25.49 -6.37 5.97
C LYS B 847 25.89 -5.09 5.20
N ASP B 848 27.20 -4.80 5.14
CA ASP B 848 27.82 -3.80 4.22
C ASP B 848 28.67 -4.59 3.20
N GLN B 849 28.58 -4.29 1.90
CA GLN B 849 29.25 -5.04 0.80
C GLN B 849 30.78 -5.04 1.01
N ALA B 850 31.33 -3.88 1.40
CA ALA B 850 32.76 -3.64 1.69
C ALA B 850 33.24 -4.56 2.81
N THR B 851 32.74 -4.33 4.04
CA THR B 851 33.07 -5.11 5.28
C THR B 851 32.77 -6.59 5.05
N ASN B 852 31.62 -6.89 4.43
CA ASN B 852 31.04 -8.26 4.26
C ASN B 852 30.89 -8.92 5.64
N THR B 853 30.28 -8.19 6.58
CA THR B 853 29.97 -8.60 7.98
C THR B 853 28.67 -7.89 8.38
N TYR B 854 27.96 -8.41 9.38
CA TYR B 854 26.62 -7.92 9.78
C TYR B 854 26.79 -6.62 10.59
N PHE B 855 27.77 -6.58 11.50
CA PHE B 855 28.05 -5.47 12.46
C PHE B 855 26.87 -5.29 13.43
N ASN B 856 27.23 -5.20 14.72
CA ASN B 856 26.34 -5.23 15.92
C ASN B 856 25.95 -3.78 16.28
N ILE B 857 25.94 -3.41 17.57
CA ILE B 857 25.55 -2.06 18.07
C ILE B 857 26.18 -1.78 19.44
CA CA C . -6.28 28.79 -23.62
C7 XV5 D . 7.38 31.16 -27.65
C8 XV5 D . 7.53 31.24 -26.20
C9 XV5 D . 6.80 30.60 -25.28
O1 XV5 D . 8.68 31.95 -25.88
C1 XV5 D . 8.59 32.66 -29.41
O5 XV5 D . 2.72 31.64 -22.86
C5 XV5 D . 9.10 32.56 -27.07
C6 XV5 D . 8.39 32.07 -28.16
C4 XV5 D . 10.04 33.57 -27.18
O4 XV5 D . 4.13 31.80 -20.51
C3 XV5 D . 10.23 34.15 -28.43
O3 XV5 D . 8.17 31.55 -22.96
C2 XV5 D . 9.52 33.70 -29.54
C10 XV5 D . 6.10 31.08 -24.09
C11 XV5 D . 4.70 31.12 -24.05
C12 XV5 D . 4.04 31.40 -22.86
C13 XV5 D . 4.78 31.56 -21.68
C14 XV5 D . 6.16 31.53 -21.71
C15 XV5 D . 6.83 31.34 -22.92
O2 XV5 D . 6.62 30.41 -28.27
C1 BTB E . 1.06 31.63 -16.25
O1 BTB E . -0.11 31.26 -16.99
C2 BTB E . 2.32 31.78 -17.09
C3 BTB E . 2.78 30.35 -17.40
O3 BTB E . 3.59 29.83 -16.37
C4 BTB E . 1.85 32.26 -18.46
O4 BTB E . 2.67 33.20 -19.14
N BTB E . 3.58 32.52 -16.42
C5 BTB E . 4.49 33.38 -17.18
C6 BTB E . 4.06 34.81 -17.23
O6 BTB E . 5.11 35.62 -17.76
C7 BTB E . 4.29 32.06 -15.22
C8 BTB E . 5.73 31.59 -15.45
O8 BTB E . 6.24 30.63 -14.51
S SO4 F . -24.30 27.70 -14.06
O1 SO4 F . -23.75 26.38 -14.30
O2 SO4 F . -23.23 28.68 -14.05
O3 SO4 F . -25.25 28.02 -15.09
O4 SO4 F . -24.95 27.71 -12.78
S SO4 G . 15.98 22.29 -25.00
O1 SO4 G . 17.10 23.01 -25.59
O2 SO4 G . 16.48 21.28 -24.10
O3 SO4 G . 15.15 23.21 -24.29
O4 SO4 G . 15.22 21.65 -26.04
S SO4 H . 6.05 35.21 13.07
O1 SO4 H . 6.44 36.59 13.09
O2 SO4 H . 7.18 34.39 13.42
O3 SO4 H . 5.58 34.85 11.76
O4 SO4 H . 4.98 35.00 14.03
S SO4 I . 39.28 46.97 -9.53
O1 SO4 I . 39.93 46.30 -8.44
O2 SO4 I . 40.14 47.99 -10.06
O3 SO4 I . 38.06 47.60 -9.05
O4 SO4 I . 38.99 46.02 -10.56
S SO4 J . 36.58 32.05 -13.57
O1 SO4 J . 36.85 32.52 -14.90
O2 SO4 J . 37.77 31.43 -13.04
O3 SO4 J . 36.19 33.15 -12.72
O4 SO4 J . 35.52 31.07 -13.62
S SO4 K . 27.15 62.75 -36.34
O1 SO4 K . 27.74 61.91 -35.33
O2 SO4 K . 28.17 63.58 -36.90
O3 SO4 K . 26.09 63.58 -35.80
O4 SO4 K . 26.60 61.92 -37.40
S SO4 L . -5.71 11.23 -9.28
O1 SO4 L . -4.36 10.86 -9.63
O2 SO4 L . -5.73 11.76 -7.94
O3 SO4 L . -6.17 12.24 -10.19
O4 SO4 L . -6.57 10.08 -9.38
S SO4 M . 30.21 75.32 -18.25
O1 SO4 M . 30.94 74.08 -18.36
O2 SO4 M . 30.82 76.29 -19.13
O3 SO4 M . 30.25 75.81 -16.90
O4 SO4 M . 28.84 75.11 -18.64
S SO4 N . -13.47 49.92 -32.45
O1 SO4 N . -12.52 50.54 -33.35
O2 SO4 N . -13.00 48.61 -32.09
O3 SO4 N . -13.61 50.75 -31.27
O4 SO4 N . -14.74 49.79 -33.12
S SO4 O . -15.36 51.72 -12.14
O1 SO4 O . -14.35 50.69 -12.18
O2 SO4 O . -14.86 52.88 -12.84
O3 SO4 O . -15.67 52.05 -10.77
O4 SO4 O . -16.56 51.26 -12.80
CA CA P . 10.11 -32.70 16.71
C7 XV5 Q . -0.67 -42.94 8.04
C8 XV5 Q . 0.33 -41.87 8.27
C9 XV5 Q . 0.08 -40.58 8.56
O1 XV5 Q . 1.62 -42.38 8.06
C1 XV5 Q . -0.19 -45.49 7.83
O5 XV5 Q . 0.53 -36.49 11.26
C5 XV5 Q . 1.48 -43.77 7.99
C6 XV5 Q . 0.14 -44.14 7.81
C4 XV5 Q . 2.50 -44.70 8.13
O4 XV5 Q . 3.11 -36.93 11.55
C3 XV5 Q . 2.15 -46.05 8.13
O3 XV5 Q . 2.93 -40.41 8.29
C2 XV5 Q . 0.82 -46.44 7.99
C10 XV5 Q . 0.88 -39.57 9.25
C11 XV5 Q . 0.27 -38.57 10.01
C12 XV5 Q . 1.03 -37.63 10.70
C13 XV5 Q . 2.43 -37.74 10.70
C14 XV5 Q . 3.05 -38.71 9.91
C15 XV5 Q . 2.29 -39.59 9.17
O2 XV5 Q . -1.89 -42.79 8.00
C1 BTB R . -0.52 -32.02 13.79
O1 BTB R . -1.50 -31.27 13.10
C2 BTB R . -1.04 -32.52 15.13
C3 BTB R . -0.13 -33.68 15.54
O3 BTB R . -0.53 -34.94 14.98
C4 BTB R . -0.67 -31.48 16.18
O4 BTB R . 0.67 -31.50 16.67
N BTB R . -2.54 -33.00 15.02
C5 BTB R . -3.70 -32.22 14.56
C6 BTB R . -4.08 -32.38 13.09
O6 BTB R . -5.33 -31.76 12.75
C7 BTB R . -3.01 -33.77 16.18
C8 BTB R . -3.49 -35.13 15.79
O8 BTB R . -2.46 -35.83 15.16
S SO4 S . -17.17 -73.51 14.29
O1 SO4 S . -15.92 -73.97 13.73
O2 SO4 S . -16.98 -73.15 15.69
O3 SO4 S . -17.65 -72.39 13.49
O4 SO4 S . -18.15 -74.56 14.22
S SO4 T . -35.33 -69.73 27.25
O1 SO4 T . -34.77 -70.75 28.10
O2 SO4 T . -34.28 -68.88 26.74
O3 SO4 T . -36.26 -68.93 28.01
O4 SO4 T . -36.03 -70.35 26.16
S SO4 U . -29.45 -70.96 -8.08
O1 SO4 U . -29.54 -71.72 -6.87
O2 SO4 U . -28.13 -71.05 -8.62
O3 SO4 U . -29.77 -69.58 -7.81
O4 SO4 U . -30.40 -71.49 -9.04
S SO4 V . -23.84 -14.69 25.12
O1 SO4 V . -22.51 -15.01 24.66
O2 SO4 V . -23.82 -13.39 25.73
O3 SO4 V . -24.26 -15.67 26.09
O4 SO4 V . -24.75 -14.69 24.00
S SO4 W . 12.73 -50.20 33.51
O1 SO4 W . 13.08 -49.87 32.15
O2 SO4 W . 13.59 -49.48 34.41
O3 SO4 W . 12.87 -51.62 33.71
O4 SO4 W . 11.36 -49.81 33.76
S SO4 X . 12.70 -50.18 25.39
O1 SO4 X . 13.35 -49.23 24.51
O2 SO4 X . 13.65 -51.16 25.81
O3 SO4 X . 12.16 -49.49 26.55
O4 SO4 X . 11.63 -50.84 24.67
S SO4 Y . -6.23 -38.39 41.20
O1 SO4 Y . -6.54 -37.47 40.13
O2 SO4 Y . -4.82 -38.71 41.15
O3 SO4 Y . -6.99 -39.60 41.04
O4 SO4 Y . -6.55 -37.77 42.45
S SO4 Z . 16.90 -19.67 30.63
O1 SO4 Z . 16.94 -19.23 29.26
O2 SO4 Z . 18.15 -20.33 30.95
O3 SO4 Z . 16.73 -18.52 31.47
O4 SO4 Z . 15.80 -20.59 30.83
S SO4 AA . -26.71 -40.89 -5.68
O1 SO4 AA . -25.64 -41.86 -5.70
O2 SO4 AA . -26.14 -39.58 -5.55
O3 SO4 AA . -27.44 -40.98 -6.92
O4 SO4 AA . -27.61 -41.14 -4.59
S SO4 BA . -1.88 -36.51 -2.37
O1 SO4 BA . -1.36 -37.81 -2.05
O2 SO4 BA . -0.80 -35.62 -2.69
O3 SO4 BA . -2.60 -36.02 -1.23
O4 SO4 BA . -2.76 -36.63 -3.51
S SO4 CA . -36.47 -48.36 3.75
O1 SO4 CA . -36.10 -49.19 2.64
O2 SO4 CA . -35.35 -48.19 4.65
O3 SO4 CA . -36.86 -47.07 3.28
O4 SO4 CA . -37.55 -48.97 4.48
S SO4 DA . 6.78 -11.31 8.94
O1 SO4 DA . 7.98 -11.71 8.26
O2 SO4 DA . 7.08 -10.92 10.29
O3 SO4 DA . 6.17 -10.20 8.26
O4 SO4 DA . 5.85 -12.41 8.93
S SO4 EA . -17.31 -50.35 33.79
O1 SO4 EA . -16.10 -50.30 33.01
O2 SO4 EA . -17.51 -51.66 34.36
O3 SO4 EA . -18.44 -50.03 32.94
O4 SO4 EA . -17.25 -49.38 34.84
S SO4 FA . 0.48 -34.75 2.49
O1 SO4 FA . 1.00 -33.45 2.18
O2 SO4 FA . 1.46 -35.49 3.27
O3 SO4 FA . 0.19 -35.46 1.27
O4 SO4 FA . -0.74 -34.62 3.25
CA CA GA . 1.00 -36.80 13.86
#